data_6F2B
#
_entry.id   6F2B
#
_cell.length_a   56.820
_cell.length_b   67.970
_cell.length_c   110.430
_cell.angle_alpha   107.78
_cell.angle_beta   102.79
_cell.angle_gamma   93.45
#
_symmetry.space_group_name_H-M   'P 1'
#
loop_
_entity.id
_entity.type
_entity.pdbx_description
1 polymer 'L-lysine 3-hydroxylase'
2 non-polymer 'FE (II) ION'
3 non-polymer '2-OXOGLUTARIC ACID'
4 water water
#
_entity_poly.entity_id   1
_entity_poly.type   'polypeptide(L)'
_entity_poly.pdbx_seq_one_letter_code
;MKNLSAYEVYESPKTSGESRTEAVSEAAFESDPEVSAILVLTSSEASTLERVADLVTAHALYAAHDFCAQAQLAAAELPS
RVVARLQEFAWGDMNEGHLLIKGLPQVRSLPPTPTSNVHAVAATTPMSRYQALINECVGRMIAYEAEGHGHTFQDMVPSA
MSAHSQTSLGSAVELELHTEQAFSPLRPDFVSLACLRGDPRALTYLFSARQLVATLTTQEIAMLREPMWTTTVDESFLAE
GRTFLLGFERGPIPILSGADDDPFIVFDQDLMRGISAPAQELQQTVIRAYYAERVSHCLAPGEMLLIDNRRAVHGRSIFA
PRFDGADRFLSRSFIVADGSRSRHARSSFGRVVSARFS
;
_entity_poly.pdbx_strand_id   A,B,C,D
#
loop_
_chem_comp.id
_chem_comp.type
_chem_comp.name
_chem_comp.formula
AKG non-polymer '2-OXOGLUTARIC ACID' 'C5 H6 O5'
FE2 non-polymer 'FE (II) ION' 'Fe 2'
#
# COMPACT_ATOMS: atom_id res chain seq x y z
N GLU A 34 31.11 -6.50 21.58
CA GLU A 34 30.29 -5.39 21.13
C GLU A 34 30.72 -4.83 19.74
N VAL A 35 29.89 -3.91 19.20
CA VAL A 35 29.97 -3.27 17.88
C VAL A 35 31.33 -2.53 17.58
N SER A 36 31.77 -1.61 18.48
CA SER A 36 32.98 -0.76 18.42
C SER A 36 32.91 0.40 17.37
N ALA A 37 32.41 0.15 16.12
CA ALA A 37 32.26 1.17 15.06
C ALA A 37 31.03 2.07 15.39
N ILE A 38 31.25 3.06 16.29
CA ILE A 38 30.20 3.90 16.82
C ILE A 38 30.37 5.40 16.50
N LEU A 39 29.25 6.04 16.19
CA LEU A 39 29.15 7.49 16.01
C LEU A 39 28.18 7.98 17.08
N VAL A 40 28.68 8.79 18.03
CA VAL A 40 27.86 9.32 19.12
C VAL A 40 27.57 10.79 18.81
N LEU A 41 26.30 11.12 18.64
CA LEU A 41 25.91 12.51 18.40
C LEU A 41 25.90 13.26 19.74
N THR A 42 26.45 14.47 19.75
CA THR A 42 26.40 15.33 20.94
C THR A 42 24.96 15.93 20.98
N SER A 43 24.55 16.52 22.11
CA SER A 43 23.22 17.14 22.23
C SER A 43 23.02 18.26 21.19
N SER A 44 24.09 19.01 20.88
CA SER A 44 24.06 20.07 19.87
C SER A 44 23.85 19.46 18.44
N GLU A 45 24.53 18.34 18.13
CA GLU A 45 24.38 17.64 16.85
C GLU A 45 22.97 17.05 16.71
N ALA A 46 22.43 16.45 17.82
CA ALA A 46 21.07 15.89 17.86
C ALA A 46 20.04 17.01 17.64
N SER A 47 20.26 18.20 18.24
CA SER A 47 19.39 19.39 18.07
C SER A 47 19.42 19.92 16.64
N THR A 48 20.61 19.96 16.00
CA THR A 48 20.75 20.38 14.58
C THR A 48 19.95 19.40 13.68
N LEU A 49 20.09 18.09 13.93
CA LEU A 49 19.39 17.06 13.16
C LEU A 49 17.86 17.21 13.29
N GLU A 50 17.38 17.50 14.50
CA GLU A 50 15.95 17.71 14.79
C GLU A 50 15.40 18.91 13.98
N ARG A 51 16.18 20.01 13.92
CA ARG A 51 15.84 21.22 13.19
C ARG A 51 15.85 20.96 11.66
N VAL A 52 16.90 20.30 11.15
CA VAL A 52 17.08 19.97 9.74
C VAL A 52 15.93 19.05 9.22
N ALA A 53 15.40 18.17 10.08
CA ALA A 53 14.27 17.27 9.76
C ALA A 53 12.99 18.04 9.34
N ASP A 54 12.81 19.30 9.82
CA ASP A 54 11.67 20.15 9.43
C ASP A 54 11.69 20.52 7.92
N LEU A 55 12.84 20.36 7.25
CA LEU A 55 12.97 20.61 5.81
C LEU A 55 12.45 19.42 5.00
N VAL A 56 12.13 18.28 5.65
CA VAL A 56 11.65 17.09 4.96
C VAL A 56 10.13 17.03 5.24
N THR A 57 9.32 17.51 4.30
CA THR A 57 7.87 17.66 4.48
C THR A 57 7.03 16.71 3.63
N ALA A 58 7.57 16.13 2.55
CA ALA A 58 6.80 15.22 1.68
C ALA A 58 6.40 13.93 2.43
N HIS A 59 5.30 13.29 2.01
CA HIS A 59 4.83 12.04 2.58
C HIS A 59 5.82 10.91 2.18
N ALA A 60 6.43 10.25 3.19
CA ALA A 60 7.43 9.21 2.93
C ALA A 60 6.87 8.04 2.12
N LEU A 61 5.58 7.71 2.29
CA LEU A 61 4.98 6.59 1.57
C LEU A 61 4.36 6.97 0.25
N TYR A 62 3.68 8.11 0.21
CA TYR A 62 2.90 8.46 -0.98
C TYR A 62 3.60 9.43 -1.93
N ALA A 63 4.76 9.99 -1.52
CA ALA A 63 5.58 10.86 -2.36
C ALA A 63 7.03 10.54 -2.05
N ALA A 64 7.37 9.23 -2.09
CA ALA A 64 8.68 8.70 -1.72
C ALA A 64 9.87 9.40 -2.39
N HIS A 65 9.81 9.62 -3.70
CA HIS A 65 10.92 10.26 -4.39
C HIS A 65 11.15 11.71 -3.89
N ASP A 66 10.07 12.53 -3.77
CA ASP A 66 10.14 13.90 -3.24
C ASP A 66 10.65 13.89 -1.80
N PHE A 67 10.19 12.92 -0.99
CA PHE A 67 10.63 12.78 0.40
C PHE A 67 12.16 12.51 0.46
N CYS A 68 12.64 11.53 -0.30
CA CYS A 68 14.05 11.14 -0.33
C CYS A 68 14.94 12.24 -0.90
N ALA A 69 14.48 12.93 -1.98
CA ALA A 69 15.21 14.05 -2.59
C ALA A 69 15.32 15.24 -1.62
N GLN A 70 14.26 15.52 -0.83
CA GLN A 70 14.27 16.59 0.17
C GLN A 70 15.28 16.24 1.27
N ALA A 71 15.33 14.95 1.69
CA ALA A 71 16.28 14.47 2.71
C ALA A 71 17.69 14.61 2.19
N GLN A 72 17.94 14.26 0.91
CA GLN A 72 19.26 14.35 0.30
C GLN A 72 19.74 15.79 0.28
N LEU A 73 18.84 16.72 -0.04
CA LEU A 73 19.21 18.14 -0.06
C LEU A 73 19.40 18.69 1.37
N ALA A 74 18.48 18.36 2.29
CA ALA A 74 18.55 18.83 3.68
C ALA A 74 19.77 18.27 4.42
N ALA A 75 20.25 17.05 4.05
CA ALA A 75 21.46 16.41 4.65
C ALA A 75 22.72 17.31 4.54
N ALA A 76 22.75 18.26 3.58
CA ALA A 76 23.83 19.25 3.45
C ALA A 76 23.90 20.19 4.68
N GLU A 77 22.77 20.35 5.40
CA GLU A 77 22.68 21.19 6.61
C GLU A 77 23.09 20.44 7.89
N LEU A 78 23.40 19.12 7.81
CA LEU A 78 23.80 18.36 9.00
C LEU A 78 25.21 18.76 9.52
N PRO A 79 25.56 18.52 10.82
CA PRO A 79 26.92 18.91 11.29
C PRO A 79 28.01 18.23 10.46
N SER A 80 29.02 19.00 10.01
CA SER A 80 30.11 18.49 9.18
C SER A 80 30.83 17.24 9.74
N ARG A 81 31.01 17.13 11.07
CA ARG A 81 31.66 15.97 11.71
C ARG A 81 30.83 14.70 11.46
N VAL A 82 29.50 14.82 11.53
CA VAL A 82 28.54 13.72 11.28
C VAL A 82 28.59 13.31 9.80
N VAL A 83 28.47 14.28 8.89
CA VAL A 83 28.53 14.10 7.43
C VAL A 83 29.86 13.41 7.06
N ALA A 84 31.02 13.91 7.60
CA ALA A 84 32.35 13.32 7.33
C ALA A 84 32.40 11.82 7.67
N ARG A 85 31.88 11.43 8.85
N ARG A 85 31.88 11.43 8.85
CA ARG A 85 31.85 10.03 9.29
CA ARG A 85 31.85 10.03 9.31
C ARG A 85 30.99 9.16 8.39
C ARG A 85 30.98 9.16 8.40
N LEU A 86 29.82 9.68 7.99
CA LEU A 86 28.90 8.95 7.12
C LEU A 86 29.46 8.76 5.69
N GLN A 87 30.14 9.81 5.16
CA GLN A 87 30.76 9.73 3.83
C GLN A 87 31.93 8.74 3.84
N GLU A 88 32.72 8.72 4.93
CA GLU A 88 33.83 7.78 5.11
C GLU A 88 33.28 6.33 5.12
N PHE A 89 32.20 6.11 5.89
CA PHE A 89 31.53 4.82 5.97
C PHE A 89 30.99 4.41 4.57
N ALA A 90 30.31 5.35 3.87
CA ALA A 90 29.75 5.12 2.53
C ALA A 90 30.84 4.75 1.50
N TRP A 91 32.04 5.38 1.56
CA TRP A 91 33.16 5.06 0.67
C TRP A 91 33.49 3.56 0.77
N GLY A 92 33.43 3.03 1.98
CA GLY A 92 33.55 1.61 2.23
C GLY A 92 34.88 1.05 2.64
N ASP A 93 35.97 1.55 2.06
CA ASP A 93 37.32 1.04 2.34
C ASP A 93 37.58 0.94 3.85
N MET A 94 37.78 -0.30 4.33
N MET A 94 37.80 -0.29 4.36
CA MET A 94 38.04 -0.66 5.75
CA MET A 94 38.06 -0.56 5.79
C MET A 94 36.98 -0.12 6.76
C MET A 94 36.98 0.00 6.75
N ASN A 95 35.67 -0.04 6.35
CA ASN A 95 34.56 0.51 7.17
C ASN A 95 34.01 -0.38 8.33
N GLU A 96 34.56 -1.57 8.60
CA GLU A 96 34.09 -2.47 9.71
C GLU A 96 32.79 -3.29 9.42
N GLY A 97 32.11 -3.00 8.31
CA GLY A 97 30.86 -3.66 7.93
C GLY A 97 29.59 -3.04 8.49
N HIS A 98 29.72 -2.10 9.44
CA HIS A 98 28.55 -1.48 10.08
C HIS A 98 28.90 -0.16 10.76
N LEU A 99 27.87 0.65 11.01
CA LEU A 99 28.02 1.86 11.79
C LEU A 99 26.83 1.99 12.72
N LEU A 100 27.11 2.01 14.03
CA LEU A 100 26.09 2.22 15.05
C LEU A 100 26.09 3.71 15.40
N ILE A 101 24.92 4.35 15.28
CA ILE A 101 24.75 5.76 15.61
C ILE A 101 23.92 5.89 16.90
N LYS A 102 24.47 6.59 17.89
CA LYS A 102 23.80 6.82 19.18
C LYS A 102 23.52 8.30 19.35
N GLY A 103 22.53 8.61 20.19
CA GLY A 103 22.21 9.98 20.54
C GLY A 103 21.27 10.68 19.58
N LEU A 104 20.50 9.94 18.78
CA LEU A 104 19.50 10.61 17.93
C LEU A 104 18.43 11.33 18.82
N PRO A 105 17.66 12.35 18.32
CA PRO A 105 16.64 12.97 19.18
C PRO A 105 15.64 11.90 19.65
N GLN A 106 15.22 12.02 20.92
CA GLN A 106 14.33 11.10 21.63
C GLN A 106 13.00 10.87 20.93
N VAL A 107 12.57 9.59 20.85
CA VAL A 107 11.25 9.16 20.33
C VAL A 107 10.23 9.58 21.45
N ARG A 108 9.38 10.59 21.19
CA ARG A 108 8.52 11.16 22.24
C ARG A 108 7.04 10.66 22.30
N SER A 109 6.27 10.84 21.21
CA SER A 109 4.87 10.39 21.17
C SER A 109 4.77 9.20 20.22
N LEU A 110 5.47 8.12 20.57
CA LEU A 110 5.47 6.92 19.75
C LEU A 110 4.15 6.17 19.86
N PRO A 111 3.47 5.89 18.74
CA PRO A 111 2.22 5.11 18.80
C PRO A 111 2.49 3.66 19.26
N PRO A 112 1.47 2.84 19.58
CA PRO A 112 1.78 1.46 19.99
C PRO A 112 2.45 0.67 18.87
N THR A 113 3.28 -0.31 19.25
CA THR A 113 3.96 -1.16 18.28
C THR A 113 2.87 -1.92 17.52
N PRO A 114 2.79 -1.85 16.17
CA PRO A 114 1.75 -2.62 15.46
C PRO A 114 2.00 -4.13 15.62
N THR A 115 0.92 -4.93 15.70
CA THR A 115 1.02 -6.40 15.86
C THR A 115 1.41 -7.10 14.55
N SER A 116 1.27 -6.42 13.42
CA SER A 116 1.69 -6.94 12.12
C SER A 116 2.58 -5.90 11.45
N ASN A 117 3.37 -6.35 10.48
CA ASN A 117 4.33 -5.56 9.73
C ASN A 117 3.81 -5.22 8.33
N VAL A 118 2.55 -4.71 8.26
CA VAL A 118 1.86 -4.33 7.01
C VAL A 118 1.31 -2.88 7.05
N HIS A 119 1.19 -2.27 8.26
CA HIS A 119 0.63 -0.92 8.53
C HIS A 119 1.47 0.30 8.04
N ALA A 120 2.83 0.19 8.06
CA ALA A 120 3.85 1.24 7.79
C ALA A 120 3.74 2.46 8.78
N VAL A 121 3.67 2.14 10.09
CA VAL A 121 3.57 3.12 11.18
C VAL A 121 4.86 3.99 11.32
N ALA A 122 6.05 3.34 11.25
CA ALA A 122 7.34 4.05 11.39
C ALA A 122 7.50 5.18 10.41
N ALA A 123 6.99 5.02 9.17
CA ALA A 123 7.09 5.97 8.08
C ALA A 123 6.46 7.33 8.34
N THR A 124 5.62 7.48 9.40
CA THR A 124 5.12 8.83 9.68
C THR A 124 5.61 9.39 11.02
N THR A 125 6.59 8.74 11.65
CA THR A 125 7.16 9.22 12.91
C THR A 125 8.32 10.22 12.64
N PRO A 126 8.69 11.11 13.60
CA PRO A 126 9.88 11.96 13.37
C PRO A 126 11.18 11.17 13.20
N MET A 127 11.29 9.97 13.82
CA MET A 127 12.48 9.13 13.72
C MET A 127 12.77 8.77 12.25
N SER A 128 11.72 8.58 11.41
CA SER A 128 11.90 8.27 9.99
C SER A 128 12.52 9.44 9.21
N ARG A 129 12.28 10.67 9.67
CA ARG A 129 12.90 11.83 9.02
C ARG A 129 14.38 11.88 9.37
N TYR A 130 14.72 11.57 10.66
CA TYR A 130 16.10 11.56 11.11
C TYR A 130 16.84 10.46 10.38
N GLN A 131 16.19 9.30 10.22
CA GLN A 131 16.75 8.15 9.54
C GLN A 131 16.96 8.48 8.06
N ALA A 132 16.02 9.21 7.42
CA ALA A 132 16.18 9.56 6.00
C ALA A 132 17.38 10.50 5.78
N LEU A 133 17.57 11.48 6.70
CA LEU A 133 18.68 12.45 6.63
C LEU A 133 20.02 11.74 6.72
N ILE A 134 20.15 10.79 7.66
CA ILE A 134 21.37 9.97 7.82
C ILE A 134 21.54 9.07 6.59
N ASN A 135 20.46 8.37 6.18
CA ASN A 135 20.50 7.48 4.99
C ASN A 135 21.00 8.20 3.75
N GLU A 136 20.43 9.39 3.47
CA GLU A 136 20.70 10.14 2.25
C GLU A 136 22.11 10.80 2.24
N CYS A 137 22.83 10.78 3.38
N CYS A 137 22.81 10.75 3.37
CA CYS A 137 24.24 11.19 3.45
CA CYS A 137 24.18 11.22 3.51
C CYS A 137 25.02 10.07 2.81
C CYS A 137 25.14 10.07 3.11
N VAL A 138 24.63 8.83 3.15
CA VAL A 138 25.29 7.58 2.77
C VAL A 138 25.01 7.22 1.30
N GLY A 139 23.74 7.26 0.87
CA GLY A 139 23.38 6.91 -0.50
C GLY A 139 21.91 7.20 -0.76
N ARG A 140 21.37 6.59 -1.81
CA ARG A 140 19.99 6.78 -2.22
C ARG A 140 19.08 5.73 -1.60
N MET A 141 18.01 6.18 -0.97
CA MET A 141 17.02 5.25 -0.43
C MET A 141 16.27 4.57 -1.59
N ILE A 142 15.96 3.30 -1.39
CA ILE A 142 15.24 2.51 -2.38
C ILE A 142 14.31 1.54 -1.66
N ALA A 143 13.28 1.07 -2.35
CA ALA A 143 12.36 0.07 -1.80
C ALA A 143 12.08 -0.98 -2.87
N TYR A 144 11.49 -2.09 -2.47
CA TYR A 144 11.24 -3.24 -3.34
C TYR A 144 9.80 -3.63 -3.19
N GLU A 145 9.09 -3.72 -4.32
CA GLU A 145 7.68 -4.11 -4.35
C GLU A 145 7.47 -5.46 -3.61
N ALA A 146 8.42 -6.40 -3.79
CA ALA A 146 8.37 -7.75 -3.22
C ALA A 146 8.76 -7.84 -1.74
N GLU A 147 9.23 -6.73 -1.15
CA GLU A 147 9.65 -6.67 0.25
C GLU A 147 8.86 -5.58 1.00
N GLY A 148 7.92 -6.02 1.81
CA GLY A 148 7.03 -5.15 2.59
C GLY A 148 6.26 -4.15 1.76
N HIS A 149 5.73 -4.59 0.60
N HIS A 149 5.74 -4.57 0.60
CA HIS A 149 4.92 -3.82 -0.36
CA HIS A 149 4.91 -3.82 -0.35
C HIS A 149 5.54 -2.47 -0.81
C HIS A 149 5.54 -2.47 -0.82
N GLY A 150 6.87 -2.44 -0.92
CA GLY A 150 7.61 -1.26 -1.36
C GLY A 150 7.52 -0.05 -0.45
N HIS A 151 7.24 -0.26 0.85
CA HIS A 151 7.17 0.81 1.84
C HIS A 151 8.57 1.41 2.01
N THR A 152 8.67 2.73 2.00
CA THR A 152 9.94 3.48 2.14
C THR A 152 10.62 3.09 3.44
N PHE A 153 9.82 2.93 4.51
CA PHE A 153 10.25 2.46 5.83
C PHE A 153 9.33 1.33 6.16
N GLN A 154 9.90 0.19 6.53
CA GLN A 154 9.11 -0.98 6.93
C GLN A 154 9.13 -1.11 8.43
N ASP A 155 8.02 -1.55 8.99
CA ASP A 155 7.96 -1.76 10.44
C ASP A 155 8.55 -3.13 10.69
N MET A 156 9.65 -3.21 11.46
N MET A 156 9.64 -3.19 11.46
CA MET A 156 10.26 -4.49 11.81
CA MET A 156 10.32 -4.42 11.88
C MET A 156 9.79 -4.79 13.21
C MET A 156 9.76 -4.72 13.25
N VAL A 157 8.67 -5.49 13.28
CA VAL A 157 7.95 -5.84 14.51
C VAL A 157 7.77 -7.36 14.56
N PRO A 158 7.64 -7.96 15.76
CA PRO A 158 7.46 -9.42 15.82
C PRO A 158 6.19 -9.89 15.08
N SER A 159 6.28 -11.04 14.43
CA SER A 159 5.14 -11.64 13.72
C SER A 159 4.55 -12.75 14.57
N ALA A 160 3.23 -12.82 14.69
CA ALA A 160 2.58 -13.91 15.43
C ALA A 160 2.34 -15.10 14.50
N MET A 161 2.66 -14.94 13.21
CA MET A 161 2.46 -15.94 12.15
C MET A 161 3.45 -17.11 12.23
N SER A 162 2.92 -18.34 12.12
CA SER A 162 3.67 -19.60 12.10
C SER A 162 3.19 -20.45 10.90
N ALA A 163 3.91 -20.42 9.76
CA ALA A 163 3.57 -21.20 8.56
C ALA A 163 3.85 -22.71 8.75
N HIS A 164 3.32 -23.57 7.83
CA HIS A 164 3.39 -25.05 7.84
C HIS A 164 4.72 -25.68 8.24
N SER A 165 5.83 -25.31 7.56
CA SER A 165 7.17 -25.84 7.83
C SER A 165 7.65 -25.47 9.25
N GLN A 166 7.42 -24.20 9.65
CA GLN A 166 7.78 -23.61 10.94
C GLN A 166 7.07 -24.27 12.12
N THR A 167 7.76 -24.33 13.28
CA THR A 167 7.27 -24.89 14.55
C THR A 167 7.16 -23.77 15.62
N SER A 168 7.56 -22.54 15.25
CA SER A 168 7.56 -21.36 16.10
C SER A 168 7.25 -20.09 15.26
N LEU A 169 6.82 -18.99 15.92
CA LEU A 169 6.39 -17.77 15.22
C LEU A 169 7.52 -16.88 14.59
N GLY A 170 8.80 -17.17 14.88
CA GLY A 170 9.90 -16.41 14.28
C GLY A 170 10.92 -15.79 15.23
N SER A 171 10.43 -15.12 16.28
CA SER A 171 11.28 -14.51 17.32
C SER A 171 11.69 -15.62 18.26
N ALA A 172 10.91 -16.74 18.28
CA ALA A 172 11.15 -17.93 19.08
C ALA A 172 12.36 -18.75 18.62
N VAL A 173 12.86 -18.48 17.39
CA VAL A 173 14.07 -19.09 16.83
C VAL A 173 15.04 -17.94 16.46
N GLU A 174 16.35 -18.26 16.44
CA GLU A 174 17.38 -17.30 16.08
C GLU A 174 17.23 -17.00 14.57
N LEU A 175 17.30 -15.71 14.21
CA LEU A 175 17.30 -15.28 12.82
C LEU A 175 18.75 -15.54 12.37
N GLU A 176 18.92 -16.55 11.51
CA GLU A 176 20.21 -17.03 11.02
C GLU A 176 20.99 -15.99 10.21
N LEU A 177 22.34 -16.09 10.25
CA LEU A 177 23.24 -15.17 9.53
C LEU A 177 22.88 -15.08 8.03
N HIS A 178 22.82 -13.87 7.49
CA HIS A 178 22.49 -13.70 6.10
C HIS A 178 22.90 -12.35 5.63
N THR A 179 23.04 -12.22 4.33
CA THR A 179 23.14 -10.91 3.70
C THR A 179 21.68 -10.69 3.15
N GLU A 180 21.25 -9.44 3.05
CA GLU A 180 19.94 -9.10 2.55
C GLU A 180 19.82 -9.38 1.03
N GLN A 181 18.72 -10.09 0.61
CA GLN A 181 18.45 -10.46 -0.78
C GLN A 181 19.69 -11.08 -1.46
N ALA A 182 20.22 -12.17 -0.88
CA ALA A 182 21.38 -12.90 -1.41
C ALA A 182 21.19 -13.37 -2.88
N PHE A 183 19.94 -13.65 -3.27
CA PHE A 183 19.57 -14.13 -4.61
C PHE A 183 19.52 -13.01 -5.67
N SER A 184 19.47 -11.76 -5.23
CA SER A 184 19.23 -10.62 -6.10
C SER A 184 20.43 -9.74 -6.47
N PRO A 185 20.72 -9.52 -7.79
CA PRO A 185 21.74 -8.52 -8.16
C PRO A 185 21.32 -7.09 -7.81
N LEU A 186 20.01 -6.85 -7.58
CA LEU A 186 19.54 -5.51 -7.20
C LEU A 186 19.45 -5.31 -5.69
N ARG A 187 20.07 -6.23 -4.91
CA ARG A 187 20.11 -6.21 -3.44
C ARG A 187 20.63 -4.87 -2.92
N PRO A 188 20.18 -4.42 -1.74
CA PRO A 188 20.67 -3.13 -1.23
C PRO A 188 22.15 -3.14 -0.87
N ASP A 189 22.80 -1.99 -0.99
CA ASP A 189 24.21 -1.82 -0.59
C ASP A 189 24.27 -1.68 0.94
N PHE A 190 23.20 -1.10 1.54
CA PHE A 190 23.10 -0.94 3.00
C PHE A 190 21.71 -1.21 3.50
N VAL A 191 21.64 -1.73 4.72
CA VAL A 191 20.39 -1.93 5.43
C VAL A 191 20.42 -0.91 6.58
N SER A 192 19.34 -0.13 6.72
CA SER A 192 19.26 0.92 7.74
C SER A 192 18.20 0.57 8.78
N LEU A 193 18.59 0.51 10.05
CA LEU A 193 17.65 0.15 11.12
C LEU A 193 17.62 1.22 12.21
N ALA A 194 16.48 1.90 12.39
CA ALA A 194 16.36 2.88 13.47
C ALA A 194 15.45 2.29 14.54
N CYS A 195 15.90 2.36 15.78
CA CYS A 195 15.15 1.75 16.87
C CYS A 195 14.13 2.70 17.50
N LEU A 196 12.83 2.31 17.47
CA LEU A 196 11.73 3.07 18.09
C LEU A 196 11.47 2.49 19.50
N ARG A 197 11.40 1.16 19.61
CA ARG A 197 11.29 0.42 20.87
C ARG A 197 12.27 -0.74 20.73
N GLY A 198 13.03 -0.99 21.78
CA GLY A 198 13.96 -2.11 21.80
C GLY A 198 13.35 -3.25 22.60
N ASP A 199 14.02 -4.40 22.66
CA ASP A 199 13.67 -5.52 23.54
C ASP A 199 15.03 -5.94 24.11
N PRO A 200 15.21 -5.96 25.46
CA PRO A 200 16.54 -6.30 26.02
C PRO A 200 17.09 -7.68 25.64
N ARG A 201 16.23 -8.64 25.25
CA ARG A 201 16.72 -9.96 24.84
C ARG A 201 17.00 -10.04 23.35
N ALA A 202 16.65 -9.01 22.57
CA ALA A 202 16.85 -9.03 21.13
C ALA A 202 18.21 -8.43 20.74
N LEU A 203 19.18 -9.31 20.55
CA LEU A 203 20.54 -8.92 20.15
C LEU A 203 20.66 -8.99 18.65
N THR A 204 21.20 -7.95 18.04
CA THR A 204 21.51 -7.93 16.63
C THR A 204 22.94 -8.47 16.57
N TYR A 205 23.19 -9.43 15.69
CA TYR A 205 24.51 -10.02 15.50
C TYR A 205 25.10 -9.52 14.20
N LEU A 206 26.38 -9.17 14.21
CA LEU A 206 27.10 -8.70 13.03
C LEU A 206 28.39 -9.49 12.89
N PHE A 207 28.72 -9.84 11.65
CA PHE A 207 29.93 -10.61 11.33
C PHE A 207 30.42 -10.17 9.96
N SER A 208 31.60 -9.60 9.91
CA SER A 208 32.14 -9.08 8.66
C SER A 208 32.90 -10.13 7.83
N ALA A 209 32.96 -9.90 6.52
CA ALA A 209 33.71 -10.74 5.58
C ALA A 209 35.21 -10.71 5.97
N ARG A 210 35.72 -9.57 6.50
CA ARG A 210 37.11 -9.47 6.99
C ARG A 210 37.33 -10.35 8.21
N GLN A 211 36.33 -10.41 9.12
CA GLN A 211 36.42 -11.30 10.29
C GLN A 211 36.44 -12.75 9.84
N LEU A 212 35.61 -13.10 8.84
CA LEU A 212 35.56 -14.46 8.31
C LEU A 212 36.92 -14.91 7.74
N VAL A 213 37.48 -14.12 6.82
CA VAL A 213 38.74 -14.42 6.11
C VAL A 213 39.92 -14.61 7.10
N ALA A 214 39.93 -13.86 8.23
CA ALA A 214 40.96 -13.99 9.26
C ALA A 214 40.95 -15.37 9.96
N THR A 215 39.80 -16.10 9.93
CA THR A 215 39.67 -17.43 10.57
C THR A 215 39.88 -18.61 9.59
N LEU A 216 39.93 -18.35 8.28
CA LEU A 216 40.01 -19.40 7.28
C LEU A 216 41.40 -19.68 6.76
N THR A 217 41.57 -20.89 6.20
CA THR A 217 42.81 -21.28 5.56
C THR A 217 42.78 -20.66 4.16
N THR A 218 43.93 -20.61 3.49
CA THR A 218 44.10 -20.12 2.13
C THR A 218 43.19 -20.90 1.15
N GLN A 219 43.10 -22.25 1.34
CA GLN A 219 42.28 -23.13 0.49
C GLN A 219 40.78 -22.85 0.64
N GLU A 220 40.32 -22.65 1.88
CA GLU A 220 38.91 -22.32 2.17
C GLU A 220 38.53 -21.01 1.53
N ILE A 221 39.40 -19.99 1.62
CA ILE A 221 39.16 -18.66 1.01
C ILE A 221 39.01 -18.80 -0.53
N ALA A 222 39.94 -19.54 -1.17
CA ALA A 222 39.95 -19.80 -2.61
C ALA A 222 38.69 -20.50 -3.04
N MET A 223 38.22 -21.49 -2.27
CA MET A 223 36.98 -22.22 -2.59
C MET A 223 35.73 -21.33 -2.46
N LEU A 224 35.70 -20.45 -1.42
CA LEU A 224 34.57 -19.51 -1.22
C LEU A 224 34.47 -18.51 -2.36
N ARG A 225 35.59 -18.26 -3.05
CA ARG A 225 35.67 -17.37 -4.20
C ARG A 225 35.27 -18.05 -5.52
N GLU A 226 35.03 -19.37 -5.49
CA GLU A 226 34.60 -20.16 -6.67
C GLU A 226 33.07 -20.15 -6.79
N PRO A 227 32.48 -20.15 -8.00
CA PRO A 227 31.00 -20.17 -8.10
C PRO A 227 30.42 -21.56 -7.81
N MET A 228 30.25 -21.88 -6.51
CA MET A 228 29.80 -23.22 -6.10
C MET A 228 28.44 -23.25 -5.39
N TRP A 229 27.74 -22.10 -5.32
CA TRP A 229 26.47 -22.03 -4.60
C TRP A 229 25.32 -21.50 -5.45
N THR A 230 24.25 -22.28 -5.65
CA THR A 230 23.08 -21.81 -6.40
C THR A 230 22.20 -21.03 -5.43
N THR A 231 21.53 -19.98 -5.91
CA THR A 231 20.65 -19.18 -5.07
C THR A 231 19.21 -19.40 -5.43
N THR A 232 18.34 -19.23 -4.48
CA THR A 232 16.91 -19.39 -4.67
C THR A 232 16.20 -18.13 -4.14
N VAL A 233 15.20 -17.63 -4.89
CA VAL A 233 14.38 -16.47 -4.48
C VAL A 233 13.70 -16.82 -3.15
N ASP A 234 13.75 -15.90 -2.19
CA ASP A 234 13.12 -16.05 -0.88
C ASP A 234 11.61 -16.26 -1.06
N GLU A 235 11.04 -17.21 -0.28
CA GLU A 235 9.60 -17.54 -0.33
C GLU A 235 8.69 -16.31 -0.14
N SER A 236 9.10 -15.35 0.70
CA SER A 236 8.35 -14.11 0.91
C SER A 236 8.23 -13.21 -0.35
N PHE A 237 9.13 -13.40 -1.33
CA PHE A 237 9.13 -12.67 -2.60
C PHE A 237 8.15 -13.28 -3.61
N LEU A 238 7.72 -14.55 -3.37
CA LEU A 238 6.79 -15.23 -4.26
C LEU A 238 5.37 -14.72 -4.10
N ALA A 239 4.59 -14.77 -5.20
CA ALA A 239 3.18 -14.35 -5.25
C ALA A 239 2.51 -14.99 -6.45
N GLU A 240 1.18 -15.12 -6.41
CA GLU A 240 0.39 -15.69 -7.51
C GLU A 240 0.59 -14.85 -8.77
N GLY A 241 0.87 -15.52 -9.87
CA GLY A 241 1.10 -14.86 -11.16
C GLY A 241 2.39 -14.08 -11.27
N ARG A 242 3.28 -14.19 -10.27
CA ARG A 242 4.54 -13.43 -10.28
C ARG A 242 5.66 -14.30 -10.85
N THR A 243 6.33 -13.79 -11.87
CA THR A 243 7.44 -14.43 -12.56
C THR A 243 8.63 -13.48 -12.46
N PHE A 244 9.83 -14.02 -12.18
CA PHE A 244 11.05 -13.23 -12.12
C PHE A 244 11.80 -13.40 -13.41
N LEU A 245 12.30 -12.28 -13.94
CA LEU A 245 13.10 -12.22 -15.17
C LEU A 245 14.32 -13.11 -15.04
N LEU A 246 14.92 -13.17 -13.83
CA LEU A 246 16.11 -13.99 -13.54
C LEU A 246 15.78 -15.40 -13.02
N GLY A 247 14.48 -15.75 -13.02
CA GLY A 247 14.03 -17.06 -12.60
C GLY A 247 13.98 -17.29 -11.11
N PHE A 248 13.57 -18.49 -10.69
CA PHE A 248 13.47 -18.83 -9.27
C PHE A 248 14.82 -19.26 -8.71
N GLU A 249 15.59 -20.02 -9.50
CA GLU A 249 16.92 -20.50 -9.13
C GLU A 249 17.97 -19.81 -9.97
N ARG A 250 18.97 -19.22 -9.30
CA ARG A 250 20.06 -18.46 -9.91
C ARG A 250 21.43 -19.05 -9.56
N GLY A 251 22.43 -18.60 -10.28
CA GLY A 251 23.81 -19.00 -10.04
C GLY A 251 24.25 -20.18 -10.89
N PRO A 252 25.26 -20.95 -10.45
CA PRO A 252 25.99 -20.82 -9.17
C PRO A 252 26.80 -19.51 -9.06
N ILE A 253 26.92 -19.03 -7.83
CA ILE A 253 27.67 -17.82 -7.52
C ILE A 253 28.72 -18.13 -6.42
N PRO A 254 29.77 -17.32 -6.29
CA PRO A 254 30.69 -17.50 -5.14
C PRO A 254 30.09 -16.87 -3.86
N ILE A 255 30.63 -17.23 -2.70
CA ILE A 255 30.22 -16.60 -1.44
C ILE A 255 31.09 -15.34 -1.27
N LEU A 256 32.41 -15.45 -1.53
CA LEU A 256 33.31 -14.30 -1.43
C LEU A 256 33.71 -13.76 -2.79
N SER A 257 33.93 -12.45 -2.84
CA SER A 257 34.39 -11.76 -4.05
C SER A 257 35.13 -10.48 -3.64
N GLY A 258 35.61 -9.73 -4.62
CA GLY A 258 36.29 -8.46 -4.40
C GLY A 258 37.75 -8.57 -4.01
N ALA A 259 38.29 -7.46 -3.48
CA ALA A 259 39.69 -7.35 -3.06
C ALA A 259 40.01 -8.38 -1.97
N ASP A 260 41.26 -8.86 -1.93
CA ASP A 260 41.70 -9.83 -0.93
C ASP A 260 41.64 -9.24 0.47
N ASP A 261 42.02 -7.94 0.62
CA ASP A 261 42.03 -7.24 1.91
C ASP A 261 40.70 -6.55 2.26
N ASP A 262 39.72 -6.52 1.34
CA ASP A 262 38.40 -5.93 1.61
C ASP A 262 37.33 -6.76 0.88
N PRO A 263 37.15 -8.06 1.25
CA PRO A 263 36.23 -8.90 0.49
C PRO A 263 34.75 -8.61 0.69
N PHE A 264 33.98 -8.92 -0.35
CA PHE A 264 32.54 -8.81 -0.32
C PHE A 264 31.97 -10.20 -0.10
N ILE A 265 30.82 -10.26 0.56
CA ILE A 265 30.17 -11.52 0.93
C ILE A 265 28.72 -11.52 0.49
N VAL A 266 28.26 -12.68 0.03
CA VAL A 266 26.87 -12.98 -0.29
C VAL A 266 26.63 -14.32 0.45
N PHE A 267 25.73 -14.34 1.42
CA PHE A 267 25.51 -15.59 2.15
C PHE A 267 24.08 -15.75 2.65
N ASP A 268 23.56 -16.99 2.62
CA ASP A 268 22.24 -17.29 3.18
C ASP A 268 22.07 -18.79 3.11
N GLN A 269 22.20 -19.50 4.25
CA GLN A 269 22.09 -20.96 4.21
C GLN A 269 20.74 -21.48 3.73
N ASP A 270 19.62 -20.78 4.01
CA ASP A 270 18.31 -21.22 3.54
C ASP A 270 18.17 -21.08 2.03
N LEU A 271 18.78 -20.07 1.44
CA LEU A 271 18.63 -19.79 0.01
C LEU A 271 19.86 -20.14 -0.82
N MET A 272 20.89 -20.74 -0.19
CA MET A 272 22.12 -21.12 -0.89
C MET A 272 22.39 -22.58 -0.70
N ARG A 273 22.63 -23.26 -1.82
CA ARG A 273 22.92 -24.69 -1.84
C ARG A 273 24.21 -24.94 -2.58
N GLY A 274 25.14 -25.61 -1.91
CA GLY A 274 26.41 -26.00 -2.49
C GLY A 274 26.15 -27.03 -3.58
N ILE A 275 26.85 -26.87 -4.72
CA ILE A 275 26.73 -27.75 -5.90
C ILE A 275 27.36 -29.14 -5.65
N SER A 276 28.19 -29.26 -4.60
CA SER A 276 28.87 -30.50 -4.23
C SER A 276 28.97 -30.59 -2.70
N ALA A 277 29.34 -31.80 -2.17
CA ALA A 277 29.52 -32.03 -0.73
C ALA A 277 30.59 -31.06 -0.13
N PRO A 278 31.79 -30.83 -0.75
CA PRO A 278 32.73 -29.82 -0.20
C PRO A 278 32.14 -28.41 -0.11
N ALA A 279 31.31 -27.99 -1.10
CA ALA A 279 30.67 -26.66 -1.11
C ALA A 279 29.66 -26.55 0.05
N GLN A 280 28.96 -27.64 0.33
CA GLN A 280 28.01 -27.73 1.43
C GLN A 280 28.76 -27.64 2.77
N GLU A 281 29.92 -28.34 2.88
CA GLU A 281 30.73 -28.30 4.11
C GLU A 281 31.33 -26.92 4.37
N LEU A 282 31.74 -26.21 3.32
CA LEU A 282 32.27 -24.84 3.44
C LEU A 282 31.21 -23.85 3.98
N GLN A 283 29.92 -24.08 3.67
CA GLN A 283 28.84 -23.25 4.23
C GLN A 283 28.82 -23.43 5.74
N GLN A 284 29.01 -24.69 6.22
CA GLN A 284 29.07 -25.02 7.65
C GLN A 284 30.28 -24.35 8.33
N THR A 285 31.42 -24.25 7.62
CA THR A 285 32.63 -23.59 8.09
C THR A 285 32.35 -22.09 8.35
N VAL A 286 31.64 -21.42 7.42
CA VAL A 286 31.24 -20.00 7.55
C VAL A 286 30.34 -19.85 8.79
N ILE A 287 29.36 -20.76 8.96
CA ILE A 287 28.44 -20.72 10.10
C ILE A 287 29.19 -20.86 11.44
N ARG A 288 30.13 -21.81 11.53
CA ARG A 288 30.93 -22.00 12.75
C ARG A 288 31.76 -20.76 13.07
N ALA A 289 32.36 -20.14 12.04
CA ALA A 289 33.17 -18.93 12.21
C ALA A 289 32.30 -17.77 12.72
N TYR A 290 31.06 -17.69 12.22
CA TYR A 290 30.07 -16.69 12.63
C TYR A 290 29.75 -16.85 14.11
N TYR A 291 29.44 -18.09 14.58
CA TYR A 291 29.13 -18.34 15.99
C TYR A 291 30.30 -18.02 16.91
N ALA A 292 31.51 -18.22 16.45
CA ALA A 292 32.73 -17.97 17.21
C ALA A 292 33.14 -16.49 17.29
N GLU A 293 32.95 -15.74 16.20
CA GLU A 293 33.46 -14.37 16.10
C GLU A 293 32.42 -13.24 16.02
N ARG A 294 31.14 -13.54 15.83
CA ARG A 294 30.12 -12.47 15.73
C ARG A 294 30.14 -11.48 16.91
N VAL A 295 29.81 -10.23 16.61
CA VAL A 295 29.68 -9.20 17.63
C VAL A 295 28.18 -9.01 17.81
N SER A 296 27.78 -8.52 18.98
CA SER A 296 26.37 -8.31 19.23
C SER A 296 26.11 -6.92 19.79
N HIS A 297 24.88 -6.44 19.60
CA HIS A 297 24.40 -5.19 20.15
C HIS A 297 22.88 -5.27 20.30
N CYS A 298 22.36 -4.81 21.44
CA CYS A 298 20.93 -4.77 21.66
C CYS A 298 20.50 -3.36 21.30
N LEU A 299 19.78 -3.21 20.19
CA LEU A 299 19.30 -1.90 19.76
C LEU A 299 18.34 -1.29 20.78
N ALA A 300 18.58 -0.01 21.14
CA ALA A 300 17.81 0.75 22.12
C ALA A 300 17.23 2.00 21.47
N PRO A 301 16.11 2.56 22.01
CA PRO A 301 15.52 3.78 21.41
C PRO A 301 16.54 4.92 21.22
N GLY A 302 16.48 5.57 20.06
CA GLY A 302 17.40 6.64 19.71
C GLY A 302 18.65 6.15 18.99
N GLU A 303 18.75 4.83 18.78
CA GLU A 303 19.92 4.31 18.08
C GLU A 303 19.52 3.91 16.69
N MET A 304 20.50 3.99 15.83
CA MET A 304 20.35 3.65 14.42
C MET A 304 21.54 2.79 14.01
N LEU A 305 21.29 1.70 13.32
CA LEU A 305 22.35 0.84 12.83
C LEU A 305 22.36 0.79 11.30
N LEU A 306 23.52 1.11 10.70
CA LEU A 306 23.72 0.99 9.26
C LEU A 306 24.56 -0.25 9.04
N ILE A 307 24.07 -1.18 8.22
CA ILE A 307 24.80 -2.43 7.93
C ILE A 307 25.28 -2.34 6.48
N ASP A 308 26.58 -2.56 6.24
CA ASP A 308 27.11 -2.61 4.88
C ASP A 308 26.80 -4.02 4.37
N ASN A 309 25.79 -4.10 3.50
CA ASN A 309 25.28 -5.37 2.99
C ASN A 309 26.24 -6.13 2.03
N ARG A 310 27.36 -5.52 1.65
CA ARG A 310 28.38 -6.17 0.84
C ARG A 310 29.50 -6.69 1.71
N ARG A 311 29.70 -6.07 2.89
CA ARG A 311 30.84 -6.38 3.75
C ARG A 311 30.54 -7.16 5.04
N ALA A 312 29.26 -7.35 5.35
CA ALA A 312 28.88 -8.05 6.57
C ALA A 312 27.59 -8.82 6.43
N VAL A 313 27.47 -9.90 7.24
CA VAL A 313 26.25 -10.69 7.40
C VAL A 313 25.65 -10.27 8.75
N HIS A 314 24.34 -10.49 8.92
CA HIS A 314 23.66 -10.11 10.15
C HIS A 314 22.69 -11.18 10.59
N GLY A 315 22.32 -11.11 11.86
CA GLY A 315 21.40 -12.05 12.48
C GLY A 315 20.77 -11.45 13.71
N ARG A 316 19.92 -12.22 14.39
CA ARG A 316 19.22 -11.73 15.58
C ARG A 316 18.89 -12.89 16.52
N SER A 317 19.08 -12.68 17.82
CA SER A 317 18.81 -13.71 18.82
C SER A 317 17.30 -13.93 18.97
N ILE A 318 16.99 -14.96 19.74
CA ILE A 318 15.64 -15.27 20.20
C ILE A 318 15.24 -14.16 21.19
N PHE A 319 13.96 -13.79 21.22
CA PHE A 319 13.36 -12.91 22.21
C PHE A 319 11.91 -13.32 22.41
N ALA A 320 11.24 -12.82 23.44
CA ALA A 320 9.85 -13.24 23.71
C ALA A 320 8.87 -12.06 23.65
N PRO A 321 8.38 -11.72 22.44
CA PRO A 321 7.39 -10.62 22.32
C PRO A 321 6.05 -10.96 22.97
N ARG A 322 5.34 -9.91 23.41
CA ARG A 322 4.08 -10.00 24.11
C ARG A 322 2.87 -9.65 23.22
N PHE A 323 3.06 -8.90 22.12
CA PHE A 323 1.99 -8.47 21.20
C PHE A 323 0.96 -7.61 21.97
N ASP A 324 1.48 -6.71 22.83
CA ASP A 324 0.71 -5.86 23.75
C ASP A 324 0.79 -4.35 23.45
N GLY A 325 1.41 -3.99 22.35
CA GLY A 325 1.59 -2.58 22.01
C GLY A 325 2.94 -1.99 22.40
N ALA A 326 3.75 -2.71 23.19
CA ALA A 326 5.06 -2.20 23.64
C ALA A 326 6.25 -3.06 23.16
N ASP A 327 6.01 -3.93 22.16
CA ASP A 327 7.06 -4.77 21.62
C ASP A 327 8.14 -4.01 20.87
N ARG A 328 9.26 -4.69 20.65
CA ARG A 328 10.38 -4.19 19.86
C ARG A 328 9.84 -3.69 18.50
N PHE A 329 10.31 -2.51 18.10
CA PHE A 329 9.83 -1.85 16.91
C PHE A 329 10.98 -1.11 16.27
N LEU A 330 11.40 -1.58 15.09
CA LEU A 330 12.45 -0.91 14.32
C LEU A 330 11.85 -0.39 13.04
N SER A 331 12.47 0.67 12.51
CA SER A 331 12.10 1.22 11.21
C SER A 331 13.24 0.79 10.27
N ARG A 332 12.92 -0.04 9.25
CA ARG A 332 13.92 -0.53 8.31
C ARG A 332 13.79 0.15 6.99
N SER A 333 14.94 0.52 6.41
CA SER A 333 14.98 1.08 5.08
C SER A 333 16.22 0.59 4.37
N PHE A 334 16.27 0.79 3.05
CA PHE A 334 17.36 0.29 2.24
C PHE A 334 18.03 1.41 1.48
N ILE A 335 19.32 1.24 1.26
CA ILE A 335 20.14 2.23 0.58
C ILE A 335 20.95 1.58 -0.55
N VAL A 336 21.05 2.29 -1.66
CA VAL A 336 21.88 1.89 -2.79
C VAL A 336 22.80 3.08 -3.13
N ALA A 337 24.01 2.80 -3.57
CA ALA A 337 24.94 3.88 -3.92
C ALA A 337 24.51 4.56 -5.19
N ASP A 338 24.02 3.74 -6.12
CA ASP A 338 23.62 4.13 -7.47
C ASP A 338 22.19 3.77 -7.82
N GLY A 339 21.33 4.78 -7.94
CA GLY A 339 19.95 4.62 -8.38
C GLY A 339 19.80 4.23 -9.85
N SER A 340 20.83 4.53 -10.71
CA SER A 340 20.76 4.19 -12.14
C SER A 340 20.83 2.68 -12.37
N ARG A 341 21.44 1.93 -11.44
CA ARG A 341 21.53 0.46 -11.54
C ARG A 341 20.15 -0.20 -11.51
N SER A 342 19.15 0.45 -10.89
CA SER A 342 17.80 -0.11 -10.80
C SER A 342 16.82 0.65 -11.68
N ARG A 343 17.27 1.64 -12.46
CA ARG A 343 16.36 2.45 -13.30
C ARG A 343 15.46 1.59 -14.22
N HIS A 344 16.01 0.50 -14.79
CA HIS A 344 15.27 -0.41 -15.67
C HIS A 344 14.10 -1.09 -14.93
N ALA A 345 14.18 -1.16 -13.58
CA ALA A 345 13.22 -1.84 -12.69
C ALA A 345 12.26 -0.88 -11.98
N ARG A 346 12.44 0.45 -12.18
CA ARG A 346 11.62 1.47 -11.51
C ARG A 346 10.84 2.29 -12.53
N SER A 347 9.93 3.12 -12.05
CA SER A 347 9.24 4.06 -12.93
C SER A 347 10.02 5.39 -12.79
N SER A 348 9.80 6.32 -13.72
CA SER A 348 10.44 7.64 -13.70
C SER A 348 10.07 8.34 -12.35
N PHE A 349 11.04 8.86 -11.61
CA PHE A 349 10.84 9.49 -10.31
C PHE A 349 10.16 8.53 -9.29
N GLY A 350 10.46 7.24 -9.44
CA GLY A 350 9.97 6.18 -8.58
C GLY A 350 11.11 5.63 -7.75
N ARG A 351 10.82 5.21 -6.52
CA ARG A 351 11.83 4.64 -5.63
C ARG A 351 11.64 3.14 -5.40
N VAL A 352 10.66 2.53 -6.09
CA VAL A 352 10.30 1.12 -5.88
C VAL A 352 10.74 0.22 -7.05
N VAL A 353 11.57 -0.79 -6.73
CA VAL A 353 12.03 -1.81 -7.68
C VAL A 353 10.85 -2.81 -7.86
N SER A 354 10.35 -2.95 -9.11
CA SER A 354 9.26 -3.89 -9.42
C SER A 354 9.69 -5.34 -9.16
N ALA A 355 8.79 -6.14 -8.58
CA ALA A 355 9.01 -7.51 -8.16
C ALA A 355 9.66 -8.42 -9.20
N ARG A 356 9.25 -8.33 -10.50
CA ARG A 356 9.82 -9.20 -11.55
C ARG A 356 11.31 -8.98 -11.77
N PHE A 357 11.84 -7.82 -11.33
CA PHE A 357 13.24 -7.49 -11.51
C PHE A 357 14.13 -7.93 -10.36
N SER A 358 13.54 -8.34 -9.23
CA SER A 358 14.36 -8.78 -8.12
C SER A 358 15.06 -10.14 -8.45
N PRO B 33 23.65 22.28 -25.68
CA PRO B 33 23.14 22.62 -24.33
C PRO B 33 21.87 23.46 -24.40
N GLU B 34 20.76 22.83 -24.03
CA GLU B 34 19.45 23.45 -24.05
C GLU B 34 19.14 24.10 -22.70
N VAL B 35 18.06 24.91 -22.63
CA VAL B 35 17.59 25.56 -21.40
C VAL B 35 17.24 24.45 -20.39
N SER B 36 17.84 24.53 -19.18
CA SER B 36 17.72 23.58 -18.07
C SER B 36 18.65 22.33 -18.23
N ALA B 37 19.51 22.35 -19.27
CA ALA B 37 20.65 21.46 -19.46
C ALA B 37 21.84 22.43 -19.24
N ILE B 38 21.51 23.66 -18.76
CA ILE B 38 22.43 24.74 -18.42
C ILE B 38 22.15 25.20 -16.99
N LEU B 39 23.20 25.33 -16.18
CA LEU B 39 23.13 25.87 -14.82
C LEU B 39 24.09 27.08 -14.81
N VAL B 40 23.52 28.27 -14.67
CA VAL B 40 24.29 29.52 -14.66
C VAL B 40 24.51 29.94 -13.22
N LEU B 41 25.78 29.99 -12.78
CA LEU B 41 26.09 30.46 -11.44
C LEU B 41 26.03 31.96 -11.41
N THR B 42 25.38 32.54 -10.40
CA THR B 42 25.37 34.01 -10.24
C THR B 42 26.75 34.38 -9.64
N SER B 43 27.12 35.67 -9.65
CA SER B 43 28.40 36.11 -9.08
C SER B 43 28.53 35.76 -7.60
N SER B 44 27.42 35.81 -6.87
CA SER B 44 27.37 35.43 -5.45
C SER B 44 27.63 33.90 -5.29
N GLU B 45 27.04 33.07 -6.16
CA GLU B 45 27.23 31.60 -6.14
C GLU B 45 28.67 31.24 -6.49
N ALA B 46 29.26 31.92 -7.51
CA ALA B 46 30.65 31.75 -7.94
C ALA B 46 31.60 32.13 -6.79
N SER B 47 31.31 33.24 -6.06
CA SER B 47 32.08 33.69 -4.90
C SER B 47 32.01 32.68 -3.74
N THR B 48 30.82 32.11 -3.46
CA THR B 48 30.63 31.07 -2.44
C THR B 48 31.49 29.83 -2.80
N LEU B 49 31.47 29.41 -4.07
CA LEU B 49 32.25 28.28 -4.57
C LEU B 49 33.76 28.51 -4.38
N GLU B 50 34.22 29.73 -4.67
CA GLU B 50 35.61 30.12 -4.50
C GLU B 50 36.02 30.05 -3.00
N ARG B 51 35.12 30.49 -2.09
N ARG B 51 35.14 30.50 -2.09
CA ARG B 51 35.35 30.46 -0.63
CA ARG B 51 35.38 30.47 -0.64
C ARG B 51 35.37 29.02 -0.13
C ARG B 51 35.37 29.02 -0.13
N VAL B 52 34.39 28.20 -0.57
CA VAL B 52 34.25 26.78 -0.18
C VAL B 52 35.48 25.95 -0.64
N ALA B 53 36.12 26.33 -1.78
CA ALA B 53 37.34 25.69 -2.29
C ALA B 53 38.51 25.77 -1.31
N ASP B 54 38.54 26.78 -0.41
CA ASP B 54 39.59 26.90 0.63
C ASP B 54 39.55 25.75 1.64
N LEU B 55 38.42 25.02 1.71
CA LEU B 55 38.29 23.85 2.59
C LEU B 55 38.92 22.60 1.98
N VAL B 56 39.31 22.66 0.69
CA VAL B 56 39.94 21.53 -0.02
C VAL B 56 41.44 21.86 -0.09
N THR B 57 42.21 21.31 0.85
CA THR B 57 43.64 21.61 1.03
C THR B 57 44.59 20.46 0.66
N ALA B 58 44.07 19.21 0.52
CA ALA B 58 44.94 18.08 0.14
C ALA B 58 45.41 18.18 -1.31
N HIS B 59 46.56 17.58 -1.63
CA HIS B 59 47.12 17.62 -2.97
C HIS B 59 46.32 16.67 -3.89
N ALA B 60 45.76 17.19 -4.99
CA ALA B 60 44.94 16.40 -5.93
C ALA B 60 45.69 15.23 -6.55
N LEU B 61 47.01 15.37 -6.79
CA LEU B 61 47.78 14.28 -7.36
C LEU B 61 48.42 13.36 -6.36
N TYR B 62 48.95 13.93 -5.27
CA TYR B 62 49.74 13.15 -4.32
C TYR B 62 48.94 12.66 -3.08
N ALA B 63 47.68 13.08 -2.95
CA ALA B 63 46.79 12.62 -1.86
C ALA B 63 45.37 12.64 -2.43
N ALA B 64 45.20 11.99 -3.60
CA ALA B 64 43.94 11.99 -4.35
C ALA B 64 42.69 11.63 -3.52
N HIS B 65 42.76 10.56 -2.72
CA HIS B 65 41.61 10.17 -1.91
C HIS B 65 41.22 11.25 -0.88
N ASP B 66 42.21 11.79 -0.13
CA ASP B 66 41.98 12.87 0.85
C ASP B 66 41.43 14.11 0.17
N PHE B 67 41.95 14.44 -1.03
CA PHE B 67 41.49 15.58 -1.82
C PHE B 67 40.01 15.41 -2.19
N CYS B 68 39.66 14.26 -2.76
CA CYS B 68 38.28 13.97 -3.20
C CYS B 68 37.32 13.90 -2.01
N ALA B 69 37.75 13.32 -0.88
CA ALA B 69 36.91 13.23 0.34
C ALA B 69 36.68 14.62 0.94
N GLN B 70 37.70 15.52 0.90
CA GLN B 70 37.54 16.88 1.41
C GLN B 70 36.55 17.64 0.52
N ALA B 71 36.60 17.44 -0.80
CA ALA B 71 35.69 18.10 -1.76
C ALA B 71 34.26 17.57 -1.55
N GLN B 72 34.10 16.28 -1.24
CA GLN B 72 32.78 15.68 -0.96
C GLN B 72 32.18 16.30 0.29
N LEU B 73 33.00 16.48 1.34
CA LEU B 73 32.55 17.09 2.59
C LEU B 73 32.23 18.59 2.40
N ALA B 74 33.14 19.34 1.76
CA ALA B 74 33.00 20.78 1.54
C ALA B 74 31.85 21.12 0.61
N ALA B 75 31.49 20.21 -0.33
CA ALA B 75 30.37 20.39 -1.26
C ALA B 75 29.01 20.65 -0.53
N ALA B 76 28.91 20.25 0.76
CA ALA B 76 27.73 20.51 1.60
C ALA B 76 27.56 22.02 1.85
N GLU B 77 28.65 22.80 1.76
CA GLU B 77 28.67 24.24 1.97
C GLU B 77 28.33 25.05 0.69
N LEU B 78 28.13 24.36 -0.47
CA LEU B 78 27.81 25.06 -1.72
C LEU B 78 26.39 25.65 -1.69
N PRO B 79 26.04 26.65 -2.55
CA PRO B 79 24.66 27.19 -2.52
C PRO B 79 23.63 26.09 -2.75
N SER B 80 22.57 26.04 -1.92
CA SER B 80 21.54 25.00 -1.97
C SER B 80 20.92 24.81 -3.36
N ARG B 81 20.73 25.92 -4.14
CA ARG B 81 20.15 25.87 -5.49
C ARG B 81 21.05 25.06 -6.43
N VAL B 82 22.37 25.24 -6.30
CA VAL B 82 23.38 24.54 -7.10
C VAL B 82 23.39 23.05 -6.71
N VAL B 83 23.47 22.75 -5.40
CA VAL B 83 23.46 21.37 -4.87
C VAL B 83 22.20 20.64 -5.35
N ALA B 84 21.00 21.30 -5.24
CA ALA B 84 19.72 20.69 -5.63
C ALA B 84 19.73 20.27 -7.10
N ARG B 85 20.24 21.15 -7.97
CA ARG B 85 20.38 20.92 -9.40
C ARG B 85 21.33 19.74 -9.72
N LEU B 86 22.48 19.70 -9.03
CA LEU B 86 23.48 18.63 -9.23
C LEU B 86 22.95 17.28 -8.75
N GLN B 87 22.23 17.25 -7.61
CA GLN B 87 21.64 16.00 -7.08
C GLN B 87 20.53 15.48 -8.01
N GLU B 88 19.73 16.39 -8.59
CA GLU B 88 18.68 16.03 -9.54
C GLU B 88 19.31 15.42 -10.79
N PHE B 89 20.37 16.06 -11.31
CA PHE B 89 21.13 15.55 -12.45
C PHE B 89 21.74 14.16 -12.13
N ALA B 90 22.38 14.02 -10.95
CA ALA B 90 22.99 12.76 -10.51
C ALA B 90 21.95 11.63 -10.40
N TRP B 91 20.71 11.93 -9.92
CA TRP B 91 19.65 10.91 -9.80
C TRP B 91 19.40 10.28 -11.17
N GLY B 92 19.43 11.11 -12.20
CA GLY B 92 19.39 10.68 -13.59
C GLY B 92 18.08 10.72 -14.31
N ASP B 93 16.97 10.36 -13.63
CA ASP B 93 15.65 10.25 -14.25
C ASP B 93 15.29 11.49 -15.02
N MET B 94 15.10 11.28 -16.33
CA MET B 94 14.72 12.28 -17.33
C MET B 94 15.70 13.48 -17.37
N ASN B 95 17.00 13.24 -17.04
CA ASN B 95 18.05 14.25 -17.19
C ASN B 95 18.34 14.26 -18.72
N GLU B 96 18.86 15.35 -19.24
CA GLU B 96 19.06 15.54 -20.68
C GLU B 96 20.33 14.85 -21.27
N GLY B 97 21.03 14.09 -20.44
CA GLY B 97 22.24 13.39 -20.86
C GLY B 97 23.48 14.19 -20.53
N HIS B 98 23.31 15.48 -20.15
CA HIS B 98 24.43 16.37 -19.82
C HIS B 98 23.96 17.58 -19.05
N LEU B 99 24.91 18.29 -18.43
CA LEU B 99 24.68 19.53 -17.71
C LEU B 99 25.84 20.47 -17.96
N LEU B 100 25.56 21.62 -18.59
CA LEU B 100 26.56 22.63 -18.83
C LEU B 100 26.44 23.67 -17.71
N ILE B 101 27.56 23.92 -17.01
CA ILE B 101 27.64 24.89 -15.93
C ILE B 101 28.43 26.11 -16.42
N LYS B 102 27.84 27.30 -16.29
CA LYS B 102 28.48 28.57 -16.69
C LYS B 102 28.72 29.44 -15.46
N GLY B 103 29.68 30.34 -15.56
CA GLY B 103 30.00 31.29 -14.50
C GLY B 103 30.89 30.77 -13.38
N LEU B 104 31.72 29.77 -13.66
CA LEU B 104 32.63 29.18 -12.67
C LEU B 104 33.78 30.15 -12.39
N PRO B 105 34.32 30.24 -11.13
CA PRO B 105 35.51 31.09 -10.92
C PRO B 105 36.66 30.58 -11.78
N GLN B 106 37.42 31.51 -12.33
CA GLN B 106 38.54 31.19 -13.20
C GLN B 106 39.87 31.47 -12.52
N VAL B 107 40.90 30.75 -12.98
CA VAL B 107 42.30 30.86 -12.54
C VAL B 107 42.81 32.25 -12.97
N ARG B 108 43.51 32.96 -12.07
CA ARG B 108 44.05 34.31 -12.33
C ARG B 108 45.31 34.31 -13.22
N SER B 109 46.20 33.33 -13.04
CA SER B 109 47.45 33.24 -13.79
C SER B 109 47.60 31.81 -14.31
N LEU B 110 46.88 31.53 -15.38
CA LEU B 110 46.86 30.19 -15.97
C LEU B 110 48.20 29.97 -16.70
N PRO B 111 48.95 28.87 -16.37
CA PRO B 111 50.22 28.62 -17.06
C PRO B 111 49.99 28.34 -18.55
N PRO B 112 51.03 28.33 -19.42
CA PRO B 112 50.75 28.05 -20.85
C PRO B 112 50.17 26.66 -21.04
N THR B 113 49.39 26.50 -22.11
CA THR B 113 48.78 25.22 -22.43
C THR B 113 49.91 24.21 -22.66
N PRO B 114 49.98 23.07 -21.91
CA PRO B 114 51.08 22.12 -22.15
C PRO B 114 51.00 21.49 -23.53
N THR B 115 52.16 21.10 -24.07
CA THR B 115 52.30 20.48 -25.40
C THR B 115 51.82 19.01 -25.41
N SER B 116 51.60 18.41 -24.22
CA SER B 116 51.11 17.03 -24.03
C SER B 116 50.38 16.89 -22.67
N ASN B 117 49.86 15.69 -22.36
CA ASN B 117 49.12 15.40 -21.11
C ASN B 117 49.96 14.76 -19.98
N VAL B 118 51.28 14.68 -20.15
CA VAL B 118 52.16 13.99 -19.19
C VAL B 118 52.35 14.72 -17.85
N HIS B 119 52.21 16.05 -17.82
CA HIS B 119 52.49 16.87 -16.65
C HIS B 119 51.35 17.03 -15.64
N ALA B 120 50.08 16.79 -16.05
CA ALA B 120 48.90 16.99 -15.17
C ALA B 120 48.90 18.44 -14.58
N VAL B 121 48.98 19.43 -15.49
CA VAL B 121 49.03 20.85 -15.19
C VAL B 121 47.73 21.31 -14.50
N ALA B 122 46.55 20.97 -15.06
CA ALA B 122 45.25 21.37 -14.52
C ALA B 122 45.08 21.02 -13.03
N ALA B 123 45.55 19.81 -12.65
CA ALA B 123 45.44 19.27 -11.27
C ALA B 123 46.11 20.12 -10.16
N THR B 124 47.13 20.93 -10.54
CA THR B 124 47.81 21.76 -9.56
C THR B 124 47.55 23.27 -9.82
N THR B 125 46.38 23.62 -10.39
CA THR B 125 45.92 25.01 -10.54
C THR B 125 44.77 25.17 -9.52
N PRO B 126 44.40 26.40 -9.10
CA PRO B 126 43.27 26.53 -8.14
C PRO B 126 41.93 25.98 -8.63
N MET B 127 41.76 25.82 -9.96
CA MET B 127 40.49 25.35 -10.46
C MET B 127 40.25 23.86 -10.24
N SER B 128 41.30 23.06 -9.91
CA SER B 128 41.10 21.63 -9.60
C SER B 128 40.09 21.51 -8.44
N ARG B 129 40.15 22.45 -7.47
CA ARG B 129 39.22 22.47 -6.32
C ARG B 129 37.78 22.81 -6.73
N TYR B 130 37.57 23.72 -7.69
CA TYR B 130 36.22 24.12 -8.13
C TYR B 130 35.55 23.00 -8.87
N GLN B 131 36.28 22.35 -9.79
CA GLN B 131 35.76 21.20 -10.55
C GLN B 131 35.46 20.03 -9.59
N ALA B 132 36.36 19.78 -8.61
CA ALA B 132 36.18 18.71 -7.61
C ALA B 132 34.91 18.89 -6.76
N LEU B 133 34.64 20.13 -6.31
CA LEU B 133 33.44 20.46 -5.49
C LEU B 133 32.17 20.13 -6.26
N ILE B 134 32.10 20.53 -7.56
CA ILE B 134 30.95 20.21 -8.40
C ILE B 134 30.87 18.68 -8.62
N ASN B 135 32.00 18.05 -9.00
CA ASN B 135 32.04 16.59 -9.23
C ASN B 135 31.53 15.79 -8.04
N GLU B 136 32.01 16.14 -6.84
CA GLU B 136 31.72 15.39 -5.62
C GLU B 136 30.27 15.61 -5.11
N CYS B 137 29.52 16.58 -5.69
N CYS B 137 29.55 16.57 -5.70
CA CYS B 137 28.09 16.75 -5.41
CA CYS B 137 28.14 16.82 -5.42
C CYS B 137 27.40 15.61 -6.13
C CYS B 137 27.28 15.88 -6.27
N VAL B 138 27.87 15.35 -7.36
CA VAL B 138 27.30 14.39 -8.31
C VAL B 138 27.65 12.94 -7.93
N GLY B 139 28.92 12.65 -7.65
CA GLY B 139 29.36 11.29 -7.30
C GLY B 139 30.80 11.28 -6.86
N ARG B 140 31.42 10.10 -6.84
CA ARG B 140 32.80 9.90 -6.43
C ARG B 140 33.76 10.00 -7.62
N MET B 141 34.78 10.84 -7.47
CA MET B 141 35.81 10.94 -8.50
C MET B 141 36.66 9.68 -8.51
N ILE B 142 37.08 9.28 -9.70
CA ILE B 142 37.86 8.07 -9.91
C ILE B 142 38.82 8.31 -11.07
N ALA B 143 39.92 7.56 -11.11
CA ALA B 143 40.89 7.63 -12.18
C ALA B 143 41.27 6.22 -12.60
N TYR B 144 41.88 6.10 -13.76
CA TYR B 144 42.23 4.82 -14.37
C TYR B 144 43.68 4.83 -14.73
N GLU B 145 44.42 3.82 -14.26
CA GLU B 145 45.85 3.70 -14.55
C GLU B 145 46.11 3.75 -16.07
N ALA B 146 45.24 3.09 -16.86
CA ALA B 146 45.37 3.00 -18.32
C ALA B 146 44.88 4.25 -19.11
N GLU B 147 44.38 5.26 -18.41
CA GLU B 147 43.91 6.52 -19.00
C GLU B 147 44.60 7.72 -18.34
N GLY B 148 45.52 8.34 -19.07
CA GLY B 148 46.27 9.51 -18.60
C GLY B 148 47.04 9.27 -17.32
N HIS B 149 47.61 8.07 -17.17
CA HIS B 149 48.44 7.62 -16.05
C HIS B 149 47.78 7.76 -14.65
N GLY B 150 46.47 7.57 -14.60
CA GLY B 150 45.68 7.66 -13.37
C GLY B 150 45.65 9.01 -12.71
N HIS B 151 45.92 10.10 -13.48
CA HIS B 151 45.90 11.46 -12.93
C HIS B 151 44.49 11.83 -12.54
N THR B 152 44.32 12.44 -11.35
CA THR B 152 43.01 12.85 -10.83
C THR B 152 42.27 13.75 -11.84
N PHE B 153 43.02 14.65 -12.47
CA PHE B 153 42.58 15.54 -13.53
C PHE B 153 43.55 15.35 -14.66
N GLN B 154 43.03 15.15 -15.87
N GLN B 154 43.03 15.16 -15.88
CA GLN B 154 43.86 14.97 -17.06
CA GLN B 154 43.84 14.98 -17.08
C GLN B 154 43.77 16.21 -17.96
C GLN B 154 43.77 16.24 -17.94
N ASP B 155 44.92 16.66 -18.48
CA ASP B 155 44.99 17.82 -19.39
C ASP B 155 44.53 17.40 -20.77
N MET B 156 43.46 18.02 -21.28
CA MET B 156 42.96 17.73 -22.62
C MET B 156 43.44 18.86 -23.48
N VAL B 157 44.53 18.59 -24.20
CA VAL B 157 45.24 19.56 -25.03
C VAL B 157 45.57 18.98 -26.43
N PRO B 158 45.72 19.82 -27.48
CA PRO B 158 46.13 19.29 -28.80
C PRO B 158 47.55 18.73 -28.82
N SER B 159 47.77 17.65 -29.59
CA SER B 159 49.08 17.02 -29.74
C SER B 159 49.28 16.51 -31.15
N GLY B 170 45.31 15.16 -29.92
CA GLY B 170 44.92 15.01 -31.32
C GLY B 170 43.69 15.80 -31.70
N SER B 171 43.72 16.46 -32.88
CA SER B 171 42.62 17.29 -33.39
C SER B 171 42.54 17.40 -34.93
N ALA B 172 43.53 16.85 -35.67
CA ALA B 172 43.60 16.87 -37.15
C ALA B 172 42.37 16.23 -37.85
N VAL B 173 41.66 15.31 -37.16
CA VAL B 173 40.45 14.63 -37.65
C VAL B 173 39.36 14.69 -36.54
N GLU B 174 38.06 14.55 -36.93
CA GLU B 174 36.91 14.57 -36.04
C GLU B 174 36.95 13.41 -35.05
N LEU B 175 36.74 13.71 -33.75
CA LEU B 175 36.66 12.73 -32.68
C LEU B 175 35.25 12.16 -32.78
N GLU B 176 35.17 10.92 -33.27
CA GLU B 176 33.93 10.19 -33.55
C GLU B 176 33.04 9.95 -32.31
N LEU B 177 31.71 9.77 -32.53
CA LEU B 177 30.72 9.52 -31.47
C LEU B 177 31.05 8.27 -30.65
N HIS B 178 31.10 8.43 -29.33
CA HIS B 178 31.42 7.31 -28.44
C HIS B 178 30.97 7.54 -27.00
N THR B 179 30.87 6.42 -26.29
CA THR B 179 30.66 6.27 -24.86
C THR B 179 32.10 6.22 -24.37
N GLU B 180 32.38 6.83 -23.22
CA GLU B 180 33.68 6.73 -22.60
C GLU B 180 33.88 5.28 -22.13
N GLN B 181 35.01 4.64 -22.54
CA GLN B 181 35.34 3.26 -22.20
C GLN B 181 34.18 2.28 -22.48
N ALA B 182 33.66 2.26 -23.74
CA ALA B 182 32.57 1.37 -24.17
C ALA B 182 32.86 -0.13 -23.87
N PHE B 183 34.14 -0.52 -23.91
CA PHE B 183 34.61 -1.90 -23.69
C PHE B 183 34.65 -2.30 -22.19
N SER B 184 34.63 -1.31 -21.29
CA SER B 184 34.83 -1.57 -19.87
C SER B 184 33.59 -1.57 -18.96
N PRO B 185 33.38 -2.66 -18.16
CA PRO B 185 32.30 -2.63 -17.15
C PRO B 185 32.61 -1.61 -16.03
N LEU B 186 33.89 -1.18 -15.88
CA LEU B 186 34.25 -0.19 -14.86
C LEU B 186 34.25 1.24 -15.39
N ARG B 187 33.65 1.46 -16.60
CA ARG B 187 33.55 2.75 -17.28
C ARG B 187 32.92 3.82 -16.36
N PRO B 188 33.31 5.09 -16.53
CA PRO B 188 32.72 6.12 -15.65
C PRO B 188 31.22 6.36 -15.90
N ASP B 189 30.50 6.76 -14.84
CA ASP B 189 29.07 7.11 -14.92
C ASP B 189 28.94 8.50 -15.52
N PHE B 190 29.95 9.37 -15.25
CA PHE B 190 30.01 10.74 -15.77
C PHE B 190 31.40 11.13 -16.19
N VAL B 191 31.48 11.95 -17.24
CA VAL B 191 32.72 12.56 -17.70
C VAL B 191 32.58 14.05 -17.34
N SER B 192 33.61 14.61 -16.68
CA SER B 192 33.60 16.00 -16.24
C SER B 192 34.68 16.79 -16.97
N LEU B 193 34.28 17.86 -17.66
CA LEU B 193 35.20 18.67 -18.46
C LEU B 193 35.14 20.12 -18.07
N ALA B 194 36.22 20.67 -17.52
CA ALA B 194 36.24 22.09 -17.17
C ALA B 194 37.14 22.80 -18.17
N CYS B 195 36.64 23.91 -18.72
CA CYS B 195 37.38 24.64 -19.72
C CYS B 195 38.29 25.70 -19.11
N LEU B 196 39.60 25.58 -19.37
CA LEU B 196 40.61 26.55 -18.92
C LEU B 196 40.87 27.55 -20.04
N ARG B 197 41.06 27.04 -21.26
CA ARG B 197 41.19 27.81 -22.48
C ARG B 197 40.33 27.10 -23.52
N GLY B 198 39.53 27.86 -24.25
CA GLY B 198 38.70 27.31 -25.30
C GLY B 198 39.31 27.57 -26.65
N ASP B 199 38.64 27.14 -27.71
CA ASP B 199 39.03 27.38 -29.10
C ASP B 199 37.71 27.46 -29.88
N PRO B 200 37.49 28.58 -30.62
CA PRO B 200 36.23 28.76 -31.38
C PRO B 200 35.86 27.66 -32.38
N ARG B 201 36.85 26.98 -32.96
CA ARG B 201 36.51 25.93 -33.92
C ARG B 201 36.39 24.55 -33.25
N ALA B 202 36.58 24.47 -31.92
CA ALA B 202 36.45 23.23 -31.19
C ALA B 202 35.06 23.07 -30.59
N LEU B 203 34.20 22.32 -31.31
CA LEU B 203 32.83 22.04 -30.89
C LEU B 203 32.74 20.70 -30.21
N THR B 204 32.06 20.67 -29.07
CA THR B 204 31.76 19.44 -28.35
C THR B 204 30.38 19.06 -28.86
N TYR B 205 30.24 17.81 -29.28
CA TYR B 205 28.96 17.31 -29.75
C TYR B 205 28.36 16.37 -28.70
N LEU B 206 27.04 16.47 -28.52
CA LEU B 206 26.29 15.65 -27.56
C LEU B 206 25.08 15.07 -28.25
N PHE B 207 24.78 13.81 -27.95
CA PHE B 207 23.65 13.10 -28.53
C PHE B 207 23.14 12.07 -27.52
N SER B 208 21.92 12.27 -27.05
CA SER B 208 21.37 11.41 -26.01
C SER B 208 20.70 10.16 -26.56
N ALA B 209 20.63 9.10 -25.73
CA ALA B 209 19.96 7.85 -26.04
C ALA B 209 18.45 8.15 -26.29
N ARG B 210 17.86 9.15 -25.56
CA ARG B 210 16.47 9.56 -25.76
C ARG B 210 16.29 10.22 -27.13
N GLN B 211 17.29 11.03 -27.58
CA GLN B 211 17.25 11.63 -28.92
C GLN B 211 17.32 10.54 -29.99
N LEU B 212 18.19 9.54 -29.79
CA LEU B 212 18.34 8.41 -30.71
C LEU B 212 17.02 7.65 -30.90
N VAL B 213 16.42 7.18 -29.79
CA VAL B 213 15.18 6.38 -29.75
C VAL B 213 14.00 7.14 -30.45
N ALA B 214 13.92 8.48 -30.34
CA ALA B 214 12.89 9.29 -30.99
C ALA B 214 12.98 9.28 -32.52
N THR B 215 14.16 8.94 -33.11
CA THR B 215 14.37 8.89 -34.56
C THR B 215 14.21 7.47 -35.16
N LEU B 216 14.21 6.44 -34.30
CA LEU B 216 14.16 5.05 -34.77
C LEU B 216 12.80 4.43 -34.80
N THR B 217 12.66 3.37 -35.59
CA THR B 217 11.44 2.57 -35.64
C THR B 217 11.48 1.64 -34.42
N THR B 218 10.32 1.08 -34.06
CA THR B 218 10.20 0.15 -32.94
C THR B 218 11.10 -1.11 -33.15
N GLN B 219 11.24 -1.57 -34.40
CA GLN B 219 12.09 -2.73 -34.75
C GLN B 219 13.58 -2.42 -34.56
N GLU B 220 14.03 -1.22 -34.97
CA GLU B 220 15.41 -0.79 -34.79
C GLU B 220 15.76 -0.69 -33.31
N ILE B 221 14.85 -0.15 -32.48
CA ILE B 221 15.06 -0.05 -31.03
C ILE B 221 15.21 -1.46 -30.41
N ALA B 222 14.31 -2.40 -30.77
CA ALA B 222 14.34 -3.79 -30.31
C ALA B 222 15.67 -4.48 -30.69
N MET B 223 16.15 -4.24 -31.92
CA MET B 223 17.41 -4.83 -32.38
C MET B 223 18.63 -4.24 -31.64
N LEU B 224 18.62 -2.92 -31.36
CA LEU B 224 19.70 -2.26 -30.60
C LEU B 224 19.78 -2.78 -29.16
N ARG B 225 18.65 -3.32 -28.64
CA ARG B 225 18.56 -3.92 -27.32
C ARG B 225 19.03 -5.38 -27.28
N GLU B 226 19.33 -5.97 -28.46
CA GLU B 226 19.84 -7.35 -28.57
C GLU B 226 21.37 -7.39 -28.46
N PRO B 227 22.00 -8.45 -27.87
CA PRO B 227 23.48 -8.46 -27.77
C PRO B 227 24.13 -8.83 -29.10
N MET B 228 24.27 -7.85 -30.00
CA MET B 228 24.77 -8.08 -31.34
C MET B 228 26.11 -7.39 -31.66
N TRP B 229 26.75 -6.75 -30.66
CA TRP B 229 28.00 -6.01 -30.91
C TRP B 229 29.15 -6.41 -30.01
N THR B 230 30.31 -6.74 -30.59
CA THR B 230 31.52 -7.04 -29.82
C THR B 230 32.24 -5.72 -29.56
N THR B 231 33.08 -5.69 -28.53
CA THR B 231 33.86 -4.50 -28.18
C THR B 231 35.34 -4.83 -28.08
N THR B 232 36.20 -3.89 -28.47
CA THR B 232 37.65 -4.05 -28.31
C THR B 232 38.17 -2.94 -27.42
N VAL B 233 39.19 -3.26 -26.63
CA VAL B 233 39.89 -2.35 -25.72
C VAL B 233 40.59 -1.28 -26.59
N ASP B 234 40.34 0.00 -26.28
CA ASP B 234 40.90 1.14 -26.99
C ASP B 234 42.43 1.06 -27.05
N GLU B 235 43.03 1.37 -28.22
CA GLU B 235 44.48 1.31 -28.43
C GLU B 235 45.28 2.11 -27.39
N SER B 236 44.74 3.24 -26.89
CA SER B 236 45.40 4.05 -25.87
C SER B 236 45.53 3.33 -24.50
N PHE B 237 44.70 2.29 -24.25
CA PHE B 237 44.74 1.47 -23.04
C PHE B 237 45.81 0.38 -23.11
N LEU B 238 46.27 0.05 -24.32
CA LEU B 238 47.30 -0.97 -24.53
C LEU B 238 48.67 -0.47 -24.12
N ALA B 239 49.53 -1.40 -23.68
CA ALA B 239 50.92 -1.15 -23.26
C ALA B 239 51.66 -2.47 -23.32
N GLU B 240 52.99 -2.41 -23.47
CA GLU B 240 53.86 -3.59 -23.53
C GLU B 240 53.71 -4.41 -22.25
N GLY B 241 53.49 -5.71 -22.40
CA GLY B 241 53.30 -6.65 -21.30
C GLY B 241 52.01 -6.49 -20.52
N ARG B 242 51.08 -5.64 -20.99
CA ARG B 242 49.80 -5.41 -20.31
C ARG B 242 48.73 -6.37 -20.83
N THR B 243 48.13 -7.12 -19.92
CA THR B 243 47.07 -8.07 -20.16
C THR B 243 45.84 -7.67 -19.32
N PHE B 244 44.65 -7.75 -19.94
CA PHE B 244 43.40 -7.45 -19.28
C PHE B 244 42.76 -8.76 -18.89
N LEU B 245 42.23 -8.84 -17.67
CA LEU B 245 41.54 -10.00 -17.13
C LEU B 245 40.35 -10.39 -18.04
N LEU B 246 39.68 -9.37 -18.61
CA LEU B 246 38.55 -9.54 -19.50
C LEU B 246 38.93 -9.65 -21.00
N GLY B 247 40.23 -9.67 -21.28
CA GLY B 247 40.77 -9.80 -22.63
C GLY B 247 40.70 -8.55 -23.49
N PHE B 248 41.13 -8.68 -24.75
CA PHE B 248 41.13 -7.56 -25.68
C PHE B 248 39.75 -7.35 -26.31
N GLU B 249 39.03 -8.43 -26.63
CA GLU B 249 37.70 -8.40 -27.21
C GLU B 249 36.66 -8.93 -26.22
N ARG B 250 35.60 -8.15 -25.99
CA ARG B 250 34.50 -8.47 -25.07
C ARG B 250 33.11 -8.47 -25.76
N GLY B 251 32.11 -8.98 -25.07
CA GLY B 251 30.75 -9.07 -25.57
C GLY B 251 30.42 -10.40 -26.21
N PRO B 252 29.42 -10.48 -27.13
CA PRO B 252 28.59 -9.39 -27.64
C PRO B 252 27.68 -8.74 -26.59
N ILE B 253 27.47 -7.45 -26.75
CA ILE B 253 26.65 -6.64 -25.86
C ILE B 253 25.60 -5.88 -26.68
N PRO B 254 24.48 -5.45 -26.07
CA PRO B 254 23.56 -4.58 -26.80
C PRO B 254 24.08 -3.14 -26.82
N ILE B 255 23.54 -2.32 -27.75
CA ILE B 255 23.90 -0.90 -27.77
C ILE B 255 22.97 -0.19 -26.75
N LEU B 256 21.66 -0.54 -26.76
CA LEU B 256 20.68 0.05 -25.85
C LEU B 256 20.30 -0.90 -24.74
N SER B 257 20.01 -0.35 -23.55
CA SER B 257 19.53 -1.13 -22.40
C SER B 257 18.70 -0.21 -21.49
N GLY B 258 18.20 -0.76 -20.39
CA GLY B 258 17.45 0.01 -19.40
C GLY B 258 15.99 0.20 -19.73
N ALA B 259 15.35 1.15 -19.01
CA ALA B 259 13.93 1.50 -19.16
C ALA B 259 13.66 1.98 -20.59
N ASP B 260 12.44 1.73 -21.08
CA ASP B 260 12.02 2.15 -22.42
C ASP B 260 12.01 3.67 -22.55
N ASP B 261 11.59 4.37 -21.49
CA ASP B 261 11.49 5.85 -21.47
C ASP B 261 12.76 6.54 -20.98
N ASP B 262 13.75 5.78 -20.50
CA ASP B 262 15.03 6.35 -20.04
C ASP B 262 16.17 5.38 -20.42
N PRO B 263 16.42 5.17 -21.74
CA PRO B 263 17.42 4.17 -22.15
C PRO B 263 18.87 4.52 -21.87
N PHE B 264 19.68 3.47 -21.64
CA PHE B 264 21.12 3.61 -21.48
C PHE B 264 21.78 3.19 -22.79
N ILE B 265 22.92 3.79 -23.11
CA ILE B 265 23.63 3.56 -24.36
C ILE B 265 25.09 3.23 -24.10
N VAL B 266 25.63 2.29 -24.88
CA VAL B 266 27.04 1.92 -24.97
C VAL B 266 27.34 1.94 -26.47
N PHE B 267 28.19 2.86 -26.94
CA PHE B 267 28.45 2.95 -28.37
C PHE B 267 29.86 3.41 -28.68
N ASP B 268 30.46 2.84 -29.73
CA ASP B 268 31.80 3.24 -30.20
C ASP B 268 31.93 2.76 -31.64
N GLN B 269 31.82 3.67 -32.62
CA GLN B 269 31.88 3.30 -34.04
C GLN B 269 33.16 2.57 -34.46
N ASP B 270 34.31 2.85 -33.78
CA ASP B 270 35.60 2.22 -34.07
C ASP B 270 35.87 0.91 -33.35
N LEU B 271 35.42 0.79 -32.09
CA LEU B 271 35.68 -0.40 -31.27
C LEU B 271 34.52 -1.42 -31.21
N MET B 272 33.37 -1.13 -31.88
CA MET B 272 32.23 -2.06 -31.88
C MET B 272 32.01 -2.67 -33.24
N ARG B 273 31.82 -4.00 -33.27
CA ARG B 273 31.58 -4.72 -34.51
C ARG B 273 30.32 -5.56 -34.40
N GLY B 274 29.41 -5.37 -35.34
CA GLY B 274 28.17 -6.12 -35.43
C GLY B 274 28.49 -7.56 -35.77
N ILE B 275 27.83 -8.51 -35.09
CA ILE B 275 28.01 -9.95 -35.30
C ILE B 275 27.40 -10.45 -36.62
N SER B 276 26.52 -9.63 -37.23
CA SER B 276 25.84 -9.93 -38.49
C SER B 276 25.70 -8.66 -39.34
N ALA B 277 25.36 -8.80 -40.65
CA ALA B 277 25.14 -7.70 -41.57
C ALA B 277 24.06 -6.72 -41.05
N PRO B 278 22.86 -7.18 -40.55
CA PRO B 278 21.89 -6.22 -39.99
C PRO B 278 22.42 -5.40 -38.81
N ALA B 279 23.22 -6.00 -37.89
CA ALA B 279 23.77 -5.30 -36.73
C ALA B 279 24.84 -4.29 -37.17
N GLN B 280 25.56 -4.59 -38.28
CA GLN B 280 26.53 -3.66 -38.88
C GLN B 280 25.76 -2.45 -39.48
N GLU B 281 24.63 -2.73 -40.17
N GLU B 281 24.64 -2.70 -40.18
CA GLU B 281 23.75 -1.71 -40.79
CA GLU B 281 23.84 -1.61 -40.78
C GLU B 281 23.18 -0.77 -39.73
C GLU B 281 23.20 -0.74 -39.70
N LEU B 282 22.77 -1.35 -38.58
CA LEU B 282 22.18 -0.61 -37.46
C LEU B 282 23.17 0.36 -36.82
N GLN B 283 24.48 0.01 -36.81
CA GLN B 283 25.51 0.91 -36.31
C GLN B 283 25.55 2.17 -37.19
N GLN B 284 25.45 1.99 -38.53
CA GLN B 284 25.41 3.09 -39.50
C GLN B 284 24.18 3.97 -39.29
N THR B 285 23.03 3.35 -38.96
CA THR B 285 21.78 4.05 -38.64
C THR B 285 21.98 4.98 -37.42
N VAL B 286 22.64 4.50 -36.36
CA VAL B 286 22.96 5.28 -35.14
C VAL B 286 23.86 6.48 -35.53
N ILE B 287 24.88 6.23 -36.36
CA ILE B 287 25.81 7.28 -36.83
C ILE B 287 25.05 8.37 -37.62
N ARG B 288 24.14 7.98 -38.56
N ARG B 288 24.13 7.96 -38.53
CA ARG B 288 23.35 8.94 -39.33
CA ARG B 288 23.29 8.84 -39.34
C ARG B 288 22.41 9.76 -38.44
C ARG B 288 22.41 9.73 -38.45
N ALA B 289 21.82 9.12 -37.40
CA ALA B 289 20.94 9.80 -36.43
C ALA B 289 21.75 10.83 -35.62
N TYR B 290 23.00 10.47 -35.25
CA TYR B 290 23.90 11.37 -34.53
C TYR B 290 24.22 12.61 -35.40
N TYR B 291 24.60 12.41 -36.67
CA TYR B 291 24.89 13.54 -37.56
C TYR B 291 23.69 14.45 -37.78
N ALA B 292 22.48 13.89 -37.79
CA ALA B 292 21.25 14.64 -37.99
C ALA B 292 20.76 15.39 -36.76
N GLU B 293 20.91 14.80 -35.56
CA GLU B 293 20.32 15.34 -34.33
C GLU B 293 21.27 15.87 -33.26
N ARG B 294 22.58 15.60 -33.37
CA ARG B 294 23.54 16.05 -32.35
C ARG B 294 23.45 17.54 -32.04
N VAL B 295 23.64 17.88 -30.76
CA VAL B 295 23.69 19.28 -30.31
C VAL B 295 25.17 19.61 -30.14
N SER B 296 25.52 20.87 -30.34
CA SER B 296 26.91 21.29 -30.22
C SER B 296 27.05 22.45 -29.28
N HIS B 297 28.24 22.56 -28.69
CA HIS B 297 28.61 23.67 -27.83
C HIS B 297 30.11 23.88 -27.91
N CYS B 298 30.52 25.14 -28.02
CA CYS B 298 31.92 25.47 -28.00
C CYS B 298 32.27 25.84 -26.57
N LEU B 299 33.01 24.96 -25.87
CA LEU B 299 33.41 25.22 -24.48
C LEU B 299 34.30 26.48 -24.39
N ALA B 300 33.95 27.36 -23.43
CA ALA B 300 34.62 28.65 -23.18
C ALA B 300 35.13 28.69 -21.74
N PRO B 301 36.18 29.50 -21.43
CA PRO B 301 36.69 29.58 -20.05
C PRO B 301 35.60 29.88 -19.03
N GLY B 302 35.67 29.22 -17.88
CA GLY B 302 34.68 29.34 -16.82
C GLY B 302 33.51 28.40 -16.98
N GLU B 303 33.52 27.57 -18.04
CA GLU B 303 32.44 26.59 -18.23
C GLU B 303 32.92 25.22 -17.85
N MET B 304 31.96 24.41 -17.42
CA MET B 304 32.19 23.04 -17.04
C MET B 304 31.06 22.23 -17.63
N LEU B 305 31.40 21.10 -18.26
CA LEU B 305 30.40 20.22 -18.84
C LEU B 305 30.43 18.86 -18.16
N LEU B 306 29.27 18.42 -17.66
CA LEU B 306 29.10 17.10 -17.07
C LEU B 306 28.35 16.28 -18.10
N ILE B 307 28.90 15.15 -18.50
CA ILE B 307 28.27 14.27 -19.49
C ILE B 307 27.82 13.01 -18.77
N ASP B 308 26.54 12.62 -18.90
CA ASP B 308 26.04 11.39 -18.32
C ASP B 308 26.47 10.29 -19.30
N ASN B 309 27.50 9.55 -18.92
CA ASN B 309 28.12 8.52 -19.77
C ASN B 309 27.24 7.26 -20.03
N ARG B 310 26.07 7.17 -19.35
CA ARG B 310 25.11 6.08 -19.58
C ARG B 310 23.99 6.55 -20.49
N ARG B 311 23.72 7.87 -20.51
CA ARG B 311 22.58 8.43 -21.24
C ARG B 311 22.90 9.21 -22.50
N ALA B 312 24.19 9.44 -22.77
CA ALA B 312 24.59 10.21 -23.96
C ALA B 312 25.93 9.81 -24.49
N VAL B 313 26.10 10.04 -25.78
CA VAL B 313 27.35 9.81 -26.50
C VAL B 313 27.94 11.20 -26.84
N HIS B 314 29.26 11.28 -26.87
CA HIS B 314 29.94 12.53 -27.17
C HIS B 314 30.96 12.37 -28.28
N GLY B 315 31.29 13.51 -28.89
CA GLY B 315 32.27 13.65 -29.95
C GLY B 315 32.89 15.03 -29.88
N ARG B 316 33.81 15.32 -30.79
CA ARG B 316 34.46 16.63 -30.89
C ARG B 316 34.93 16.89 -32.32
N SER B 317 34.74 18.14 -32.80
CA SER B 317 35.12 18.56 -34.14
C SER B 317 36.63 18.65 -34.35
N ILE B 318 37.01 18.75 -35.64
CA ILE B 318 38.38 18.98 -36.10
C ILE B 318 38.73 20.43 -35.73
N PHE B 319 39.95 20.67 -35.24
CA PHE B 319 40.43 22.03 -35.00
C PHE B 319 41.92 22.12 -35.27
N ALA B 320 42.36 23.30 -35.77
CA ALA B 320 43.76 23.57 -36.12
C ALA B 320 44.47 24.27 -34.96
N PRO B 321 45.33 23.56 -34.20
CA PRO B 321 46.03 24.22 -33.09
C PRO B 321 47.18 25.11 -33.53
N ARG B 322 47.57 26.05 -32.68
CA ARG B 322 48.67 26.95 -32.99
C ARG B 322 49.99 26.50 -32.35
N PHE B 323 49.95 25.81 -31.20
CA PHE B 323 51.12 25.37 -30.42
C PHE B 323 51.96 26.60 -30.02
N ASP B 324 51.25 27.64 -29.54
CA ASP B 324 51.78 28.94 -29.12
C ASP B 324 51.65 29.23 -27.59
N GLY B 325 51.21 28.23 -26.83
CA GLY B 325 50.98 28.29 -25.38
C GLY B 325 49.59 28.73 -24.97
N ALA B 326 48.74 29.13 -25.95
CA ALA B 326 47.35 29.60 -25.72
C ALA B 326 46.28 28.68 -26.34
N ASP B 327 46.66 27.45 -26.69
CA ASP B 327 45.73 26.47 -27.25
C ASP B 327 44.65 26.03 -26.27
N ARG B 328 43.59 25.44 -26.83
CA ARG B 328 42.49 24.88 -26.06
C ARG B 328 43.05 23.96 -24.97
N PHE B 329 42.52 24.12 -23.76
CA PHE B 329 43.00 23.39 -22.60
C PHE B 329 41.81 23.07 -21.69
N LEU B 330 41.46 21.78 -21.58
CA LEU B 330 40.39 21.34 -20.68
C LEU B 330 40.98 20.49 -19.59
N SER B 331 40.31 20.44 -18.44
CA SER B 331 40.67 19.59 -17.32
C SER B 331 39.59 18.50 -17.29
N ARG B 332 40.00 17.25 -17.53
CA ARG B 332 39.07 16.12 -17.54
C ARG B 332 39.18 15.29 -16.31
N SER B 333 38.03 14.89 -15.76
CA SER B 333 37.99 13.96 -14.65
C SER B 333 36.77 13.05 -14.81
N PHE B 334 36.77 11.95 -14.05
CA PHE B 334 35.71 10.95 -14.13
C PHE B 334 35.01 10.79 -12.83
N ILE B 335 33.72 10.42 -12.92
CA ILE B 335 32.87 10.25 -11.76
C ILE B 335 32.14 8.90 -11.84
N VAL B 336 32.05 8.20 -10.70
CA VAL B 336 31.26 6.97 -10.55
C VAL B 336 30.30 7.17 -9.38
N ALA B 337 29.12 6.58 -9.44
CA ALA B 337 28.14 6.73 -8.36
C ALA B 337 28.59 5.96 -7.17
N ASP B 338 29.18 4.79 -7.41
CA ASP B 338 29.60 3.81 -6.42
C ASP B 338 31.06 3.41 -6.53
N GLY B 339 31.87 3.82 -5.54
CA GLY B 339 33.26 3.42 -5.38
C GLY B 339 33.48 1.94 -5.05
N SER B 340 32.47 1.25 -4.44
CA SER B 340 32.59 -0.17 -4.11
C SER B 340 32.63 -1.06 -5.35
N ARG B 341 32.04 -0.60 -6.47
CA ARG B 341 32.06 -1.36 -7.72
C ARG B 341 33.48 -1.58 -8.25
N SER B 342 34.41 -0.65 -7.94
CA SER B 342 35.80 -0.77 -8.40
C SER B 342 36.74 -1.14 -7.29
N ARG B 343 36.25 -1.44 -6.07
CA ARG B 343 37.14 -1.77 -4.94
C ARG B 343 38.13 -2.91 -5.23
N HIS B 344 37.66 -3.94 -5.98
CA HIS B 344 38.49 -5.09 -6.34
C HIS B 344 39.69 -4.67 -7.23
N ALA B 345 39.58 -3.52 -7.92
CA ALA B 345 40.54 -2.97 -8.87
C ALA B 345 41.39 -1.84 -8.30
N ARG B 346 41.16 -1.43 -7.05
CA ARG B 346 41.86 -0.31 -6.41
C ARG B 346 42.61 -0.77 -5.18
N SER B 347 43.44 0.12 -4.62
CA SER B 347 44.09 -0.18 -3.35
C SER B 347 43.22 0.50 -2.26
N SER B 348 43.39 0.12 -0.99
CA SER B 348 42.63 0.71 0.13
C SER B 348 42.90 2.24 0.13
N PHE B 349 41.83 3.06 0.17
CA PHE B 349 41.92 4.54 0.15
C PHE B 349 42.63 5.04 -1.14
N GLY B 350 42.48 4.29 -2.22
CA GLY B 350 43.04 4.62 -3.52
C GLY B 350 41.92 5.01 -4.46
N ARG B 351 42.21 5.92 -5.39
CA ARG B 351 41.22 6.40 -6.35
C ARG B 351 41.50 5.90 -7.77
N VAL B 352 42.53 5.07 -7.95
CA VAL B 352 42.98 4.61 -9.27
C VAL B 352 42.62 3.12 -9.54
N VAL B 353 41.90 2.88 -10.65
CA VAL B 353 41.56 1.53 -11.13
C VAL B 353 42.81 0.96 -11.84
N SER B 354 43.38 -0.16 -11.35
CA SER B 354 44.57 -0.76 -12.00
C SER B 354 44.24 -1.21 -13.41
N ALA B 355 45.18 -1.03 -14.33
CA ALA B 355 45.03 -1.31 -15.76
C ALA B 355 44.36 -2.65 -16.14
N ARG B 356 44.84 -3.78 -15.58
CA ARG B 356 44.34 -5.14 -15.88
C ARG B 356 42.83 -5.37 -15.60
N PHE B 357 42.22 -4.55 -14.73
CA PHE B 357 40.80 -4.66 -14.38
C PHE B 357 39.89 -3.90 -15.35
N SER B 358 40.47 -3.07 -16.24
CA SER B 358 39.67 -2.32 -17.20
C SER B 358 39.11 -3.23 -18.31
N PRO C 33 -33.58 13.18 -19.44
CA PRO C 33 -34.64 12.44 -18.74
C PRO C 33 -34.77 12.84 -17.28
N GLU C 34 -35.99 12.72 -16.72
CA GLU C 34 -36.33 13.08 -15.33
C GLU C 34 -36.50 11.83 -14.47
N VAL C 35 -36.25 11.97 -13.14
CA VAL C 35 -36.41 10.92 -12.13
C VAL C 35 -37.89 10.43 -12.08
N SER C 36 -38.09 9.10 -11.89
CA SER C 36 -39.42 8.48 -11.80
C SER C 36 -39.65 7.64 -10.52
N ALA C 37 -38.56 7.18 -9.83
CA ALA C 37 -38.66 6.40 -8.57
C ALA C 37 -38.92 7.42 -7.41
N ILE C 38 -40.20 7.81 -7.26
CA ILE C 38 -40.62 8.87 -6.36
C ILE C 38 -41.59 8.42 -5.26
N LEU C 39 -41.36 8.93 -4.05
CA LEU C 39 -42.24 8.75 -2.91
C LEU C 39 -42.73 10.17 -2.54
N VAL C 40 -44.04 10.40 -2.65
CA VAL C 40 -44.65 11.69 -2.32
C VAL C 40 -45.36 11.56 -0.98
N LEU C 41 -44.90 12.30 0.04
CA LEU C 41 -45.57 12.31 1.33
C LEU C 41 -46.83 13.18 1.26
N THR C 42 -47.94 12.70 1.80
CA THR C 42 -49.18 13.50 1.89
C THR C 42 -48.98 14.47 3.09
N SER C 43 -49.85 15.49 3.23
CA SER C 43 -49.80 16.44 4.34
C SER C 43 -49.88 15.74 5.71
N SER C 44 -50.70 14.68 5.79
CA SER C 44 -50.86 13.89 7.01
C SER C 44 -49.55 13.13 7.34
N GLU C 45 -48.89 12.54 6.32
CA GLU C 45 -47.62 11.82 6.47
C GLU C 45 -46.50 12.79 6.88
N ALA C 46 -46.46 14.00 6.26
CA ALA C 46 -45.49 15.04 6.59
C ALA C 46 -45.67 15.50 8.04
N SER C 47 -46.95 15.67 8.49
CA SER C 47 -47.29 16.04 9.87
C SER C 47 -46.87 14.97 10.88
N THR C 48 -47.08 13.68 10.56
CA THR C 48 -46.66 12.55 11.41
C THR C 48 -45.12 12.58 11.56
N LEU C 49 -44.40 12.78 10.45
CA LEU C 49 -42.93 12.85 10.45
C LEU C 49 -42.42 13.99 11.34
N GLU C 50 -43.07 15.16 11.26
CA GLU C 50 -42.74 16.33 12.05
C GLU C 50 -42.90 16.05 13.56
N ARG C 51 -43.99 15.36 13.93
CA ARG C 51 -44.30 14.98 15.31
C ARG C 51 -43.31 13.93 15.82
N VAL C 52 -43.02 12.91 15.00
CA VAL C 52 -42.09 11.81 15.33
C VAL C 52 -40.64 12.34 15.55
N ALA C 53 -40.25 13.41 14.83
CA ALA C 53 -38.94 14.06 14.96
C ALA C 53 -38.67 14.60 16.38
N ASP C 54 -39.73 14.94 17.15
CA ASP C 54 -39.61 15.40 18.55
C ASP C 54 -39.04 14.31 19.48
N LEU C 55 -39.10 13.03 19.04
CA LEU C 55 -38.55 11.91 19.81
C LEU C 55 -37.02 11.81 19.66
N VAL C 56 -36.45 12.59 18.72
CA VAL C 56 -35.00 12.56 18.47
C VAL C 56 -34.42 13.83 19.11
N THR C 57 -33.88 13.70 20.33
CA THR C 57 -33.42 14.84 21.12
C THR C 57 -31.90 14.96 21.29
N ALA C 58 -31.14 13.86 21.07
CA ALA C 58 -29.68 13.88 21.24
C ALA C 58 -29.00 14.81 20.20
N HIS C 59 -27.81 15.36 20.53
CA HIS C 59 -27.04 16.21 19.64
C HIS C 59 -26.47 15.33 18.50
N ALA C 60 -26.84 15.64 17.24
CA ALA C 60 -26.42 14.88 16.07
C ALA C 60 -24.91 14.83 15.92
N LEU C 61 -24.20 15.90 16.32
CA LEU C 61 -22.74 15.91 16.18
C LEU C 61 -22.01 15.34 17.36
N TYR C 62 -22.44 15.69 18.58
CA TYR C 62 -21.70 15.36 19.77
C TYR C 62 -22.18 14.11 20.51
N ALA C 63 -23.32 13.54 20.09
CA ALA C 63 -23.85 12.28 20.64
C ALA C 63 -24.46 11.53 19.47
N ALA C 64 -23.66 11.36 18.39
CA ALA C 64 -24.10 10.76 17.13
C ALA C 64 -24.76 9.39 17.29
N HIS C 65 -24.16 8.49 18.09
CA HIS C 65 -24.74 7.17 18.28
C HIS C 65 -26.13 7.23 18.94
N ASP C 66 -26.27 8.01 20.04
CA ASP C 66 -27.56 8.21 20.73
C ASP C 66 -28.58 8.84 19.80
N PHE C 67 -28.15 9.81 19.00
CA PHE C 67 -28.99 10.49 18.02
C PHE C 67 -29.54 9.47 16.98
N CYS C 68 -28.65 8.70 16.37
CA CYS C 68 -29.00 7.70 15.34
C CYS C 68 -29.84 6.56 15.91
N ALA C 69 -29.54 6.08 17.14
CA ALA C 69 -30.34 5.04 17.80
C ALA C 69 -31.75 5.54 18.14
N GLN C 70 -31.89 6.82 18.56
CA GLN C 70 -33.20 7.42 18.84
C GLN C 70 -34.01 7.51 17.56
N ALA C 71 -33.37 7.91 16.43
CA ALA C 71 -34.03 7.98 15.13
C ALA C 71 -34.48 6.56 14.69
N GLN C 72 -33.62 5.55 14.86
CA GLN C 72 -33.94 4.18 14.48
C GLN C 72 -35.17 3.69 15.26
N LEU C 73 -35.25 4.00 16.56
CA LEU C 73 -36.39 3.60 17.38
C LEU C 73 -37.66 4.41 17.00
N ALA C 74 -37.52 5.74 16.86
CA ALA C 74 -38.63 6.63 16.51
C ALA C 74 -39.18 6.35 15.09
N ALA C 75 -38.35 5.84 14.15
CA ALA C 75 -38.76 5.48 12.78
C ALA C 75 -39.90 4.45 12.75
N ALA C 76 -40.06 3.66 13.84
CA ALA C 76 -41.17 2.69 13.98
C ALA C 76 -42.53 3.41 14.06
N GLU C 77 -42.54 4.70 14.46
CA GLU C 77 -43.73 5.53 14.57
C GLU C 77 -44.10 6.21 13.23
N LEU C 78 -43.28 6.06 12.17
CA LEU C 78 -43.58 6.68 10.87
C LEU C 78 -44.79 6.01 10.16
N PRO C 79 -45.50 6.69 9.21
CA PRO C 79 -46.64 6.03 8.54
C PRO C 79 -46.20 4.73 7.84
N SER C 80 -46.95 3.64 8.04
CA SER C 80 -46.63 2.32 7.48
C SER C 80 -46.37 2.33 5.96
N ARG C 81 -47.10 3.15 5.17
CA ARG C 81 -46.92 3.24 3.71
C ARG C 81 -45.51 3.75 3.36
N VAL C 82 -45.02 4.73 4.13
CA VAL C 82 -43.69 5.33 3.99
C VAL C 82 -42.62 4.29 4.38
N VAL C 83 -42.76 3.66 5.55
CA VAL C 83 -41.87 2.61 6.04
C VAL C 83 -41.77 1.47 5.01
N ALA C 84 -42.94 0.98 4.49
CA ALA C 84 -42.97 -0.10 3.48
C ALA C 84 -42.11 0.25 2.24
N ARG C 85 -42.26 1.47 1.70
N ARG C 85 -42.26 1.47 1.71
CA ARG C 85 -41.51 1.92 0.53
CA ARG C 85 -41.51 1.94 0.53
C ARG C 85 -40.00 1.99 0.80
C ARG C 85 -40.01 2.01 0.80
N LEU C 86 -39.63 2.49 1.99
CA LEU C 86 -38.23 2.62 2.37
C LEU C 86 -37.56 1.26 2.59
N GLN C 87 -38.30 0.30 3.20
CA GLN C 87 -37.80 -1.06 3.42
C GLN C 87 -37.63 -1.80 2.06
N GLU C 88 -38.58 -1.61 1.12
CA GLU C 88 -38.51 -2.20 -0.22
C GLU C 88 -37.27 -1.67 -0.95
N PHE C 89 -37.04 -0.35 -0.89
CA PHE C 89 -35.87 0.29 -1.47
C PHE C 89 -34.57 -0.27 -0.82
N ALA C 90 -34.51 -0.36 0.52
CA ALA C 90 -33.38 -0.88 1.29
C ALA C 90 -33.07 -2.33 0.90
N TRP C 91 -34.09 -3.19 0.69
CA TRP C 91 -33.88 -4.60 0.30
C TRP C 91 -33.03 -4.65 -0.99
N GLY C 92 -33.31 -3.71 -1.90
CA GLY C 92 -32.49 -3.49 -3.08
C GLY C 92 -32.92 -4.10 -4.39
N ASP C 93 -33.44 -5.34 -4.35
CA ASP C 93 -33.82 -6.06 -5.56
C ASP C 93 -34.69 -5.23 -6.47
N MET C 94 -34.19 -5.00 -7.67
CA MET C 94 -34.81 -4.27 -8.78
C MET C 94 -35.22 -2.84 -8.37
N ASN C 95 -34.47 -2.22 -7.42
CA ASN C 95 -34.69 -0.82 -7.07
C ASN C 95 -34.08 -0.01 -8.26
N GLU C 96 -34.48 1.23 -8.43
CA GLU C 96 -34.02 2.01 -9.60
C GLU C 96 -32.63 2.65 -9.40
N GLY C 97 -31.96 2.32 -8.29
CA GLY C 97 -30.66 2.86 -7.90
C GLY C 97 -30.80 4.12 -7.05
N HIS C 98 -32.04 4.59 -6.87
CA HIS C 98 -32.35 5.81 -6.10
C HIS C 98 -33.83 5.90 -5.72
N LEU C 99 -34.10 6.76 -4.75
CA LEU C 99 -35.43 7.08 -4.31
C LEU C 99 -35.50 8.56 -4.00
N LEU C 100 -36.39 9.26 -4.72
CA LEU C 100 -36.61 10.68 -4.48
C LEU C 100 -37.85 10.80 -3.61
N ILE C 101 -37.71 11.48 -2.47
CA ILE C 101 -38.80 11.70 -1.53
C ILE C 101 -39.23 13.19 -1.61
N LYS C 102 -40.51 13.44 -1.86
CA LYS C 102 -41.06 14.81 -1.94
C LYS C 102 -42.05 15.03 -0.81
N GLY C 103 -42.29 16.29 -0.46
CA GLY C 103 -43.28 16.66 0.55
C GLY C 103 -42.82 16.58 1.98
N LEU C 104 -41.52 16.64 2.22
CA LEU C 104 -41.01 16.65 3.60
C LEU C 104 -41.47 17.95 4.30
N PRO C 105 -41.61 17.96 5.66
CA PRO C 105 -42.01 19.21 6.35
C PRO C 105 -41.05 20.34 6.03
N GLN C 106 -41.63 21.51 5.81
CA GLN C 106 -40.93 22.74 5.46
C GLN C 106 -39.97 23.16 6.56
N VAL C 107 -38.77 23.63 6.18
CA VAL C 107 -37.80 24.19 7.13
C VAL C 107 -38.24 25.67 7.28
N ARG C 108 -38.73 26.03 8.48
N ARG C 108 -38.74 26.04 8.47
CA ARG C 108 -39.28 27.36 8.79
CA ARG C 108 -39.27 27.39 8.75
C ARG C 108 -38.23 28.47 9.01
C ARG C 108 -38.21 28.47 8.99
N SER C 109 -37.19 28.18 9.82
CA SER C 109 -36.14 29.16 10.15
C SER C 109 -34.78 28.68 9.69
N LEU C 110 -34.59 28.59 8.36
CA LEU C 110 -33.32 28.16 7.80
C LEU C 110 -32.28 29.28 7.92
N PRO C 111 -31.13 29.02 8.57
CA PRO C 111 -30.08 30.06 8.64
C PRO C 111 -29.46 30.32 7.25
N PRO C 112 -28.63 31.37 7.04
CA PRO C 112 -28.05 31.55 5.70
C PRO C 112 -27.16 30.37 5.30
N THR C 113 -27.05 30.13 4.00
CA THR C 113 -26.22 29.06 3.48
C THR C 113 -24.76 29.38 3.87
N PRO C 114 -24.04 28.49 4.60
CA PRO C 114 -22.64 28.83 4.94
C PRO C 114 -21.78 28.93 3.68
N THR C 115 -20.78 29.85 3.68
CA THR C 115 -19.88 30.06 2.53
C THR C 115 -18.81 28.96 2.42
N SER C 116 -18.62 28.17 3.49
CA SER C 116 -17.71 27.02 3.50
C SER C 116 -18.46 25.82 4.08
N ASN C 117 -17.93 24.61 3.88
CA ASN C 117 -18.56 23.37 4.33
C ASN C 117 -18.01 22.81 5.67
N VAL C 118 -17.35 23.63 6.49
N VAL C 118 -17.54 23.70 6.57
CA VAL C 118 -16.70 23.13 7.71
CA VAL C 118 -16.96 23.33 7.87
C VAL C 118 -17.56 23.23 8.98
C VAL C 118 -17.77 23.83 9.12
N HIS C 119 -18.37 24.28 9.11
N HIS C 119 -18.86 24.59 8.92
CA HIS C 119 -19.17 24.64 10.29
CA HIS C 119 -19.69 25.10 10.02
C HIS C 119 -20.29 23.65 10.68
C HIS C 119 -20.68 24.04 10.56
N ALA C 120 -20.76 22.77 9.76
N ALA C 120 -20.88 22.94 9.80
CA ALA C 120 -21.83 21.79 9.97
CA ALA C 120 -21.82 21.83 10.12
C ALA C 120 -23.16 22.37 10.53
C ALA C 120 -23.21 22.36 10.55
N VAL C 121 -23.75 23.30 9.77
CA VAL C 121 -25.02 24.00 10.03
C VAL C 121 -26.26 23.08 9.92
N ALA C 122 -26.32 22.25 8.84
CA ALA C 122 -27.46 21.35 8.60
C ALA C 122 -27.76 20.43 9.78
N ALA C 123 -26.71 19.96 10.48
CA ALA C 123 -26.79 19.04 11.62
C ALA C 123 -27.61 19.54 12.83
N THR C 124 -27.90 20.85 12.92
CA THR C 124 -28.73 21.31 14.02
C THR C 124 -30.07 21.89 13.53
N THR C 125 -30.44 21.62 12.27
CA THR C 125 -31.71 22.09 11.72
C THR C 125 -32.79 21.02 11.96
N PRO C 126 -34.11 21.34 11.97
CA PRO C 126 -35.10 20.25 12.06
C PRO C 126 -35.01 19.25 10.88
N MET C 127 -34.48 19.68 9.71
CA MET C 127 -34.36 18.77 8.57
C MET C 127 -33.42 17.58 8.85
N SER C 128 -32.39 17.77 9.72
CA SER C 128 -31.45 16.72 10.10
C SER C 128 -32.20 15.58 10.82
N ARG C 129 -33.25 15.92 11.57
CA ARG C 129 -34.07 14.94 12.27
C ARG C 129 -34.99 14.18 11.33
N TYR C 130 -35.58 14.89 10.33
CA TYR C 130 -36.46 14.27 9.34
C TYR C 130 -35.63 13.31 8.50
N GLN C 131 -34.45 13.75 8.09
CA GLN C 131 -33.52 12.98 7.31
C GLN C 131 -33.04 11.77 8.10
N ALA C 132 -32.75 11.91 9.41
CA ALA C 132 -32.29 10.78 10.21
C ALA C 132 -33.38 9.69 10.33
N LEU C 133 -34.66 10.11 10.50
CA LEU C 133 -35.81 9.21 10.59
C LEU C 133 -35.96 8.38 9.31
N ILE C 134 -35.87 9.03 8.14
CA ILE C 134 -35.95 8.35 6.84
C ILE C 134 -34.71 7.46 6.66
N ASN C 135 -33.50 7.99 6.94
CA ASN C 135 -32.25 7.21 6.85
C ASN C 135 -32.31 5.91 7.65
N GLU C 136 -32.73 6.01 8.91
CA GLU C 136 -32.70 4.92 9.86
C GLU C 136 -33.79 3.84 9.57
N CYS C 137 -34.72 4.12 8.64
N CYS C 137 -34.69 4.14 8.64
CA CYS C 137 -35.69 3.14 8.15
CA CYS C 137 -35.71 3.22 8.17
C CYS C 137 -34.90 2.25 7.22
C CYS C 137 -35.13 2.37 7.02
N VAL C 138 -34.05 2.88 6.40
CA VAL C 138 -33.26 2.25 5.33
C VAL C 138 -32.07 1.43 5.91
N GLY C 139 -31.28 2.03 6.81
CA GLY C 139 -30.14 1.35 7.40
C GLY C 139 -29.52 2.18 8.50
N ARG C 140 -28.29 1.88 8.86
CA ARG C 140 -27.55 2.55 9.93
C ARG C 140 -26.73 3.73 9.40
N MET C 141 -26.92 4.90 10.00
CA MET C 141 -26.13 6.06 9.63
C MET C 141 -24.69 5.86 10.08
N ILE C 142 -23.76 6.34 9.29
CA ILE C 142 -22.33 6.22 9.55
C ILE C 142 -21.64 7.47 9.05
N ALA C 143 -20.46 7.78 9.61
CA ALA C 143 -19.65 8.91 9.15
C ALA C 143 -18.20 8.45 9.06
N TYR C 144 -17.38 9.24 8.39
CA TYR C 144 -15.97 8.94 8.11
C TYR C 144 -15.13 10.09 8.55
N GLU C 145 -14.12 9.83 9.39
CA GLU C 145 -13.20 10.84 9.89
C GLU C 145 -12.57 11.62 8.71
N ALA C 146 -12.20 10.94 7.62
CA ALA C 146 -11.56 11.56 6.45
C ALA C 146 -12.52 12.34 5.51
N GLU C 147 -13.85 12.22 5.73
CA GLU C 147 -14.84 12.91 4.93
C GLU C 147 -15.62 13.91 5.79
N GLY C 148 -15.30 15.19 5.63
CA GLY C 148 -15.91 16.27 6.38
C GLY C 148 -15.82 16.14 7.89
N HIS C 149 -14.65 15.71 8.40
N HIS C 149 -14.65 15.72 8.41
CA HIS C 149 -14.30 15.54 9.83
CA HIS C 149 -14.30 15.53 9.82
C HIS C 149 -15.29 14.64 10.63
C HIS C 149 -15.29 14.64 10.63
N GLY C 150 -15.87 13.65 9.95
CA GLY C 150 -16.81 12.71 10.56
C GLY C 150 -18.12 13.30 11.03
N HIS C 151 -18.52 14.46 10.48
CA HIS C 151 -19.80 15.11 10.82
C HIS C 151 -20.94 14.19 10.37
N THR C 152 -21.92 13.97 11.25
CA THR C 152 -23.09 13.11 11.00
C THR C 152 -23.84 13.58 9.76
N PHE C 153 -23.95 14.91 9.61
CA PHE C 153 -24.53 15.57 8.45
C PHE C 153 -23.52 16.57 7.99
N GLN C 154 -23.22 16.56 6.69
CA GLN C 154 -22.27 17.50 6.13
C GLN C 154 -23.03 18.53 5.31
N ASP C 155 -22.58 19.76 5.36
CA ASP C 155 -23.18 20.83 4.55
C ASP C 155 -22.62 20.71 3.13
N MET C 156 -23.48 20.48 2.14
N MET C 156 -23.50 20.48 2.15
CA MET C 156 -23.05 20.39 0.74
CA MET C 156 -23.16 20.40 0.73
C MET C 156 -23.42 21.73 0.14
C MET C 156 -23.47 21.78 0.19
N VAL C 157 -22.47 22.66 0.22
CA VAL C 157 -22.60 24.04 -0.20
C VAL C 157 -21.50 24.36 -1.22
N PRO C 158 -21.68 25.36 -2.11
CA PRO C 158 -20.61 25.70 -3.06
C PRO C 158 -19.31 26.14 -2.35
N SER C 159 -18.18 25.70 -2.87
CA SER C 159 -16.88 26.04 -2.29
C SER C 159 -16.24 27.15 -3.10
N ALA C 160 -15.66 28.16 -2.45
CA ALA C 160 -14.98 29.22 -3.17
C ALA C 160 -13.50 28.82 -3.37
N MET C 161 -13.09 27.68 -2.80
CA MET C 161 -11.72 27.15 -2.86
C MET C 161 -11.38 26.57 -4.23
N SER C 162 -10.28 27.05 -4.84
CA SER C 162 -9.75 26.52 -6.09
C SER C 162 -8.30 26.09 -5.84
N ALA C 163 -8.10 24.77 -5.63
CA ALA C 163 -6.79 24.15 -5.36
C ALA C 163 -5.94 24.04 -6.65
N HIS C 164 -4.70 23.49 -6.52
CA HIS C 164 -3.69 23.32 -7.59
C HIS C 164 -4.23 22.76 -8.92
N SER C 165 -3.78 23.37 -10.05
CA SER C 165 -4.09 23.03 -11.45
C SER C 165 -5.60 22.97 -11.79
N GLN C 166 -6.35 24.03 -11.42
CA GLN C 166 -7.79 24.17 -11.68
C GLN C 166 -8.11 25.60 -12.08
N THR C 167 -8.67 25.81 -13.30
CA THR C 167 -9.03 27.13 -13.85
C THR C 167 -10.20 27.80 -13.11
N SER C 168 -10.99 26.97 -12.39
CA SER C 168 -12.16 27.28 -11.55
C SER C 168 -12.63 25.95 -10.97
N LEU C 169 -12.96 25.90 -9.66
CA LEU C 169 -13.34 24.64 -9.02
C LEU C 169 -14.76 24.61 -8.44
N GLY C 170 -15.27 23.39 -8.30
CA GLY C 170 -16.55 23.04 -7.69
C GLY C 170 -17.75 23.07 -8.61
N SER C 171 -18.45 24.20 -8.58
CA SER C 171 -19.66 24.48 -9.31
C SER C 171 -19.41 24.91 -10.74
N ALA C 172 -18.32 25.66 -10.99
CA ALA C 172 -17.96 26.16 -12.33
C ALA C 172 -17.62 25.05 -13.34
N VAL C 173 -17.34 23.83 -12.83
CA VAL C 173 -17.08 22.62 -13.60
C VAL C 173 -18.10 21.52 -13.20
N GLU C 174 -18.39 20.60 -14.13
CA GLU C 174 -19.33 19.52 -13.86
C GLU C 174 -18.70 18.52 -12.88
N LEU C 175 -19.46 18.08 -11.87
CA LEU C 175 -19.03 17.03 -10.94
C LEU C 175 -19.24 15.72 -11.71
N GLU C 176 -18.14 15.10 -12.10
CA GLU C 176 -18.12 13.89 -12.94
C GLU C 176 -18.74 12.66 -12.28
N LEU C 177 -19.26 11.73 -13.10
CA LEU C 177 -19.90 10.50 -12.65
C LEU C 177 -19.02 9.71 -11.69
N HIS C 178 -19.64 9.25 -10.60
CA HIS C 178 -18.89 8.50 -9.63
C HIS C 178 -19.74 7.77 -8.63
N THR C 179 -19.17 6.73 -8.05
N THR C 179 -19.10 6.78 -8.02
CA THR C 179 -19.75 6.07 -6.90
CA THR C 179 -19.50 5.97 -6.88
C THR C 179 -18.97 6.71 -5.74
C THR C 179 -18.89 6.76 -5.71
N GLU C 180 -19.59 6.80 -4.57
CA GLU C 180 -19.02 7.42 -3.40
C GLU C 180 -17.96 6.51 -2.80
N GLN C 181 -16.73 7.05 -2.59
CA GLN C 181 -15.57 6.30 -2.04
C GLN C 181 -15.31 5.02 -2.84
N ALA C 182 -15.13 5.14 -4.16
CA ALA C 182 -14.85 4.00 -5.05
C ALA C 182 -13.61 3.18 -4.60
N PHE C 183 -12.63 3.85 -3.97
CA PHE C 183 -11.36 3.24 -3.49
C PHE C 183 -11.54 2.42 -2.19
N SER C 184 -12.64 2.65 -1.46
CA SER C 184 -12.84 2.09 -0.13
C SER C 184 -13.78 0.88 0.02
N PRO C 185 -13.32 -0.24 0.61
CA PRO C 185 -14.25 -1.34 0.93
C PRO C 185 -15.28 -0.95 2.00
N LEU C 186 -14.99 0.12 2.78
CA LEU C 186 -15.94 0.58 3.81
C LEU C 186 -16.89 1.69 3.31
N ARG C 187 -16.95 1.88 1.98
CA ARG C 187 -17.80 2.85 1.29
C ARG C 187 -19.27 2.72 1.70
N PRO C 188 -20.02 3.83 1.71
CA PRO C 188 -21.43 3.73 2.12
C PRO C 188 -22.29 2.91 1.13
N ASP C 189 -23.34 2.28 1.64
CA ASP C 189 -24.31 1.53 0.82
C ASP C 189 -25.29 2.54 0.21
N PHE C 190 -25.52 3.66 0.90
CA PHE C 190 -26.41 4.73 0.42
C PHE C 190 -25.86 6.09 0.75
N VAL C 191 -26.14 7.04 -0.15
CA VAL C 191 -25.82 8.45 0.07
C VAL C 191 -27.21 9.12 0.25
N SER C 192 -27.34 9.93 1.31
CA SER C 192 -28.60 10.60 1.62
C SER C 192 -28.43 12.11 1.48
N LEU C 193 -29.27 12.72 0.65
CA LEU C 193 -29.19 14.17 0.42
C LEU C 193 -30.52 14.86 0.67
N ALA C 194 -30.61 15.73 1.67
CA ALA C 194 -31.84 16.48 1.93
C ALA C 194 -31.62 17.92 1.52
N CYS C 195 -32.56 18.45 0.73
CA CYS C 195 -32.43 19.80 0.21
C CYS C 195 -33.01 20.86 1.15
N LEU C 196 -32.16 21.80 1.59
CA LEU C 196 -32.52 22.95 2.46
C LEU C 196 -32.77 24.18 1.56
N ARG C 197 -31.88 24.40 0.58
CA ARG C 197 -32.00 25.42 -0.47
C ARG C 197 -31.55 24.76 -1.76
N GLY C 198 -32.31 24.95 -2.82
CA GLY C 198 -31.94 24.39 -4.11
C GLY C 198 -31.36 25.49 -4.99
N ASP C 199 -30.98 25.14 -6.21
CA ASP C 199 -30.54 26.08 -7.21
C ASP C 199 -31.08 25.51 -8.53
N PRO C 200 -31.93 26.31 -9.25
CA PRO C 200 -32.52 25.79 -10.51
C PRO C 200 -31.52 25.35 -11.58
N ARG C 201 -30.30 25.89 -11.52
CA ARG C 201 -29.26 25.54 -12.50
C ARG C 201 -28.46 24.31 -12.06
N ALA C 202 -28.66 23.81 -10.83
CA ALA C 202 -27.93 22.65 -10.32
C ALA C 202 -28.72 21.35 -10.42
N LEU C 203 -28.37 20.55 -11.42
CA LEU C 203 -29.01 19.28 -11.69
C LEU C 203 -28.19 18.12 -11.12
N THR C 204 -28.86 17.21 -10.44
CA THR C 204 -28.25 16.00 -9.92
C THR C 204 -28.45 14.99 -11.04
N TYR C 205 -27.42 14.21 -11.35
CA TYR C 205 -27.53 13.21 -12.42
C TYR C 205 -27.41 11.86 -11.82
N LEU C 206 -28.22 10.92 -12.30
CA LEU C 206 -28.22 9.55 -11.82
C LEU C 206 -28.13 8.59 -13.01
N PHE C 207 -27.34 7.52 -12.86
CA PHE C 207 -27.15 6.54 -13.90
C PHE C 207 -26.92 5.19 -13.25
N SER C 208 -27.84 4.25 -13.48
CA SER C 208 -27.77 2.95 -12.83
C SER C 208 -26.93 1.94 -13.56
N ALA C 209 -26.42 0.95 -12.82
CA ALA C 209 -25.64 -0.18 -13.37
C ALA C 209 -26.54 -0.96 -14.35
N ARG C 210 -27.86 -1.04 -14.09
CA ARG C 210 -28.82 -1.70 -15.02
C ARG C 210 -28.94 -0.92 -16.32
N GLN C 211 -28.93 0.42 -16.25
CA GLN C 211 -28.96 1.26 -17.46
C GLN C 211 -27.70 1.04 -18.27
N LEU C 212 -26.53 0.98 -17.58
CA LEU C 212 -25.24 0.75 -18.23
C LEU C 212 -25.22 -0.58 -19.01
N VAL C 213 -25.52 -1.69 -18.32
CA VAL C 213 -25.51 -3.06 -18.87
C VAL C 213 -26.43 -3.19 -20.12
N ALA C 214 -27.57 -2.46 -20.15
CA ALA C 214 -28.50 -2.48 -21.30
C ALA C 214 -27.88 -1.88 -22.58
N THR C 215 -26.81 -1.05 -22.45
CA THR C 215 -26.16 -0.39 -23.59
C THR C 215 -24.89 -1.15 -24.07
N LEU C 216 -24.41 -2.11 -23.30
CA LEU C 216 -23.17 -2.81 -23.60
C LEU C 216 -23.32 -4.15 -24.28
N THR C 217 -22.26 -4.56 -24.96
CA THR C 217 -22.21 -5.89 -25.60
C THR C 217 -21.86 -6.88 -24.50
N THR C 218 -22.08 -8.17 -24.76
CA THR C 218 -21.77 -9.28 -23.86
C THR C 218 -20.29 -9.26 -23.44
N GLN C 219 -19.38 -8.98 -24.41
CA GLN C 219 -17.92 -8.92 -24.20
C GLN C 219 -17.53 -7.76 -23.29
N GLU C 220 -18.14 -6.57 -23.49
CA GLU C 220 -17.87 -5.39 -22.66
C GLU C 220 -18.30 -5.65 -21.24
N ILE C 221 -19.47 -6.29 -21.01
CA ILE C 221 -19.96 -6.63 -19.67
C ILE C 221 -18.97 -7.58 -18.97
N ALA C 222 -18.52 -8.64 -19.69
CA ALA C 222 -17.55 -9.61 -19.18
C ALA C 222 -16.23 -8.95 -18.80
N MET C 223 -15.75 -8.01 -19.61
CA MET C 223 -14.51 -7.26 -19.33
C MET C 223 -14.67 -6.33 -18.11
N LEU C 224 -15.83 -5.66 -17.95
CA LEU C 224 -16.10 -4.79 -16.81
C LEU C 224 -16.14 -5.58 -15.50
N ARG C 225 -16.46 -6.90 -15.60
CA ARG C 225 -16.48 -7.82 -14.47
C ARG C 225 -15.09 -8.38 -14.09
N GLU C 226 -14.07 -8.08 -14.91
CA GLU C 226 -12.68 -8.52 -14.69
C GLU C 226 -11.92 -7.48 -13.85
N PRO C 227 -10.97 -7.89 -12.99
CA PRO C 227 -10.24 -6.88 -12.18
C PRO C 227 -9.18 -6.15 -13.02
N MET C 228 -9.59 -5.11 -13.75
CA MET C 228 -8.71 -4.39 -14.66
C MET C 228 -8.48 -2.93 -14.30
N TRP C 229 -9.00 -2.47 -13.15
CA TRP C 229 -8.87 -1.06 -12.76
C TRP C 229 -8.26 -0.87 -11.39
N THR C 230 -7.13 -0.16 -11.33
CA THR C 230 -6.51 0.15 -10.04
C THR C 230 -7.26 1.37 -9.52
N THR C 231 -7.36 1.49 -8.22
CA THR C 231 -8.09 2.60 -7.64
C THR C 231 -7.17 3.43 -6.75
N THR C 232 -7.44 4.71 -6.62
CA THR C 232 -6.58 5.60 -5.85
C THR C 232 -7.40 6.36 -4.77
N VAL C 233 -6.85 6.51 -3.55
CA VAL C 233 -7.53 7.27 -2.47
C VAL C 233 -7.71 8.71 -2.96
N ASP C 234 -8.90 9.28 -2.73
CA ASP C 234 -9.24 10.64 -3.10
C ASP C 234 -8.34 11.64 -2.36
N GLU C 235 -7.87 12.70 -3.07
CA GLU C 235 -6.98 13.73 -2.50
C GLU C 235 -7.55 14.36 -1.21
N SER C 236 -8.89 14.52 -1.11
CA SER C 236 -9.54 15.09 0.07
C SER C 236 -9.40 14.19 1.33
N PHE C 237 -9.11 12.89 1.15
CA PHE C 237 -8.91 11.93 2.24
C PHE C 237 -7.46 12.00 2.78
N LEU C 238 -6.53 12.60 2.01
CA LEU C 238 -5.14 12.71 2.42
C LEU C 238 -4.96 13.79 3.48
N ALA C 239 -3.94 13.62 4.35
CA ALA C 239 -3.59 14.54 5.44
C ALA C 239 -2.17 14.25 5.88
N GLU C 240 -1.52 15.25 6.52
CA GLU C 240 -0.16 15.12 7.02
C GLU C 240 -0.10 13.98 8.06
N GLY C 241 0.89 13.11 7.91
CA GLY C 241 1.10 11.95 8.78
C GLY C 241 0.02 10.88 8.71
N ARG C 242 -0.88 10.96 7.72
CA ARG C 242 -1.96 9.97 7.58
C ARG C 242 -1.55 8.87 6.60
N THR C 243 -1.63 7.63 7.09
CA THR C 243 -1.32 6.42 6.33
C THR C 243 -2.56 5.53 6.34
N PHE C 244 -2.89 4.93 5.21
CA PHE C 244 -4.02 4.02 5.10
C PHE C 244 -3.51 2.61 5.16
N LEU C 245 -4.20 1.76 5.92
CA LEU C 245 -3.90 0.35 6.10
C LEU C 245 -3.88 -0.35 4.73
N LEU C 246 -4.77 0.05 3.83
CA LEU C 246 -4.90 -0.50 2.47
C LEU C 246 -4.07 0.26 1.41
N GLY C 247 -3.26 1.21 1.85
CA GLY C 247 -2.38 1.98 0.98
C GLY C 247 -3.07 3.06 0.17
N PHE C 248 -2.28 3.78 -0.65
CA PHE C 248 -2.79 4.87 -1.48
C PHE C 248 -3.45 4.33 -2.75
N GLU C 249 -2.81 3.31 -3.37
CA GLU C 249 -3.27 2.66 -4.60
C GLU C 249 -3.75 1.26 -4.28
N ARG C 250 -4.98 0.94 -4.70
CA ARG C 250 -5.62 -0.34 -4.44
C ARG C 250 -6.01 -1.06 -5.71
N GLY C 251 -6.34 -2.33 -5.56
CA GLY C 251 -6.79 -3.17 -6.67
C GLY C 251 -5.68 -3.94 -7.33
N PRO C 252 -5.83 -4.30 -8.62
CA PRO C 252 -6.96 -3.97 -9.51
C PRO C 252 -8.29 -4.60 -9.08
N ILE C 253 -9.37 -3.86 -9.37
CA ILE C 253 -10.73 -4.27 -9.04
C ILE C 253 -11.60 -4.25 -10.32
N PRO C 254 -12.71 -5.00 -10.36
CA PRO C 254 -13.64 -4.85 -11.49
C PRO C 254 -14.51 -3.60 -11.33
N ILE C 255 -15.14 -3.16 -12.43
CA ILE C 255 -16.09 -2.05 -12.35
C ILE C 255 -17.47 -2.66 -11.99
N LEU C 256 -17.84 -3.79 -12.65
CA LEU C 256 -19.10 -4.45 -12.38
C LEU C 256 -18.93 -5.73 -11.57
N SER C 257 -19.93 -6.05 -10.75
CA SER C 257 -19.97 -7.28 -9.95
C SER C 257 -21.45 -7.63 -9.67
N GLY C 258 -21.67 -8.72 -8.94
CA GLY C 258 -23.00 -9.14 -8.53
C GLY C 258 -23.79 -9.90 -9.55
N ALA C 259 -25.11 -10.01 -9.32
CA ALA C 259 -26.04 -10.73 -10.21
C ALA C 259 -26.04 -10.11 -11.61
N ASP C 260 -26.27 -10.92 -12.64
CA ASP C 260 -26.33 -10.48 -14.02
C ASP C 260 -27.50 -9.50 -14.24
N ASP C 261 -28.66 -9.76 -13.60
CA ASP C 261 -29.86 -8.92 -13.73
C ASP C 261 -29.95 -7.79 -12.69
N ASP C 262 -29.03 -7.74 -11.71
CA ASP C 262 -29.01 -6.68 -10.71
C ASP C 262 -27.54 -6.35 -10.39
N PRO C 263 -26.77 -5.82 -11.37
CA PRO C 263 -25.34 -5.62 -11.12
C PRO C 263 -24.98 -4.48 -10.19
N PHE C 264 -23.82 -4.63 -9.52
CA PHE C 264 -23.26 -3.60 -8.67
C PHE C 264 -22.13 -2.92 -9.42
N ILE C 265 -21.94 -1.64 -9.15
CA ILE C 265 -20.98 -0.81 -9.84
C ILE C 265 -20.09 -0.08 -8.86
N VAL C 266 -18.80 0.03 -9.21
CA VAL C 266 -17.80 0.84 -8.53
C VAL C 266 -17.15 1.62 -9.70
N PHE C 267 -17.26 2.95 -9.70
CA PHE C 267 -16.71 3.74 -10.80
C PHE C 267 -16.27 5.12 -10.36
N ASP C 268 -15.15 5.60 -10.93
CA ASP C 268 -14.66 6.95 -10.71
C ASP C 268 -13.58 7.20 -11.74
N GLN C 269 -13.79 8.01 -12.79
CA GLN C 269 -12.69 8.20 -13.75
C GLN C 269 -11.43 8.82 -13.16
N ASP C 270 -11.56 9.81 -12.26
CA ASP C 270 -10.34 10.41 -11.69
C ASP C 270 -9.55 9.45 -10.80
N LEU C 271 -10.24 8.55 -10.12
CA LEU C 271 -9.62 7.63 -9.18
C LEU C 271 -9.42 6.19 -9.67
N MET C 272 -9.78 5.90 -10.95
N MET C 272 -9.75 5.88 -10.94
CA MET C 272 -9.61 4.55 -11.49
CA MET C 272 -9.48 4.53 -11.40
C MET C 272 -8.83 4.57 -12.80
C MET C 272 -8.81 4.56 -12.77
N ARG C 273 -7.79 3.72 -12.90
CA ARG C 273 -6.96 3.63 -14.09
C ARG C 273 -6.95 2.21 -14.59
N GLY C 274 -7.26 2.05 -15.87
CA GLY C 274 -7.21 0.75 -16.53
C GLY C 274 -5.77 0.26 -16.60
N ILE C 275 -5.58 -1.03 -16.32
CA ILE C 275 -4.25 -1.67 -16.33
C ILE C 275 -3.71 -1.87 -17.76
N SER C 276 -4.58 -1.76 -18.77
CA SER C 276 -4.24 -1.93 -20.19
C SER C 276 -5.04 -0.92 -21.04
N ALA C 277 -4.66 -0.75 -22.34
CA ALA C 277 -5.36 0.13 -23.29
C ALA C 277 -6.85 -0.27 -23.44
N PRO C 278 -7.22 -1.59 -23.60
CA PRO C 278 -8.66 -1.93 -23.65
C PRO C 278 -9.44 -1.54 -22.38
N ALA C 279 -8.84 -1.68 -21.18
CA ALA C 279 -9.46 -1.31 -19.89
C ALA C 279 -9.68 0.19 -19.83
N GLN C 280 -8.74 0.97 -20.38
CA GLN C 280 -8.83 2.43 -20.44
C GLN C 280 -9.95 2.82 -21.40
N GLU C 281 -10.05 2.15 -22.59
CA GLU C 281 -11.12 2.43 -23.55
C GLU C 281 -12.50 2.08 -23.01
N LEU C 282 -12.61 0.99 -22.23
CA LEU C 282 -13.87 0.59 -21.60
C LEU C 282 -14.39 1.62 -20.60
N GLN C 283 -13.47 2.33 -19.92
CA GLN C 283 -13.84 3.41 -18.99
C GLN C 283 -14.53 4.52 -19.79
N GLN C 284 -13.98 4.85 -20.98
CA GLN C 284 -14.54 5.86 -21.89
C GLN C 284 -15.93 5.44 -22.39
N THR C 285 -16.12 4.14 -22.64
CA THR C 285 -17.41 3.58 -23.05
C THR C 285 -18.47 3.81 -21.97
N VAL C 286 -18.12 3.57 -20.68
CA VAL C 286 -19.00 3.80 -19.52
C VAL C 286 -19.38 5.29 -19.46
N ILE C 287 -18.38 6.18 -19.64
CA ILE C 287 -18.61 7.64 -19.58
C ILE C 287 -19.59 8.08 -20.69
N ARG C 288 -19.37 7.60 -21.93
CA ARG C 288 -20.27 7.94 -23.04
C ARG C 288 -21.70 7.44 -22.78
N ALA C 289 -21.85 6.21 -22.20
CA ALA C 289 -23.16 5.62 -21.89
C ALA C 289 -23.85 6.49 -20.82
N TYR C 290 -23.08 6.99 -19.84
CA TYR C 290 -23.58 7.87 -18.79
C TYR C 290 -24.14 9.17 -19.40
N TYR C 291 -23.36 9.83 -20.30
CA TYR C 291 -23.82 11.07 -20.94
C TYR C 291 -25.07 10.88 -21.79
N ALA C 292 -25.22 9.70 -22.40
CA ALA C 292 -26.35 9.37 -23.25
C ALA C 292 -27.62 9.00 -22.51
N GLU C 293 -27.50 8.29 -21.37
CA GLU C 293 -28.63 7.71 -20.65
C GLU C 293 -28.95 8.28 -19.27
N ARG C 294 -28.05 9.08 -18.68
CA ARG C 294 -28.29 9.62 -17.33
C ARG C 294 -29.65 10.36 -17.20
N VAL C 295 -30.25 10.25 -16.01
CA VAL C 295 -31.47 10.95 -15.68
C VAL C 295 -31.05 12.15 -14.82
N SER C 296 -31.81 13.22 -14.86
CA SER C 296 -31.52 14.42 -14.09
C SER C 296 -32.70 14.83 -13.21
N HIS C 297 -32.39 15.55 -12.13
CA HIS C 297 -33.37 16.11 -11.23
C HIS C 297 -32.76 17.31 -10.54
N CYS C 298 -33.53 18.39 -10.45
CA CYS C 298 -33.08 19.58 -9.77
C CYS C 298 -33.65 19.50 -8.36
N LEU C 299 -32.79 19.27 -7.35
CA LEU C 299 -33.27 19.18 -5.97
C LEU C 299 -33.85 20.52 -5.49
N ALA C 300 -35.05 20.45 -4.89
CA ALA C 300 -35.80 21.61 -4.38
C ALA C 300 -36.06 21.45 -2.87
N PRO C 301 -36.25 22.56 -2.11
CA PRO C 301 -36.55 22.42 -0.66
C PRO C 301 -37.74 21.48 -0.39
N GLY C 302 -37.63 20.64 0.62
CA GLY C 302 -38.68 19.67 0.91
C GLY C 302 -38.40 18.34 0.26
N GLU C 303 -37.28 18.24 -0.48
CA GLU C 303 -36.97 16.98 -1.14
C GLU C 303 -35.76 16.35 -0.52
N MET C 304 -35.75 15.04 -0.60
CA MET C 304 -34.69 14.20 -0.11
C MET C 304 -34.39 13.15 -1.15
N LEU C 305 -33.13 12.96 -1.48
CA LEU C 305 -32.74 11.94 -2.45
C LEU C 305 -31.87 10.89 -1.77
N LEU C 306 -32.27 9.61 -1.89
CA LEU C 306 -31.49 8.47 -1.42
C LEU C 306 -30.87 7.84 -2.65
N ILE C 307 -29.55 7.69 -2.68
CA ILE C 307 -28.83 7.09 -3.82
C ILE C 307 -28.31 5.74 -3.36
N ASP C 308 -28.61 4.67 -4.11
CA ASP C 308 -28.08 3.33 -3.80
C ASP C 308 -26.66 3.33 -4.39
N ASN C 309 -25.67 3.45 -3.51
CA ASN C 309 -24.26 3.58 -3.87
C ASN C 309 -23.63 2.30 -4.47
N ARG C 310 -24.37 1.18 -4.47
CA ARG C 310 -23.93 -0.06 -5.10
C ARG C 310 -24.53 -0.21 -6.49
N ARG C 311 -25.71 0.41 -6.70
CA ARG C 311 -26.47 0.22 -7.93
C ARG C 311 -26.48 1.40 -8.91
N ALA C 312 -25.94 2.55 -8.50
CA ALA C 312 -25.94 3.74 -9.36
C ALA C 312 -24.76 4.64 -9.10
N VAL C 313 -24.37 5.39 -10.14
CA VAL C 313 -23.34 6.43 -10.07
C VAL C 313 -24.09 7.76 -10.10
N HIS C 314 -23.46 8.82 -9.64
CA HIS C 314 -24.08 10.11 -9.59
C HIS C 314 -23.11 11.22 -10.04
N GLY C 315 -23.70 12.33 -10.45
CA GLY C 315 -22.97 13.52 -10.90
C GLY C 315 -23.79 14.76 -10.63
N ARG C 316 -23.27 15.91 -11.03
CA ARG C 316 -23.94 17.19 -10.83
C ARG C 316 -23.46 18.18 -11.87
N SER C 317 -24.38 18.98 -12.40
CA SER C 317 -24.10 19.97 -13.44
C SER C 317 -23.36 21.17 -12.88
N ILE C 318 -22.90 22.00 -13.80
CA ILE C 318 -22.35 23.31 -13.52
C ILE C 318 -23.50 24.19 -13.03
N PHE C 319 -23.23 25.13 -12.11
CA PHE C 319 -24.17 26.16 -11.66
C PHE C 319 -23.38 27.40 -11.26
N ALA C 320 -24.05 28.53 -11.04
CA ALA C 320 -23.34 29.78 -10.77
C ALA C 320 -23.68 30.33 -9.39
N PRO C 321 -23.00 29.84 -8.32
CA PRO C 321 -23.30 30.33 -6.96
C PRO C 321 -22.87 31.77 -6.77
N ARG C 322 -23.54 32.44 -5.84
CA ARG C 322 -23.32 33.85 -5.54
C ARG C 322 -22.58 34.08 -4.23
N PHE C 323 -22.56 33.12 -3.28
CA PHE C 323 -21.91 33.26 -1.96
C PHE C 323 -22.53 34.47 -1.20
N ASP C 324 -23.87 34.57 -1.28
CA ASP C 324 -24.68 35.66 -0.72
C ASP C 324 -25.61 35.23 0.45
N GLY C 325 -25.47 33.98 0.90
CA GLY C 325 -26.32 33.46 1.98
C GLY C 325 -27.55 32.69 1.52
N ALA C 326 -27.87 32.73 0.22
CA ALA C 326 -29.05 32.03 -0.33
C ALA C 326 -28.68 30.92 -1.36
N ASP C 327 -27.42 30.51 -1.38
CA ASP C 327 -26.96 29.47 -2.29
C ASP C 327 -27.53 28.10 -1.97
N ARG C 328 -27.39 27.21 -2.94
CA ARG C 328 -27.80 25.82 -2.82
C ARG C 328 -27.18 25.24 -1.53
N PHE C 329 -27.98 24.51 -0.77
CA PHE C 329 -27.56 23.96 0.51
C PHE C 329 -28.23 22.61 0.71
N LEU C 330 -27.43 21.54 0.69
CA LEU C 330 -27.94 20.19 0.96
C LEU C 330 -27.30 19.68 2.22
N SER C 331 -28.00 18.77 2.88
CA SER C 331 -27.51 18.09 4.07
C SER C 331 -27.20 16.67 3.61
N ARG C 332 -25.91 16.29 3.68
CA ARG C 332 -25.49 14.96 3.24
C ARG C 332 -25.18 14.05 4.39
N SER C 333 -25.64 12.80 4.29
CA SER C 333 -25.32 11.79 5.28
C SER C 333 -25.14 10.45 4.58
N PHE C 334 -24.57 9.48 5.30
CA PHE C 334 -24.26 8.17 4.74
C PHE C 334 -24.95 7.08 5.49
N ILE C 335 -25.26 6.00 4.79
CA ILE C 335 -25.96 4.85 5.37
C ILE C 335 -25.25 3.56 4.98
N VAL C 336 -25.15 2.63 5.93
CA VAL C 336 -24.64 1.27 5.71
C VAL C 336 -25.72 0.28 6.20
N ALA C 337 -25.84 -0.87 5.53
CA ALA C 337 -26.84 -1.87 5.94
C ALA C 337 -26.40 -2.53 7.22
N ASP C 338 -25.08 -2.77 7.31
CA ASP C 338 -24.42 -3.48 8.39
C ASP C 338 -23.33 -2.67 9.06
N GLY C 339 -23.58 -2.23 10.31
CA GLY C 339 -22.61 -1.54 11.14
C GLY C 339 -21.46 -2.42 11.62
N SER C 340 -21.64 -3.78 11.66
CA SER C 340 -20.59 -4.70 12.11
C SER C 340 -19.42 -4.76 11.14
N ARG C 341 -19.67 -4.48 9.84
CA ARG C 341 -18.61 -4.46 8.83
C ARG C 341 -17.55 -3.38 9.10
N SER C 342 -17.94 -2.29 9.80
CA SER C 342 -16.99 -1.21 10.13
C SER C 342 -16.60 -1.20 11.59
N ARG C 343 -17.07 -2.17 12.40
CA ARG C 343 -16.77 -2.18 13.84
C ARG C 343 -15.26 -2.10 14.14
N HIS C 344 -14.42 -2.80 13.33
CA HIS C 344 -12.95 -2.80 13.49
C HIS C 344 -12.36 -1.37 13.33
N ALA C 345 -13.09 -0.49 12.64
CA ALA C 345 -12.68 0.88 12.28
C ALA C 345 -13.33 1.96 13.15
N ARG C 346 -14.23 1.57 14.07
CA ARG C 346 -14.95 2.51 14.93
C ARG C 346 -14.63 2.27 16.40
N SER C 347 -15.08 3.17 17.25
CA SER C 347 -14.94 2.94 18.68
C SER C 347 -16.30 2.37 19.14
N SER C 348 -16.34 1.78 20.35
CA SER C 348 -17.58 1.22 20.92
C SER C 348 -18.63 2.35 20.99
N PHE C 349 -19.86 2.12 20.49
CA PHE C 349 -20.94 3.13 20.45
C PHE C 349 -20.49 4.40 19.67
N GLY C 350 -19.65 4.20 18.67
CA GLY C 350 -19.15 5.27 17.82
C GLY C 350 -19.72 5.10 16.43
N ARG C 351 -19.95 6.20 15.73
CA ARG C 351 -20.50 6.17 14.37
C ARG C 351 -19.48 6.61 13.32
N VAL C 352 -18.23 6.86 13.75
CA VAL C 352 -17.19 7.40 12.87
C VAL C 352 -16.12 6.37 12.51
N VAL C 353 -15.93 6.12 11.20
CA VAL C 353 -14.88 5.24 10.67
C VAL C 353 -13.55 6.02 10.72
N SER C 354 -12.55 5.48 11.43
CA SER C 354 -11.23 6.10 11.50
C SER C 354 -10.56 6.17 10.13
N ALA C 355 -9.94 7.32 9.83
CA ALA C 355 -9.30 7.62 8.55
C ALA C 355 -8.39 6.52 7.99
N ARG C 356 -7.51 5.93 8.83
CA ARG C 356 -6.57 4.89 8.38
C ARG C 356 -7.27 3.64 7.84
N PHE C 357 -8.57 3.46 8.19
CA PHE C 357 -9.35 2.31 7.75
C PHE C 357 -10.08 2.52 6.45
N SER C 358 -10.12 3.75 5.94
CA SER C 358 -10.78 4.03 4.65
C SER C 358 -9.93 3.45 3.48
N PRO D 33 -22.71 -22.06 34.42
CA PRO D 33 -23.40 -20.78 34.54
C PRO D 33 -24.54 -20.63 33.54
N GLU D 34 -25.67 -20.08 34.02
CA GLU D 34 -26.88 -19.85 33.22
C GLU D 34 -26.76 -18.59 32.38
N VAL D 35 -27.65 -18.43 31.38
CA VAL D 35 -27.73 -17.26 30.49
C VAL D 35 -28.19 -16.04 31.32
N SER D 36 -27.62 -14.85 31.07
CA SER D 36 -27.96 -13.61 31.77
C SER D 36 -28.65 -12.60 30.84
N ALA D 37 -28.19 -12.51 29.56
CA ALA D 37 -28.67 -11.65 28.46
C ALA D 37 -30.10 -12.10 28.06
N ILE D 38 -31.09 -11.64 28.85
CA ILE D 38 -32.49 -12.06 28.73
C ILE D 38 -33.47 -10.91 28.52
N LEU D 39 -34.45 -11.14 27.66
CA LEU D 39 -35.57 -10.24 27.40
C LEU D 39 -36.84 -11.03 27.78
N VAL D 40 -37.53 -10.57 28.83
CA VAL D 40 -38.75 -11.23 29.29
C VAL D 40 -39.95 -10.41 28.80
N LEU D 41 -40.79 -11.00 27.94
CA LEU D 41 -41.99 -10.32 27.49
C LEU D 41 -43.05 -10.39 28.57
N THR D 42 -43.70 -9.26 28.87
CA THR D 42 -44.82 -9.26 29.83
C THR D 42 -46.03 -9.85 29.07
N SER D 43 -47.13 -10.19 29.79
CA SER D 43 -48.35 -10.73 29.17
C SER D 43 -48.92 -9.77 28.14
N SER D 44 -48.87 -8.45 28.44
CA SER D 44 -49.33 -7.39 27.53
C SER D 44 -48.47 -7.36 26.25
N GLU D 45 -47.13 -7.49 26.38
CA GLU D 45 -46.19 -7.51 25.24
C GLU D 45 -46.41 -8.76 24.38
N ALA D 46 -46.61 -9.94 25.03
CA ALA D 46 -46.88 -11.22 24.34
C ALA D 46 -48.20 -11.11 23.56
N SER D 47 -49.25 -10.46 24.16
CA SER D 47 -50.55 -10.23 23.53
C SER D 47 -50.42 -9.30 22.32
N THR D 48 -49.62 -8.22 22.43
CA THR D 48 -49.37 -7.27 21.32
C THR D 48 -48.69 -8.05 20.15
N LEU D 49 -47.68 -8.88 20.46
CA LEU D 49 -46.97 -9.68 19.47
C LEU D 49 -47.94 -10.64 18.73
N GLU D 50 -48.85 -11.29 19.47
CA GLU D 50 -49.86 -12.19 18.91
C GLU D 50 -50.81 -11.42 17.95
N ARG D 51 -51.21 -10.20 18.32
CA ARG D 51 -52.07 -9.34 17.51
C ARG D 51 -51.33 -8.83 16.26
N VAL D 52 -50.07 -8.39 16.41
CA VAL D 52 -49.22 -7.89 15.32
C VAL D 52 -48.94 -9.01 14.27
N ALA D 53 -48.87 -10.28 14.72
CA ALA D 53 -48.68 -11.44 13.84
C ALA D 53 -49.80 -11.58 12.80
N ASP D 54 -51.02 -11.06 13.07
CA ASP D 54 -52.15 -11.09 12.12
C ASP D 54 -51.88 -10.27 10.87
N LEU D 55 -50.90 -9.35 10.93
CA LEU D 55 -50.48 -8.54 9.78
C LEU D 55 -49.55 -9.30 8.84
N VAL D 56 -49.06 -10.49 9.26
CA VAL D 56 -48.19 -11.34 8.46
C VAL D 56 -49.05 -12.47 7.90
N THR D 57 -49.53 -12.30 6.66
CA THR D 57 -50.49 -13.21 6.02
C THR D 57 -49.91 -14.06 4.88
N ALA D 58 -48.72 -13.67 4.33
CA ALA D 58 -48.10 -14.45 3.24
C ALA D 58 -47.62 -15.81 3.72
N HIS D 59 -47.52 -16.76 2.80
CA HIS D 59 -47.07 -18.12 3.14
C HIS D 59 -45.54 -18.11 3.34
N ALA D 60 -45.06 -18.56 4.51
CA ALA D 60 -43.62 -18.57 4.84
C ALA D 60 -42.79 -19.42 3.87
N LEU D 61 -43.35 -20.53 3.36
CA LEU D 61 -42.62 -21.38 2.44
C LEU D 61 -42.81 -21.04 0.98
N TYR D 62 -44.04 -20.70 0.58
CA TYR D 62 -44.37 -20.51 -0.81
C TYR D 62 -44.33 -19.04 -1.29
N ALA D 63 -44.12 -18.08 -0.37
CA ALA D 63 -43.99 -16.66 -0.70
C ALA D 63 -43.06 -16.07 0.36
N ALA D 64 -41.88 -16.71 0.54
CA ALA D 64 -40.90 -16.36 1.58
C ALA D 64 -40.53 -14.87 1.61
N HIS D 65 -40.24 -14.27 0.46
CA HIS D 65 -39.90 -12.84 0.42
C HIS D 65 -41.07 -11.95 0.92
N ASP D 66 -42.29 -12.15 0.41
CA ASP D 66 -43.49 -11.40 0.85
C ASP D 66 -43.73 -11.60 2.36
N PHE D 67 -43.55 -12.83 2.85
CA PHE D 67 -43.71 -13.17 4.27
C PHE D 67 -42.73 -12.37 5.12
N CYS D 68 -41.43 -12.42 4.76
CA CYS D 68 -40.37 -11.72 5.49
C CYS D 68 -40.54 -10.20 5.42
N ALA D 69 -40.92 -9.66 4.25
CA ALA D 69 -41.16 -8.21 4.08
C ALA D 69 -42.37 -7.73 4.92
N GLN D 70 -43.43 -8.57 5.02
CA GLN D 70 -44.59 -8.22 5.85
C GLN D 70 -44.20 -8.21 7.32
N ALA D 71 -43.36 -9.14 7.77
CA ALA D 71 -42.90 -9.21 9.16
C ALA D 71 -42.01 -8.01 9.46
N GLN D 72 -41.19 -7.56 8.47
CA GLN D 72 -40.30 -6.38 8.65
C GLN D 72 -41.16 -5.12 8.83
N LEU D 73 -42.23 -5.00 8.02
CA LEU D 73 -43.13 -3.85 8.14
C LEU D 73 -43.95 -3.90 9.46
N ALA D 74 -44.53 -5.07 9.78
CA ALA D 74 -45.36 -5.27 10.97
C ALA D 74 -44.56 -5.13 12.27
N ALA D 75 -43.24 -5.45 12.25
CA ALA D 75 -42.35 -5.33 13.42
C ALA D 75 -42.32 -3.90 14.00
N ALA D 76 -42.66 -2.87 13.19
CA ALA D 76 -42.79 -1.47 13.64
C ALA D 76 -43.94 -1.31 14.66
N GLU D 77 -44.92 -2.23 14.65
CA GLU D 77 -46.06 -2.22 15.58
C GLU D 77 -45.76 -2.95 16.92
N LEU D 78 -44.56 -3.54 17.07
CA LEU D 78 -44.22 -4.25 18.31
C LEU D 78 -44.02 -3.28 19.48
N PRO D 79 -44.11 -3.71 20.77
CA PRO D 79 -43.90 -2.76 21.89
C PRO D 79 -42.51 -2.11 21.79
N SER D 80 -42.45 -0.79 21.95
CA SER D 80 -41.22 0.02 21.84
C SER D 80 -40.05 -0.52 22.67
N ARG D 81 -40.31 -1.03 23.88
CA ARG D 81 -39.28 -1.58 24.78
C ARG D 81 -38.60 -2.80 24.14
N VAL D 82 -39.40 -3.65 23.49
CA VAL D 82 -38.95 -4.86 22.81
C VAL D 82 -38.11 -4.46 21.58
N VAL D 83 -38.65 -3.56 20.73
CA VAL D 83 -37.96 -3.05 19.52
C VAL D 83 -36.62 -2.42 19.91
N ALA D 84 -36.59 -1.56 20.96
CA ALA D 84 -35.37 -0.88 21.42
C ALA D 84 -34.27 -1.90 21.79
N ARG D 85 -34.66 -2.95 22.54
CA ARG D 85 -33.77 -4.05 22.95
C ARG D 85 -33.19 -4.84 21.74
N LEU D 86 -34.04 -5.14 20.76
CA LEU D 86 -33.62 -5.87 19.56
C LEU D 86 -32.70 -5.04 18.66
N GLN D 87 -32.98 -3.74 18.55
CA GLN D 87 -32.13 -2.83 17.74
C GLN D 87 -30.77 -2.64 18.40
N GLU D 88 -30.71 -2.56 19.75
CA GLU D 88 -29.48 -2.47 20.51
C GLU D 88 -28.68 -3.75 20.30
N PHE D 89 -29.33 -4.93 20.40
CA PHE D 89 -28.70 -6.22 20.17
C PHE D 89 -28.15 -6.30 18.71
N ALA D 90 -28.96 -5.91 17.71
CA ALA D 90 -28.58 -5.92 16.29
C ALA D 90 -27.38 -4.99 16.03
N TRP D 91 -27.31 -3.80 16.69
CA TRP D 91 -26.17 -2.86 16.51
C TRP D 91 -24.86 -3.59 16.84
N GLY D 92 -24.91 -4.41 17.87
CA GLY D 92 -23.84 -5.33 18.22
C GLY D 92 -22.88 -4.91 19.29
N ASP D 93 -22.51 -3.62 19.33
CA ASP D 93 -21.50 -3.11 20.27
C ASP D 93 -21.81 -3.52 21.69
N MET D 94 -20.88 -4.30 22.24
CA MET D 94 -20.89 -4.82 23.61
C MET D 94 -22.17 -5.64 23.94
N ASN D 95 -22.76 -6.31 22.90
CA ASN D 95 -23.85 -7.26 23.06
C ASN D 95 -23.14 -8.54 23.62
N GLU D 96 -23.86 -9.41 24.30
CA GLU D 96 -23.27 -10.57 24.99
C GLU D 96 -23.01 -11.79 24.09
N GLY D 97 -23.25 -11.63 22.80
CA GLY D 97 -23.09 -12.69 21.82
C GLY D 97 -24.40 -13.43 21.60
N HIS D 98 -25.42 -13.13 22.43
CA HIS D 98 -26.75 -13.77 22.34
C HIS D 98 -27.82 -12.99 23.07
N LEU D 99 -29.08 -13.33 22.77
CA LEU D 99 -30.25 -12.78 23.43
C LEU D 99 -31.30 -13.85 23.55
N LEU D 100 -31.65 -14.18 24.80
CA LEU D 100 -32.67 -15.16 25.12
C LEU D 100 -33.96 -14.38 25.38
N ILE D 101 -35.02 -14.73 24.64
CA ILE D 101 -36.33 -14.11 24.79
C ILE D 101 -37.29 -15.11 25.44
N LYS D 102 -37.92 -14.70 26.54
CA LYS D 102 -38.90 -15.53 27.26
C LYS D 102 -40.28 -14.90 27.18
N GLY D 103 -41.30 -15.73 27.33
CA GLY D 103 -42.71 -15.30 27.35
C GLY D 103 -43.36 -15.09 26.00
N LEU D 104 -42.85 -15.74 24.94
CA LEU D 104 -43.41 -15.64 23.58
C LEU D 104 -44.76 -16.37 23.51
N PRO D 105 -45.78 -15.92 22.72
CA PRO D 105 -47.02 -16.73 22.62
C PRO D 105 -46.69 -18.12 22.04
N GLN D 106 -47.43 -19.13 22.47
CA GLN D 106 -47.24 -20.51 22.05
C GLN D 106 -48.40 -21.02 21.20
N VAL D 107 -48.10 -21.99 20.33
CA VAL D 107 -49.02 -22.70 19.43
C VAL D 107 -49.99 -23.48 20.33
N ARG D 108 -51.30 -23.40 20.04
CA ARG D 108 -52.34 -24.10 20.80
C ARG D 108 -52.41 -25.60 20.51
N SER D 109 -52.22 -25.98 19.25
CA SER D 109 -52.34 -27.38 18.83
C SER D 109 -51.11 -27.75 18.01
N LEU D 110 -50.00 -27.97 18.70
CA LEU D 110 -48.74 -28.26 18.05
C LEU D 110 -48.78 -29.69 17.50
N PRO D 111 -48.51 -29.89 16.18
CA PRO D 111 -48.54 -31.25 15.63
C PRO D 111 -47.42 -32.11 16.23
N PRO D 112 -47.40 -33.44 16.05
CA PRO D 112 -46.31 -34.23 16.66
C PRO D 112 -44.96 -33.82 16.09
N THR D 113 -43.91 -34.01 16.90
CA THR D 113 -42.55 -33.66 16.48
C THR D 113 -42.23 -34.53 15.25
N PRO D 114 -41.85 -33.95 14.08
CA PRO D 114 -41.56 -34.78 12.91
C PRO D 114 -40.32 -35.65 13.13
N THR D 115 -40.28 -36.83 12.49
CA THR D 115 -39.19 -37.80 12.62
C THR D 115 -37.93 -37.37 11.86
N SER D 116 -38.05 -36.42 10.90
CA SER D 116 -36.96 -35.82 10.12
C SER D 116 -37.30 -34.35 9.87
N ASN D 117 -36.39 -33.57 9.21
CA ASN D 117 -36.54 -32.13 8.87
C ASN D 117 -37.09 -31.86 7.45
N VAL D 118 -37.51 -32.89 6.73
CA VAL D 118 -37.93 -32.75 5.32
C VAL D 118 -39.26 -32.02 5.11
N HIS D 119 -40.16 -32.03 6.11
CA HIS D 119 -41.51 -31.49 6.00
C HIS D 119 -41.66 -30.00 6.26
N ALA D 120 -40.70 -29.34 6.97
CA ALA D 120 -40.81 -27.92 7.33
C ALA D 120 -42.14 -27.64 8.07
N VAL D 121 -42.37 -28.40 9.15
CA VAL D 121 -43.58 -28.34 9.98
C VAL D 121 -43.68 -26.99 10.67
N ALA D 122 -42.61 -26.52 11.35
CA ALA D 122 -42.60 -25.25 12.08
C ALA D 122 -43.07 -24.06 11.23
N ALA D 123 -42.63 -24.00 9.96
CA ALA D 123 -42.95 -22.93 9.02
C ALA D 123 -44.46 -22.71 8.74
N THR D 124 -45.28 -23.76 8.90
CA THR D 124 -46.72 -23.63 8.64
C THR D 124 -47.53 -23.76 9.96
N THR D 125 -46.92 -23.36 11.09
CA THR D 125 -47.60 -23.27 12.38
C THR D 125 -47.70 -21.75 12.68
N PRO D 126 -48.63 -21.29 13.56
CA PRO D 126 -48.72 -19.84 13.86
C PRO D 126 -47.50 -19.17 14.48
N MET D 127 -46.58 -19.97 15.02
CA MET D 127 -45.39 -19.43 15.65
C MET D 127 -44.36 -18.94 14.62
N SER D 128 -44.46 -19.35 13.32
CA SER D 128 -43.55 -18.86 12.28
C SER D 128 -43.63 -17.32 12.20
N ARG D 129 -44.85 -16.77 12.42
CA ARG D 129 -45.08 -15.32 12.40
C ARG D 129 -44.42 -14.63 13.60
N TYR D 130 -44.45 -15.23 14.80
CA TYR D 130 -43.85 -14.60 16.01
C TYR D 130 -42.34 -14.54 15.89
N GLN D 131 -41.72 -15.67 15.47
CA GLN D 131 -40.27 -15.76 15.24
C GLN D 131 -39.86 -14.76 14.15
N ALA D 132 -40.63 -14.67 13.07
CA ALA D 132 -40.32 -13.74 11.95
C ALA D 132 -40.37 -12.27 12.38
N LEU D 133 -41.39 -11.88 13.22
CA LEU D 133 -41.51 -10.50 13.73
C LEU D 133 -40.27 -10.10 14.55
N ILE D 134 -39.82 -10.99 15.45
CA ILE D 134 -38.62 -10.74 16.24
C ILE D 134 -37.39 -10.70 15.32
N ASN D 135 -37.25 -11.71 14.42
CA ASN D 135 -36.12 -11.77 13.48
C ASN D 135 -35.96 -10.50 12.66
N GLU D 136 -37.08 -10.03 12.08
CA GLU D 136 -37.09 -8.90 11.15
C GLU D 136 -36.87 -7.53 11.87
N CYS D 137 -36.89 -7.50 13.22
N CYS D 137 -36.89 -7.53 13.20
CA CYS D 137 -36.51 -6.31 14.00
CA CYS D 137 -36.59 -6.36 14.02
C CYS D 137 -35.01 -6.23 13.89
C CYS D 137 -35.06 -6.26 14.22
N VAL D 138 -34.36 -7.40 14.03
CA VAL D 138 -32.92 -7.58 14.09
C VAL D 138 -32.25 -7.43 12.71
N GLY D 139 -32.77 -8.11 11.69
CA GLY D 139 -32.21 -8.05 10.34
C GLY D 139 -33.09 -8.76 9.35
N ARG D 140 -32.54 -9.07 8.18
CA ARG D 140 -33.25 -9.74 7.10
C ARG D 140 -33.12 -11.26 7.19
N MET D 141 -34.25 -11.95 7.14
CA MET D 141 -34.24 -13.42 7.13
C MET D 141 -33.70 -13.91 5.80
N ILE D 142 -32.98 -15.02 5.83
CA ILE D 142 -32.36 -15.62 4.64
C ILE D 142 -32.33 -17.13 4.83
N ALA D 143 -32.26 -17.85 3.72
CA ALA D 143 -32.16 -19.31 3.74
C ALA D 143 -31.12 -19.75 2.72
N TYR D 144 -30.69 -20.99 2.83
CA TYR D 144 -29.61 -21.55 2.01
C TYR D 144 -30.10 -22.82 1.40
N GLU D 145 -29.97 -22.94 0.07
CA GLU D 145 -30.40 -24.14 -0.65
C GLU D 145 -29.72 -25.40 -0.07
N ALA D 146 -28.43 -25.29 0.27
CA ALA D 146 -27.62 -26.38 0.81
C ALA D 146 -27.91 -26.74 2.29
N GLU D 147 -28.70 -25.92 3.00
CA GLU D 147 -29.04 -26.13 4.41
C GLU D 147 -30.56 -26.27 4.59
N GLY D 148 -31.01 -27.49 4.86
CA GLY D 148 -32.43 -27.78 5.06
C GLY D 148 -33.33 -27.40 3.90
N HIS D 149 -32.82 -27.60 2.66
CA HIS D 149 -33.49 -27.35 1.39
C HIS D 149 -34.05 -25.93 1.21
N GLY D 150 -33.35 -24.94 1.76
CA GLY D 150 -33.73 -23.53 1.68
C GLY D 150 -35.04 -23.17 2.37
N HIS D 151 -35.52 -24.00 3.32
CA HIS D 151 -36.76 -23.74 4.04
C HIS D 151 -36.61 -22.50 4.89
N THR D 152 -37.61 -21.60 4.87
CA THR D 152 -37.58 -20.33 5.61
C THR D 152 -37.33 -20.61 7.12
N PHE D 153 -37.97 -21.67 7.62
CA PHE D 153 -37.79 -22.17 8.98
C PHE D 153 -37.48 -23.63 8.84
N GLN D 154 -36.44 -24.10 9.54
N GLN D 154 -36.44 -24.10 9.54
CA GLN D 154 -36.04 -25.50 9.50
CA GLN D 154 -36.02 -25.50 9.53
C GLN D 154 -36.39 -26.17 10.83
C GLN D 154 -36.43 -26.17 10.85
N ASP D 155 -36.97 -27.40 10.77
CA ASP D 155 -37.31 -28.17 11.97
C ASP D 155 -36.04 -28.78 12.56
N MET D 156 -35.71 -28.42 13.81
CA MET D 156 -34.54 -28.98 14.48
C MET D 156 -35.11 -30.03 15.41
N VAL D 157 -35.02 -31.28 14.95
CA VAL D 157 -35.56 -32.43 15.62
C VAL D 157 -34.53 -33.59 15.68
N PRO D 158 -34.60 -34.48 16.69
CA PRO D 158 -33.67 -35.62 16.71
C PRO D 158 -33.96 -36.64 15.60
N SER D 159 -32.90 -37.18 14.99
CA SER D 159 -33.06 -38.16 13.92
C SER D 159 -32.85 -39.58 14.43
N GLU D 174 -22.44 -35.46 21.41
CA GLU D 174 -22.36 -34.03 21.72
C GLU D 174 -22.02 -33.19 20.50
N LEU D 175 -22.88 -32.20 20.20
CA LEU D 175 -22.71 -31.25 19.12
C LEU D 175 -21.67 -30.22 19.59
N GLU D 176 -20.42 -30.39 19.13
CA GLU D 176 -19.24 -29.59 19.48
C GLU D 176 -19.33 -28.10 19.07
N LEU D 177 -18.44 -27.26 19.65
CA LEU D 177 -18.42 -25.81 19.43
C LEU D 177 -18.14 -25.42 17.98
N HIS D 178 -18.96 -24.49 17.48
CA HIS D 178 -18.78 -23.95 16.13
C HIS D 178 -19.56 -22.66 15.91
N THR D 179 -19.13 -21.90 14.92
CA THR D 179 -19.91 -20.80 14.42
C THR D 179 -20.64 -21.46 13.22
N GLU D 180 -21.85 -20.99 12.90
CA GLU D 180 -22.64 -21.49 11.76
C GLU D 180 -21.94 -21.13 10.44
N GLN D 181 -21.78 -22.14 9.54
CA GLN D 181 -21.12 -22.04 8.22
C GLN D 181 -19.75 -21.34 8.28
N ALA D 182 -18.83 -21.87 9.11
CA ALA D 182 -17.48 -21.32 9.28
C ALA D 182 -16.71 -21.18 7.93
N PHE D 183 -16.99 -22.07 6.97
CA PHE D 183 -16.36 -22.14 5.65
C PHE D 183 -16.90 -21.08 4.67
N SER D 184 -18.06 -20.50 4.95
CA SER D 184 -18.76 -19.62 4.02
C SER D 184 -18.71 -18.12 4.27
N PRO D 185 -18.29 -17.31 3.26
CA PRO D 185 -18.36 -15.84 3.41
C PRO D 185 -19.82 -15.36 3.46
N LEU D 186 -20.80 -16.19 3.00
CA LEU D 186 -22.20 -15.81 3.04
C LEU D 186 -22.92 -16.32 4.29
N ARG D 187 -22.14 -16.77 5.30
CA ARG D 187 -22.65 -17.28 6.59
C ARG D 187 -23.62 -16.28 7.25
N PRO D 188 -24.59 -16.77 8.03
CA PRO D 188 -25.54 -15.83 8.67
C PRO D 188 -24.88 -14.96 9.77
N ASP D 189 -25.40 -13.75 9.95
CA ASP D 189 -24.98 -12.84 11.02
C ASP D 189 -25.60 -13.30 12.34
N PHE D 190 -26.80 -13.90 12.28
CA PHE D 190 -27.53 -14.42 13.45
C PHE D 190 -28.19 -15.73 13.17
N VAL D 191 -28.23 -16.58 14.19
CA VAL D 191 -28.96 -17.85 14.17
C VAL D 191 -30.16 -17.62 15.12
N SER D 192 -31.37 -17.95 14.65
CA SER D 192 -32.59 -17.76 15.42
C SER D 192 -33.23 -19.11 15.73
N LEU D 193 -33.42 -19.41 17.02
CA LEU D 193 -33.98 -20.69 17.46
C LEU D 193 -35.20 -20.48 18.33
N ALA D 194 -36.38 -20.89 17.87
CA ALA D 194 -37.58 -20.79 18.69
C ALA D 194 -37.96 -22.19 19.17
N CYS D 195 -38.20 -22.32 20.47
CA CYS D 195 -38.53 -23.62 21.04
C CYS D 195 -40.02 -23.94 21.01
N LEU D 196 -40.39 -25.03 20.35
CA LEU D 196 -41.77 -25.53 20.26
C LEU D 196 -41.96 -26.58 21.36
N ARG D 197 -41.02 -27.53 21.45
CA ARG D 197 -40.95 -28.56 22.49
C ARG D 197 -39.49 -28.59 22.94
N GLY D 198 -39.29 -28.62 24.25
CA GLY D 198 -37.94 -28.70 24.79
C GLY D 198 -37.66 -30.10 25.27
N ASP D 199 -36.47 -30.30 25.84
CA ASP D 199 -36.07 -31.56 26.45
C ASP D 199 -35.12 -31.18 27.58
N PRO D 200 -35.40 -31.59 28.84
CA PRO D 200 -34.52 -31.23 29.98
C PRO D 200 -33.05 -31.63 29.84
N ARG D 201 -32.75 -32.69 29.07
CA ARG D 201 -31.39 -33.18 28.84
C ARG D 201 -30.67 -32.40 27.74
N ALA D 202 -31.41 -31.66 26.91
CA ALA D 202 -30.83 -30.91 25.82
C ALA D 202 -30.45 -29.48 26.22
N LEU D 203 -29.15 -29.28 26.47
CA LEU D 203 -28.61 -27.96 26.84
C LEU D 203 -27.93 -27.32 25.64
N THR D 204 -28.20 -26.03 25.45
CA THR D 204 -27.59 -25.23 24.40
C THR D 204 -26.39 -24.55 25.09
N TYR D 205 -25.22 -24.59 24.45
CA TYR D 205 -24.02 -23.97 25.00
C TYR D 205 -23.66 -22.74 24.21
N LEU D 206 -23.25 -21.70 24.93
CA LEU D 206 -22.84 -20.42 24.33
C LEU D 206 -21.52 -19.99 24.89
N PHE D 207 -20.65 -19.47 24.02
CA PHE D 207 -19.32 -19.02 24.39
C PHE D 207 -18.94 -17.87 23.48
N SER D 208 -18.79 -16.68 24.04
CA SER D 208 -18.49 -15.50 23.26
C SER D 208 -17.00 -15.29 22.99
N ALA D 209 -16.70 -14.56 21.91
CA ALA D 209 -15.33 -14.17 21.54
C ALA D 209 -14.74 -13.31 22.68
N ARG D 210 -15.57 -12.48 23.36
CA ARG D 210 -15.12 -11.67 24.50
C ARG D 210 -14.76 -12.57 25.70
N GLN D 211 -15.52 -13.65 25.92
CA GLN D 211 -15.19 -14.62 26.98
C GLN D 211 -13.87 -15.32 26.66
N LEU D 212 -13.66 -15.69 25.38
CA LEU D 212 -12.43 -16.34 24.95
C LEU D 212 -11.20 -15.46 25.20
N VAL D 213 -11.20 -14.23 24.68
CA VAL D 213 -10.11 -13.25 24.77
C VAL D 213 -9.73 -12.97 26.25
N ALA D 214 -10.71 -12.97 27.20
CA ALA D 214 -10.46 -12.77 28.64
C ALA D 214 -9.63 -13.90 29.28
N THR D 215 -9.60 -15.10 28.65
CA THR D 215 -8.83 -16.26 29.17
C THR D 215 -7.45 -16.43 28.52
N LEU D 216 -7.20 -15.74 27.40
CA LEU D 216 -5.95 -15.90 26.64
C LEU D 216 -4.89 -14.89 26.95
N THR D 217 -3.65 -15.25 26.61
CA THR D 217 -2.52 -14.35 26.72
C THR D 217 -2.56 -13.44 25.49
N THR D 218 -1.85 -12.32 25.54
CA THR D 218 -1.74 -11.38 24.43
C THR D 218 -1.14 -12.08 23.16
N GLN D 219 -0.19 -13.01 23.36
N GLN D 219 -0.18 -13.01 23.34
CA GLN D 219 0.46 -13.78 22.30
CA GLN D 219 0.44 -13.77 22.24
C GLN D 219 -0.53 -14.71 21.58
C GLN D 219 -0.58 -14.69 21.56
N GLU D 220 -1.38 -15.42 22.35
CA GLU D 220 -2.42 -16.32 21.83
C GLU D 220 -3.45 -15.57 21.05
N ILE D 221 -3.87 -14.37 21.54
CA ILE D 221 -4.85 -13.52 20.83
C ILE D 221 -4.26 -13.08 19.46
N ALA D 222 -3.00 -12.62 19.44
CA ALA D 222 -2.31 -12.18 18.22
C ALA D 222 -2.20 -13.33 17.21
N MET D 223 -1.91 -14.56 17.68
CA MET D 223 -1.82 -15.72 16.79
C MET D 223 -3.18 -16.12 16.21
N LEU D 224 -4.25 -16.04 17.02
CA LEU D 224 -5.63 -16.34 16.57
C LEU D 224 -6.09 -15.33 15.51
N ARG D 225 -5.49 -14.12 15.50
CA ARG D 225 -5.76 -13.06 14.53
C ARG D 225 -4.97 -13.24 13.21
N GLU D 226 -4.06 -14.23 13.15
CA GLU D 226 -3.27 -14.53 11.96
C GLU D 226 -3.98 -15.54 11.06
N PRO D 227 -3.87 -15.47 9.71
CA PRO D 227 -4.57 -16.46 8.85
C PRO D 227 -3.87 -17.82 8.84
N MET D 228 -4.13 -18.63 9.88
CA MET D 228 -3.45 -19.91 10.05
C MET D 228 -4.36 -21.14 9.95
N TRP D 229 -5.65 -20.96 9.62
CA TRP D 229 -6.59 -22.08 9.59
C TRP D 229 -7.31 -22.23 8.27
N THR D 230 -7.20 -23.41 7.65
CA THR D 230 -7.94 -23.69 6.42
C THR D 230 -9.32 -24.14 6.86
N THR D 231 -10.30 -24.00 5.97
CA THR D 231 -11.66 -24.40 6.30
C THR D 231 -12.20 -25.33 5.21
N THR D 232 -13.04 -26.28 5.61
CA THR D 232 -13.60 -27.26 4.68
C THR D 232 -15.13 -27.15 4.70
N VAL D 233 -15.76 -27.28 3.51
CA VAL D 233 -17.23 -27.27 3.34
C VAL D 233 -17.83 -28.45 4.12
N ASP D 234 -18.80 -28.16 5.00
CA ASP D 234 -19.48 -29.16 5.83
C ASP D 234 -20.08 -30.28 4.97
N GLU D 235 -19.93 -31.55 5.41
CA GLU D 235 -20.42 -32.73 4.68
C GLU D 235 -21.91 -32.62 4.33
N SER D 236 -22.74 -31.99 5.20
CA SER D 236 -24.18 -31.80 4.96
C SER D 236 -24.47 -30.88 3.76
N PHE D 237 -23.50 -30.02 3.37
CA PHE D 237 -23.62 -29.12 2.22
C PHE D 237 -23.29 -29.81 0.90
N LEU D 238 -22.61 -30.97 0.96
CA LEU D 238 -22.24 -31.74 -0.23
C LEU D 238 -23.44 -32.48 -0.80
N ALA D 239 -23.43 -32.69 -2.12
CA ALA D 239 -24.47 -33.40 -2.88
C ALA D 239 -23.86 -33.85 -4.19
N GLU D 240 -24.44 -34.92 -4.79
N GLU D 240 -24.42 -34.92 -4.80
CA GLU D 240 -23.98 -35.48 -6.07
CA GLU D 240 -23.96 -35.48 -6.07
C GLU D 240 -24.07 -34.43 -7.19
C GLU D 240 -24.06 -34.43 -7.18
N GLY D 241 -22.95 -34.22 -7.87
CA GLY D 241 -22.83 -33.24 -8.95
C GLY D 241 -22.75 -31.78 -8.51
N ARG D 242 -22.66 -31.52 -7.18
CA ARG D 242 -22.60 -30.16 -6.64
C ARG D 242 -21.16 -29.69 -6.51
N THR D 243 -20.88 -28.55 -7.14
CA THR D 243 -19.59 -27.89 -7.12
C THR D 243 -19.76 -26.47 -6.55
N PHE D 244 -18.83 -26.05 -5.70
CA PHE D 244 -18.83 -24.73 -5.11
C PHE D 244 -17.84 -23.88 -5.86
N LEU D 245 -18.24 -22.64 -6.17
CA LEU D 245 -17.40 -21.65 -6.85
C LEU D 245 -16.11 -21.41 -6.07
N LEU D 246 -16.20 -21.43 -4.73
CA LEU D 246 -15.06 -21.23 -3.82
C LEU D 246 -14.33 -22.53 -3.45
N GLY D 247 -14.75 -23.65 -4.04
CA GLY D 247 -14.15 -24.97 -3.82
C GLY D 247 -14.53 -25.63 -2.51
N PHE D 248 -13.96 -26.82 -2.27
CA PHE D 248 -14.23 -27.59 -1.07
C PHE D 248 -13.43 -27.08 0.13
N GLU D 249 -12.16 -26.68 -0.10
CA GLU D 249 -11.27 -26.19 0.94
C GLU D 249 -10.97 -24.70 0.69
N ARG D 250 -11.17 -23.87 1.72
CA ARG D 250 -10.95 -22.41 1.66
C ARG D 250 -9.93 -21.92 2.72
N GLY D 251 -9.52 -20.68 2.57
CA GLY D 251 -8.57 -20.04 3.48
C GLY D 251 -7.13 -20.13 3.00
N PRO D 252 -6.13 -20.04 3.92
CA PRO D 252 -6.26 -19.91 5.38
C PRO D 252 -6.90 -18.61 5.83
N ILE D 253 -7.64 -18.69 6.94
CA ILE D 253 -8.32 -17.55 7.54
C ILE D 253 -7.94 -17.44 9.03
N PRO D 254 -8.06 -16.26 9.66
CA PRO D 254 -7.85 -16.19 11.11
C PRO D 254 -9.08 -16.72 11.86
N ILE D 255 -8.92 -17.05 13.15
CA ILE D 255 -10.04 -17.43 13.99
C ILE D 255 -10.67 -16.13 14.53
N LEU D 256 -9.81 -15.17 14.98
CA LEU D 256 -10.30 -13.90 15.51
C LEU D 256 -10.07 -12.76 14.54
N SER D 257 -10.98 -11.78 14.57
CA SER D 257 -10.84 -10.57 13.73
C SER D 257 -11.61 -9.42 14.44
N GLY D 258 -11.63 -8.25 13.82
CA GLY D 258 -12.36 -7.10 14.33
C GLY D 258 -11.65 -6.32 15.41
N ALA D 259 -12.42 -5.47 16.10
CA ALA D 259 -11.93 -4.59 17.18
C ALA D 259 -11.36 -5.44 18.31
N ASP D 260 -10.35 -4.89 19.02
CA ASP D 260 -9.72 -5.57 20.15
C ASP D 260 -10.71 -5.80 21.28
N ASP D 261 -11.57 -4.82 21.55
CA ASP D 261 -12.58 -4.86 22.64
C ASP D 261 -13.92 -5.47 22.21
N ASP D 262 -14.09 -5.77 20.91
CA ASP D 262 -15.34 -6.40 20.42
C ASP D 262 -14.98 -7.38 19.30
N PRO D 263 -14.22 -8.46 19.62
CA PRO D 263 -13.75 -9.34 18.53
C PRO D 263 -14.79 -10.23 17.89
N PHE D 264 -14.55 -10.56 16.60
CA PHE D 264 -15.38 -11.47 15.86
C PHE D 264 -14.65 -12.81 15.79
N ILE D 265 -15.41 -13.90 15.76
CA ILE D 265 -14.89 -15.25 15.75
C ILE D 265 -15.47 -16.07 14.61
N VAL D 266 -14.64 -16.94 14.04
CA VAL D 266 -15.00 -17.97 13.06
C VAL D 266 -14.31 -19.22 13.61
N PHE D 267 -15.10 -20.24 14.00
CA PHE D 267 -14.48 -21.44 14.57
C PHE D 267 -15.26 -22.68 14.28
N ASP D 268 -14.56 -23.76 13.98
CA ASP D 268 -15.17 -25.08 13.80
C ASP D 268 -14.14 -26.15 14.09
N GLN D 269 -14.35 -26.89 15.18
CA GLN D 269 -13.52 -28.01 15.66
C GLN D 269 -13.11 -28.96 14.53
N ASP D 270 -14.10 -29.42 13.73
CA ASP D 270 -14.03 -30.44 12.70
C ASP D 270 -13.72 -29.95 11.29
N LEU D 271 -14.08 -28.70 10.96
CA LEU D 271 -13.88 -28.17 9.62
C LEU D 271 -12.65 -27.28 9.48
N MET D 272 -11.94 -26.99 10.60
CA MET D 272 -10.75 -26.11 10.57
C MET D 272 -9.49 -26.86 10.87
N ARG D 273 -8.46 -26.61 10.05
CA ARG D 273 -7.15 -27.25 10.24
C ARG D 273 -6.06 -26.21 10.26
N GLY D 274 -5.28 -26.23 11.33
CA GLY D 274 -4.13 -25.36 11.50
C GLY D 274 -3.08 -25.70 10.47
N ILE D 275 -2.49 -24.67 9.82
CA ILE D 275 -1.46 -24.82 8.80
C ILE D 275 -0.12 -25.27 9.40
N SER D 276 0.06 -25.14 10.72
CA SER D 276 1.26 -25.53 11.45
C SER D 276 0.90 -26.13 12.80
N ALA D 277 1.88 -26.78 13.48
CA ALA D 277 1.70 -27.38 14.81
C ALA D 277 1.24 -26.32 15.84
N PRO D 278 1.84 -25.09 15.93
CA PRO D 278 1.31 -24.08 16.87
C PRO D 278 -0.14 -23.70 16.62
N ALA D 279 -0.57 -23.58 15.33
CA ALA D 279 -1.94 -23.24 14.98
C ALA D 279 -2.90 -24.37 15.43
N GLN D 280 -2.47 -25.64 15.29
CA GLN D 280 -3.22 -26.82 15.73
C GLN D 280 -3.37 -26.81 17.25
N GLU D 281 -2.29 -26.47 18.00
CA GLU D 281 -2.33 -26.39 19.46
C GLU D 281 -3.25 -25.27 19.95
N LEU D 282 -3.27 -24.12 19.23
CA LEU D 282 -4.14 -22.98 19.57
C LEU D 282 -5.62 -23.35 19.43
N GLN D 283 -5.97 -24.24 18.49
CA GLN D 283 -7.35 -24.70 18.34
C GLN D 283 -7.77 -25.44 19.62
N GLN D 284 -6.85 -26.27 20.18
CA GLN D 284 -7.05 -27.02 21.41
C GLN D 284 -7.23 -26.08 22.61
N THR D 285 -6.49 -24.96 22.60
CA THR D 285 -6.59 -23.92 23.63
C THR D 285 -7.99 -23.29 23.64
N VAL D 286 -8.55 -22.99 22.45
CA VAL D 286 -9.91 -22.44 22.28
C VAL D 286 -10.93 -23.45 22.83
N ILE D 287 -10.77 -24.74 22.49
CA ILE D 287 -11.68 -25.81 22.94
C ILE D 287 -11.67 -25.91 24.49
N ARG D 288 -10.48 -25.89 25.11
CA ARG D 288 -10.36 -25.95 26.57
C ARG D 288 -11.02 -24.73 27.24
N ALA D 289 -10.84 -23.54 26.66
CA ALA D 289 -11.45 -22.29 27.16
C ALA D 289 -12.99 -22.40 27.08
N TYR D 290 -13.50 -22.98 25.99
CA TYR D 290 -14.92 -23.20 25.77
C TYR D 290 -15.48 -24.12 26.89
N TYR D 291 -14.84 -25.27 27.15
CA TYR D 291 -15.29 -26.20 28.19
C TYR D 291 -15.27 -25.59 29.60
N ALA D 292 -14.31 -24.70 29.86
CA ALA D 292 -14.16 -24.04 31.14
C ALA D 292 -15.14 -22.87 31.37
N GLU D 293 -15.44 -22.09 30.32
CA GLU D 293 -16.21 -20.86 30.45
C GLU D 293 -17.60 -20.83 29.81
N ARG D 294 -17.96 -21.82 28.96
CA ARG D 294 -19.27 -21.82 28.30
C ARG D 294 -20.45 -21.67 29.25
N VAL D 295 -21.48 -20.96 28.79
CA VAL D 295 -22.73 -20.83 29.54
C VAL D 295 -23.71 -21.81 28.91
N SER D 296 -24.66 -22.30 29.69
CA SER D 296 -25.65 -23.25 29.23
C SER D 296 -27.07 -22.75 29.48
N HIS D 297 -28.00 -23.22 28.66
CA HIS D 297 -29.42 -22.97 28.83
C HIS D 297 -30.20 -24.10 28.20
N CYS D 298 -31.23 -24.58 28.91
CA CYS D 298 -32.11 -25.59 28.38
C CYS D 298 -33.31 -24.88 27.81
N LEU D 299 -33.41 -24.84 26.46
CA LEU D 299 -34.53 -24.17 25.79
C LEU D 299 -35.87 -24.85 26.15
N ALA D 300 -36.86 -24.02 26.51
CA ALA D 300 -38.20 -24.45 26.93
C ALA D 300 -39.26 -23.81 26.03
N PRO D 301 -40.47 -24.40 25.89
CA PRO D 301 -41.51 -23.79 25.02
C PRO D 301 -41.80 -22.33 25.37
N GLY D 302 -41.97 -21.52 24.34
CA GLY D 302 -42.20 -20.08 24.49
C GLY D 302 -40.90 -19.29 24.55
N GLU D 303 -39.75 -19.96 24.42
CA GLU D 303 -38.48 -19.26 24.40
C GLU D 303 -37.92 -19.20 23.01
N MET D 304 -37.15 -18.15 22.76
CA MET D 304 -36.48 -17.91 21.50
C MET D 304 -35.07 -17.47 21.82
N LEU D 305 -34.10 -18.06 21.14
CA LEU D 305 -32.70 -17.69 21.33
C LEU D 305 -32.12 -17.12 20.05
N LEU D 306 -31.58 -15.90 20.13
CA LEU D 306 -30.87 -15.25 19.04
C LEU D 306 -29.40 -15.37 19.34
N ILE D 307 -28.62 -15.95 18.44
CA ILE D 307 -27.18 -16.11 18.61
C ILE D 307 -26.49 -15.17 17.63
N ASP D 308 -25.57 -14.32 18.11
CA ASP D 308 -24.80 -13.45 17.23
C ASP D 308 -23.68 -14.34 16.68
N ASN D 309 -23.83 -14.74 15.40
CA ASN D 309 -22.92 -15.68 14.74
C ASN D 309 -21.51 -15.10 14.45
N ARG D 310 -21.28 -13.80 14.70
CA ARG D 310 -19.96 -13.18 14.56
C ARG D 310 -19.29 -13.06 15.92
N ARG D 311 -20.09 -12.98 17.00
CA ARG D 311 -19.57 -12.75 18.33
C ARG D 311 -19.56 -13.96 19.28
N ALA D 312 -20.15 -15.08 18.88
CA ALA D 312 -20.21 -16.26 19.74
C ALA D 312 -20.23 -17.56 18.98
N VAL D 313 -19.78 -18.63 19.63
CA VAL D 313 -19.80 -20.00 19.13
C VAL D 313 -20.87 -20.76 19.93
N HIS D 314 -21.49 -21.73 19.32
CA HIS D 314 -22.52 -22.49 20.03
C HIS D 314 -22.31 -23.99 19.91
N GLY D 315 -22.91 -24.69 20.86
CA GLY D 315 -22.89 -26.14 20.93
C GLY D 315 -24.20 -26.64 21.52
N ARG D 316 -24.33 -27.96 21.59
CA ARG D 316 -25.50 -28.63 22.16
C ARG D 316 -25.08 -29.94 22.78
N SER D 317 -25.66 -30.26 23.95
CA SER D 317 -25.40 -31.48 24.70
C SER D 317 -25.96 -32.75 24.04
N ILE D 318 -25.60 -33.91 24.62
CA ILE D 318 -26.06 -35.26 24.27
C ILE D 318 -27.45 -35.37 24.91
N PHE D 319 -28.40 -36.00 24.19
CA PHE D 319 -29.74 -36.31 24.70
C PHE D 319 -30.34 -37.48 23.95
N ALA D 320 -31.07 -38.33 24.66
CA ALA D 320 -31.69 -39.53 24.09
C ALA D 320 -33.15 -39.33 23.68
N PRO D 321 -33.47 -39.27 22.35
CA PRO D 321 -34.87 -39.14 21.92
C PRO D 321 -35.72 -40.37 22.22
N ARG D 322 -37.01 -40.15 22.49
CA ARG D 322 -37.98 -41.19 22.82
C ARG D 322 -38.76 -41.69 21.59
N PHE D 323 -38.77 -40.90 20.47
CA PHE D 323 -39.52 -41.16 19.23
C PHE D 323 -41.00 -41.50 19.56
N ASP D 324 -41.64 -40.59 20.32
CA ASP D 324 -43.04 -40.73 20.78
C ASP D 324 -43.95 -39.58 20.27
N GLY D 325 -43.43 -38.76 19.33
CA GLY D 325 -44.11 -37.59 18.78
C GLY D 325 -43.98 -36.35 19.66
N ALA D 326 -43.34 -36.47 20.83
CA ALA D 326 -43.17 -35.39 21.82
C ALA D 326 -41.71 -34.95 22.04
N ASP D 327 -40.82 -35.34 21.13
CA ASP D 327 -39.42 -34.96 21.24
C ASP D 327 -39.16 -33.49 21.05
N ARG D 328 -37.99 -33.06 21.51
CA ARG D 328 -37.52 -31.69 21.37
C ARG D 328 -37.71 -31.25 19.92
N PHE D 329 -38.25 -30.03 19.75
CA PHE D 329 -38.59 -29.49 18.44
C PHE D 329 -38.32 -28.00 18.46
N LEU D 330 -37.33 -27.55 17.68
CA LEU D 330 -37.02 -26.13 17.54
C LEU D 330 -37.28 -25.72 16.12
N SER D 331 -37.56 -24.44 15.92
CA SER D 331 -37.73 -23.83 14.61
C SER D 331 -36.49 -22.95 14.41
N ARG D 332 -35.66 -23.30 13.42
CA ARG D 332 -34.43 -22.55 13.15
C ARG D 332 -34.56 -21.68 11.92
N SER D 333 -34.06 -20.47 12.02
CA SER D 333 -34.00 -19.56 10.88
C SER D 333 -32.72 -18.73 10.97
N PHE D 334 -32.36 -18.09 9.85
CA PHE D 334 -31.12 -17.33 9.76
C PHE D 334 -31.39 -15.88 9.44
N ILE D 335 -30.51 -15.01 9.91
CA ILE D 335 -30.65 -13.57 9.73
C ILE D 335 -29.31 -12.99 9.21
N VAL D 336 -29.41 -12.07 8.27
CA VAL D 336 -28.26 -11.30 7.76
C VAL D 336 -28.60 -9.79 7.90
N ALA D 337 -27.61 -8.96 8.16
CA ALA D 337 -27.85 -7.52 8.30
C ALA D 337 -28.14 -6.92 6.94
N ASP D 338 -27.45 -7.44 5.91
CA ASP D 338 -27.45 -6.96 4.54
C ASP D 338 -27.78 -8.04 3.51
N GLY D 339 -28.98 -7.93 2.92
CA GLY D 339 -29.43 -8.78 1.81
C GLY D 339 -28.66 -8.57 0.50
N SER D 340 -28.05 -7.37 0.28
CA SER D 340 -27.28 -7.09 -0.95
C SER D 340 -26.01 -7.93 -1.04
N ARG D 341 -25.45 -8.35 0.11
CA ARG D 341 -24.23 -9.18 0.14
C ARG D 341 -24.45 -10.54 -0.53
N SER D 342 -25.69 -11.05 -0.52
CA SER D 342 -26.00 -12.33 -1.14
C SER D 342 -26.77 -12.19 -2.43
N ARG D 343 -27.02 -10.96 -2.92
CA ARG D 343 -27.82 -10.78 -4.14
C ARG D 343 -27.30 -11.58 -5.34
N HIS D 344 -25.96 -11.66 -5.50
CA HIS D 344 -25.31 -12.41 -6.59
C HIS D 344 -25.68 -13.92 -6.55
N ALA D 345 -26.06 -14.42 -5.36
CA ALA D 345 -26.37 -15.82 -5.05
C ALA D 345 -27.87 -16.14 -4.99
N ARG D 346 -28.72 -15.12 -5.14
CA ARG D 346 -30.18 -15.27 -5.02
C ARG D 346 -30.88 -14.90 -6.33
N SER D 347 -32.18 -15.16 -6.40
CA SER D 347 -32.96 -14.70 -7.55
C SER D 347 -33.63 -13.39 -7.08
N SER D 348 -34.12 -12.58 -8.02
CA SER D 348 -34.80 -11.33 -7.70
C SER D 348 -36.02 -11.63 -6.78
N PHE D 349 -36.13 -10.93 -5.64
CA PHE D 349 -37.19 -11.14 -4.64
C PHE D 349 -37.17 -12.57 -4.09
N GLY D 350 -35.98 -13.15 -4.03
CA GLY D 350 -35.75 -14.48 -3.51
C GLY D 350 -35.01 -14.40 -2.20
N ARG D 351 -35.29 -15.34 -1.29
CA ARG D 351 -34.64 -15.36 0.02
C ARG D 351 -33.64 -16.50 0.16
N VAL D 352 -33.41 -17.27 -0.91
CA VAL D 352 -32.58 -18.48 -0.86
C VAL D 352 -31.25 -18.30 -1.59
N VAL D 353 -30.13 -18.53 -0.87
CA VAL D 353 -28.81 -18.48 -1.53
C VAL D 353 -28.56 -19.87 -2.19
N SER D 354 -28.30 -19.87 -3.50
CA SER D 354 -28.04 -21.12 -4.26
C SER D 354 -26.80 -21.80 -3.73
N ALA D 355 -26.82 -23.14 -3.71
CA ALA D 355 -25.76 -23.99 -3.17
C ALA D 355 -24.35 -23.63 -3.61
N ARG D 356 -24.10 -23.49 -4.93
CA ARG D 356 -22.77 -23.22 -5.48
C ARG D 356 -22.07 -21.96 -4.95
N PHE D 357 -22.84 -21.01 -4.38
CA PHE D 357 -22.28 -19.77 -3.84
C PHE D 357 -21.93 -19.90 -2.36
N SER D 358 -22.32 -20.98 -1.68
CA SER D 358 -21.97 -21.17 -0.26
C SER D 358 -20.45 -21.45 -0.13
FE FE2 E . 17.99 -9.09 7.32
C1 AKG F . 17.06 -6.84 8.94
O1 AKG F . 17.13 -7.14 7.67
O2 AKG F . 17.06 -5.68 9.33
C2 AKG F . 16.99 -8.07 9.85
O5 AKG F . 17.25 -9.17 9.38
C3 AKG F . 16.55 -7.93 11.29
C4 AKG F . 17.64 -7.36 12.19
C5 AKG F . 17.24 -7.18 13.63
O3 AKG F . 15.99 -7.45 13.91
O4 AKG F . 18.04 -6.82 14.47
FE FE2 G . 35.79 10.67 -24.84
C1 AKG H . 36.10 13.43 -23.34
O1 AKG H . 36.34 12.16 -23.29
O2 AKG H . 35.76 14.07 -22.35
C2 AKG H . 36.27 14.00 -24.75
O5 AKG H . 36.03 13.26 -25.72
C3 AKG H . 36.71 15.42 -24.94
C4 AKG H . 35.71 16.25 -25.75
C5 AKG H . 36.15 17.65 -26.00
O3 AKG H . 35.14 18.47 -26.20
O4 AKG H . 37.32 18.00 -26.07
FE FE2 I . -20.61 12.04 -4.45
C1 AKG J . -22.83 13.72 -3.17
O1 AKG J . -23.87 13.89 -2.55
O2 AKG J . -21.95 12.83 -2.82
C2 AKG J . -22.44 14.51 -4.43
O5 AKG J . -21.54 14.08 -5.13
C3 AKG J . -23.14 15.80 -4.77
C4 AKG J . -24.52 15.60 -5.38
C5 AKG J . -25.27 16.86 -5.69
O3 AKG J . -26.37 16.85 -6.23
O4 AKG J . -24.67 17.98 -5.33
FE FE2 K . -25.09 -24.73 14.55
C1 AKG L . -28.11 -24.83 15.53
O1 AKG L . -29.32 -24.87 15.32
O2 AKG L . -27.33 -23.94 14.99
C2 AKG L . -27.39 -25.81 16.46
O5 AKG L . -26.18 -25.97 16.36
C3 AKG L . -28.19 -26.56 17.50
C4 AKG L . -28.59 -25.69 18.67
C5 AKG L . -29.48 -26.38 19.67
O3 AKG L . -30.28 -27.23 19.37
O4 AKG L . -29.31 -25.96 20.88
#